data_5D48
# 
_entry.id   5D48 
# 
_audit_conform.dict_name       mmcif_pdbx.dic 
_audit_conform.dict_version    5.398 
_audit_conform.dict_location   http://mmcif.pdb.org/dictionaries/ascii/mmcif_pdbx.dic 
# 
loop_
_database_2.database_id 
_database_2.database_code 
_database_2.pdbx_database_accession 
_database_2.pdbx_DOI 
PDB   5D48         pdb_00005d48 10.2210/pdb5d48/pdb 
WWPDB D_1000212650 ?            ?                   
# 
loop_
_pdbx_audit_revision_history.ordinal 
_pdbx_audit_revision_history.data_content_type 
_pdbx_audit_revision_history.major_revision 
_pdbx_audit_revision_history.minor_revision 
_pdbx_audit_revision_history.revision_date 
1 'Structure model' 1 0 2016-06-22 
2 'Structure model' 1 1 2020-02-19 
3 'Structure model' 1 2 2023-11-08 
4 'Structure model' 1 3 2024-11-13 
# 
_pdbx_audit_revision_details.ordinal             1 
_pdbx_audit_revision_details.revision_ordinal    1 
_pdbx_audit_revision_details.data_content_type   'Structure model' 
_pdbx_audit_revision_details.provider            repository 
_pdbx_audit_revision_details.type                'Initial release' 
_pdbx_audit_revision_details.description         ? 
_pdbx_audit_revision_details.details             ? 
# 
loop_
_pdbx_audit_revision_group.ordinal 
_pdbx_audit_revision_group.revision_ordinal 
_pdbx_audit_revision_group.data_content_type 
_pdbx_audit_revision_group.group 
1 2 'Structure model' 'Data collection'        
2 2 'Structure model' 'Derived calculations'   
3 3 'Structure model' 'Data collection'        
4 3 'Structure model' 'Database references'    
5 3 'Structure model' 'Refinement description' 
6 4 'Structure model' 'Structure summary'      
# 
loop_
_pdbx_audit_revision_category.ordinal 
_pdbx_audit_revision_category.revision_ordinal 
_pdbx_audit_revision_category.data_content_type 
_pdbx_audit_revision_category.category 
1 2 'Structure model' diffrn_source                 
2 2 'Structure model' pdbx_struct_oper_list         
3 3 'Structure model' chem_comp_atom                
4 3 'Structure model' chem_comp_bond                
5 3 'Structure model' database_2                    
6 3 'Structure model' pdbx_initial_refinement_model 
7 4 'Structure model' pdbx_entry_details            
8 4 'Structure model' pdbx_modification_feature     
# 
loop_
_pdbx_audit_revision_item.ordinal 
_pdbx_audit_revision_item.revision_ordinal 
_pdbx_audit_revision_item.data_content_type 
_pdbx_audit_revision_item.item 
1 2 'Structure model' '_diffrn_source.pdbx_synchrotron_site'      
2 2 'Structure model' '_pdbx_struct_oper_list.symmetry_operation' 
3 3 'Structure model' '_database_2.pdbx_DOI'                      
4 3 'Structure model' '_database_2.pdbx_database_accession'       
# 
_pdbx_database_status.status_code                     REL 
_pdbx_database_status.status_code_sf                  REL 
_pdbx_database_status.status_code_mr                  ? 
_pdbx_database_status.entry_id                        5D48 
_pdbx_database_status.recvd_initial_deposition_date   2015-08-07 
_pdbx_database_status.SG_entry                        N 
_pdbx_database_status.deposit_site                    RCSB 
_pdbx_database_status.process_site                    PDBJ 
_pdbx_database_status.status_code_cs                  ? 
_pdbx_database_status.methods_development_category    ? 
_pdbx_database_status.pdb_format_compatible           Y 
_pdbx_database_status.status_code_nmr_data            ? 
# 
loop_
_pdbx_database_related.content_type 
_pdbx_database_related.db_id 
_pdbx_database_related.db_name 
_pdbx_database_related.details 
unspecified 5D45 PDB . 
unspecified 5D47 PDB . 
unspecified 5D4A PDB . 
# 
loop_
_audit_author.name 
_audit_author.pdbx_ordinal 
'Tagami, U.'    1  
'Takahashi, K.' 2  
'Igarashi, S.'  3  
'Ejima, C.'     4  
'Yoshida, T.'   5  
'Takeshita, S.' 6  
'Miyanaga, W.'  7  
'Sugiki, M.'    8  
'Tokumasu, M.'  9  
'Hatanaka, T.'  10 
'Kashiwagi, T.' 11 
'Ishikawa, K.'  12 
'Miyano, H.'    13 
'Mizukoshi, T.' 14 
# 
_citation.abstract                  ? 
_citation.abstract_id_CAS           ? 
_citation.book_id_ISBN              ? 
_citation.book_publisher            ? 
_citation.book_publisher_city       ? 
_citation.book_title                ? 
_citation.coordinate_linkage        ? 
_citation.country                   US 
_citation.database_id_Medline       ? 
_citation.details                   ? 
_citation.id                        primary 
_citation.journal_abbrev            'Acs Med.Chem.Lett.' 
_citation.journal_id_ASTM           ? 
_citation.journal_id_CSD            ? 
_citation.journal_id_ISSN           1948-5875 
_citation.journal_full              ? 
_citation.journal_issue             ? 
_citation.journal_volume            7 
_citation.language                  ? 
_citation.page_first                435 
_citation.page_last                 439 
_citation.title                     
'Interaction Analysis of FABP4 Inhibitors by X-ray Crystallography and Fragment Molecular Orbital Analysis' 
_citation.year                      2016 
_citation.database_id_CSD           ? 
_citation.pdbx_database_id_DOI      10.1021/acsmedchemlett.6b00040 
_citation.pdbx_database_id_PubMed   27096055 
_citation.unpublished_flag          ? 
# 
loop_
_citation_author.citation_id 
_citation_author.name 
_citation_author.ordinal 
_citation_author.identifier_ORCID 
primary 'Tagami, U.'    1  ? 
primary 'Takahashi, K.' 2  ? 
primary 'Igarashi, S.'  3  ? 
primary 'Ejima, C.'     4  ? 
primary 'Yoshida, T.'   5  ? 
primary 'Takeshita, S.' 6  ? 
primary 'Miyanaga, W.'  7  ? 
primary 'Sugiki, M.'    8  ? 
primary 'Tokumasu, M.'  9  ? 
primary 'Hatanaka, T.'  10 ? 
primary 'Kashiwagi, T.' 11 ? 
primary 'Ishikawa, K.'  12 ? 
primary 'Miyano, H.'    13 ? 
primary 'Mizukoshi, T.' 14 ? 
# 
loop_
_entity.id 
_entity.type 
_entity.src_method 
_entity.pdbx_description 
_entity.formula_weight 
_entity.pdbx_number_of_molecules 
_entity.pdbx_ec 
_entity.pdbx_mutation 
_entity.pdbx_fragment 
_entity.details 
1 polymer     man 'Fatty acid-binding protein, adipocyte'                                                                       
16911.268 1  ? ? ? ? 
2 non-polymer syn '3-{5-cyclopropyl-3-(3,5-dimethyl-1H-pyrazol-4-yl)-2-[3-(propan-2-yloxy)phenyl]-1H-indol-1-yl}propanoic acid' 
457.564   1  ? ? ? ? 
3 non-polymer syn 'PHOSPHATE ION'                                                                                               
94.971    2  ? ? ? ? 
4 water       nat water                                                                                                         
18.015    86 ? ? ? ? 
# 
_entity_name_com.entity_id   1 
_entity_name_com.name        
'Adipocyte lipid-binding protein,ALBP,Adipocyte-type fatty acid-binding protein,AFABP,Fatty acid-binding protein 4' 
# 
_entity_poly.entity_id                      1 
_entity_poly.type                           'polypeptide(L)' 
_entity_poly.nstd_linkage                   no 
_entity_poly.nstd_monomer                   no 
_entity_poly.pdbx_seq_one_letter_code       
;MGSSHHHHHHSSGLVPRGSHMCDAFVGTWKLVSSENFDDYMKEVGVGFATRKVAGMAKPNMIISVNGDVITIKSESTFKN
TEISFILGQEFDEVTADDRKVKSTITLDGGVLVHVQKWDGKSTTIKRKREDDKLVVECVMKGVTSTRVYERA
;
_entity_poly.pdbx_seq_one_letter_code_can   
;MGSSHHHHHHSSGLVPRGSHMCDAFVGTWKLVSSENFDDYMKEVGVGFATRKVAGMAKPNMIISVNGDVITIKSESTFKN
TEISFILGQEFDEVTADDRKVKSTITLDGGVLVHVQKWDGKSTTIKRKREDDKLVVECVMKGVTSTRVYERA
;
_entity_poly.pdbx_strand_id                 A 
_entity_poly.pdbx_target_identifier         ? 
# 
loop_
_pdbx_entity_nonpoly.entity_id 
_pdbx_entity_nonpoly.name 
_pdbx_entity_nonpoly.comp_id 
2 '3-{5-cyclopropyl-3-(3,5-dimethyl-1H-pyrazol-4-yl)-2-[3-(propan-2-yloxy)phenyl]-1H-indol-1-yl}propanoic acid' L96 
3 'PHOSPHATE ION'                                                                                               PO4 
4 water                                                                                                         HOH 
# 
loop_
_entity_poly_seq.entity_id 
_entity_poly_seq.num 
_entity_poly_seq.mon_id 
_entity_poly_seq.hetero 
1 1   MET n 
1 2   GLY n 
1 3   SER n 
1 4   SER n 
1 5   HIS n 
1 6   HIS n 
1 7   HIS n 
1 8   HIS n 
1 9   HIS n 
1 10  HIS n 
1 11  SER n 
1 12  SER n 
1 13  GLY n 
1 14  LEU n 
1 15  VAL n 
1 16  PRO n 
1 17  ARG n 
1 18  GLY n 
1 19  SER n 
1 20  HIS n 
1 21  MET n 
1 22  CYS n 
1 23  ASP n 
1 24  ALA n 
1 25  PHE n 
1 26  VAL n 
1 27  GLY n 
1 28  THR n 
1 29  TRP n 
1 30  LYS n 
1 31  LEU n 
1 32  VAL n 
1 33  SER n 
1 34  SER n 
1 35  GLU n 
1 36  ASN n 
1 37  PHE n 
1 38  ASP n 
1 39  ASP n 
1 40  TYR n 
1 41  MET n 
1 42  LYS n 
1 43  GLU n 
1 44  VAL n 
1 45  GLY n 
1 46  VAL n 
1 47  GLY n 
1 48  PHE n 
1 49  ALA n 
1 50  THR n 
1 51  ARG n 
1 52  LYS n 
1 53  VAL n 
1 54  ALA n 
1 55  GLY n 
1 56  MET n 
1 57  ALA n 
1 58  LYS n 
1 59  PRO n 
1 60  ASN n 
1 61  MET n 
1 62  ILE n 
1 63  ILE n 
1 64  SER n 
1 65  VAL n 
1 66  ASN n 
1 67  GLY n 
1 68  ASP n 
1 69  VAL n 
1 70  ILE n 
1 71  THR n 
1 72  ILE n 
1 73  LYS n 
1 74  SER n 
1 75  GLU n 
1 76  SER n 
1 77  THR n 
1 78  PHE n 
1 79  LYS n 
1 80  ASN n 
1 81  THR n 
1 82  GLU n 
1 83  ILE n 
1 84  SER n 
1 85  PHE n 
1 86  ILE n 
1 87  LEU n 
1 88  GLY n 
1 89  GLN n 
1 90  GLU n 
1 91  PHE n 
1 92  ASP n 
1 93  GLU n 
1 94  VAL n 
1 95  THR n 
1 96  ALA n 
1 97  ASP n 
1 98  ASP n 
1 99  ARG n 
1 100 LYS n 
1 101 VAL n 
1 102 LYS n 
1 103 SER n 
1 104 THR n 
1 105 ILE n 
1 106 THR n 
1 107 LEU n 
1 108 ASP n 
1 109 GLY n 
1 110 GLY n 
1 111 VAL n 
1 112 LEU n 
1 113 VAL n 
1 114 HIS n 
1 115 VAL n 
1 116 GLN n 
1 117 LYS n 
1 118 TRP n 
1 119 ASP n 
1 120 GLY n 
1 121 LYS n 
1 122 SER n 
1 123 THR n 
1 124 THR n 
1 125 ILE n 
1 126 LYS n 
1 127 ARG n 
1 128 LYS n 
1 129 ARG n 
1 130 GLU n 
1 131 ASP n 
1 132 ASP n 
1 133 LYS n 
1 134 LEU n 
1 135 VAL n 
1 136 VAL n 
1 137 GLU n 
1 138 CYS n 
1 139 VAL n 
1 140 MET n 
1 141 LYS n 
1 142 GLY n 
1 143 VAL n 
1 144 THR n 
1 145 SER n 
1 146 THR n 
1 147 ARG n 
1 148 VAL n 
1 149 TYR n 
1 150 GLU n 
1 151 ARG n 
1 152 ALA n 
# 
_entity_src_gen.entity_id                          1 
_entity_src_gen.pdbx_src_id                        1 
_entity_src_gen.pdbx_alt_source_flag               sample 
_entity_src_gen.pdbx_seq_type                      'Biological sequence' 
_entity_src_gen.pdbx_beg_seq_num                   1 
_entity_src_gen.pdbx_end_seq_num                   152 
_entity_src_gen.gene_src_common_name               Human 
_entity_src_gen.gene_src_genus                     ? 
_entity_src_gen.pdbx_gene_src_gene                 FABP4 
_entity_src_gen.gene_src_species                   ? 
_entity_src_gen.gene_src_strain                    ? 
_entity_src_gen.gene_src_tissue                    ? 
_entity_src_gen.gene_src_tissue_fraction           ? 
_entity_src_gen.gene_src_details                   ? 
_entity_src_gen.pdbx_gene_src_fragment             ? 
_entity_src_gen.pdbx_gene_src_scientific_name      'Homo sapiens' 
_entity_src_gen.pdbx_gene_src_ncbi_taxonomy_id     9606 
_entity_src_gen.pdbx_gene_src_variant              ? 
_entity_src_gen.pdbx_gene_src_cell_line            ? 
_entity_src_gen.pdbx_gene_src_atcc                 ? 
_entity_src_gen.pdbx_gene_src_organ                ? 
_entity_src_gen.pdbx_gene_src_organelle            ? 
_entity_src_gen.pdbx_gene_src_cell                 ? 
_entity_src_gen.pdbx_gene_src_cellular_location    ? 
_entity_src_gen.host_org_common_name               ? 
_entity_src_gen.pdbx_host_org_scientific_name      'Escherichia coli' 
_entity_src_gen.pdbx_host_org_ncbi_taxonomy_id     562 
_entity_src_gen.host_org_genus                     ? 
_entity_src_gen.pdbx_host_org_gene                 ? 
_entity_src_gen.pdbx_host_org_organ                ? 
_entity_src_gen.host_org_species                   ? 
_entity_src_gen.pdbx_host_org_tissue               ? 
_entity_src_gen.pdbx_host_org_tissue_fraction      ? 
_entity_src_gen.pdbx_host_org_strain               ? 
_entity_src_gen.pdbx_host_org_variant              ? 
_entity_src_gen.pdbx_host_org_cell_line            ? 
_entity_src_gen.pdbx_host_org_atcc                 ? 
_entity_src_gen.pdbx_host_org_culture_collection   ? 
_entity_src_gen.pdbx_host_org_cell                 ? 
_entity_src_gen.pdbx_host_org_organelle            ? 
_entity_src_gen.pdbx_host_org_cellular_location    ? 
_entity_src_gen.pdbx_host_org_vector_type          ? 
_entity_src_gen.pdbx_host_org_vector               ? 
_entity_src_gen.host_org_details                   ? 
_entity_src_gen.expression_system_id               ? 
_entity_src_gen.plasmid_name                       ? 
_entity_src_gen.plasmid_details                    ? 
_entity_src_gen.pdbx_description                   ? 
# 
loop_
_chem_comp.id 
_chem_comp.type 
_chem_comp.mon_nstd_flag 
_chem_comp.name 
_chem_comp.pdbx_synonyms 
_chem_comp.formula 
_chem_comp.formula_weight 
ALA 'L-peptide linking' y ALANINE ? 'C3 H7 N O2'     89.093  
ARG 'L-peptide linking' y ARGININE ? 'C6 H15 N4 O2 1' 175.209 
ASN 'L-peptide linking' y ASPARAGINE ? 'C4 H8 N2 O3'    132.118 
ASP 'L-peptide linking' y 'ASPARTIC ACID' ? 'C4 H7 N O4'     133.103 
CYS 'L-peptide linking' y CYSTEINE ? 'C3 H7 N O2 S'   121.158 
GLN 'L-peptide linking' y GLUTAMINE ? 'C5 H10 N2 O3'   146.144 
GLU 'L-peptide linking' y 'GLUTAMIC ACID' ? 'C5 H9 N O4'     147.129 
GLY 'peptide linking'   y GLYCINE ? 'C2 H5 N O2'     75.067  
HIS 'L-peptide linking' y HISTIDINE ? 'C6 H10 N3 O2 1' 156.162 
HOH non-polymer         . WATER ? 'H2 O'           18.015  
ILE 'L-peptide linking' y ISOLEUCINE ? 'C6 H13 N O2'    131.173 
L96 non-polymer         . 
'3-{5-cyclopropyl-3-(3,5-dimethyl-1H-pyrazol-4-yl)-2-[3-(propan-2-yloxy)phenyl]-1H-indol-1-yl}propanoic acid' ? 'C28 H31 N3 O3'  
457.564 
LEU 'L-peptide linking' y LEUCINE ? 'C6 H13 N O2'    131.173 
LYS 'L-peptide linking' y LYSINE ? 'C6 H15 N2 O2 1' 147.195 
MET 'L-peptide linking' y METHIONINE ? 'C5 H11 N O2 S'  149.211 
PHE 'L-peptide linking' y PHENYLALANINE ? 'C9 H11 N O2'    165.189 
PO4 non-polymer         . 'PHOSPHATE ION' ? 'O4 P -3'        94.971  
PRO 'L-peptide linking' y PROLINE ? 'C5 H9 N O2'     115.130 
SER 'L-peptide linking' y SERINE ? 'C3 H7 N O3'     105.093 
THR 'L-peptide linking' y THREONINE ? 'C4 H9 N O3'     119.119 
TRP 'L-peptide linking' y TRYPTOPHAN ? 'C11 H12 N2 O2'  204.225 
TYR 'L-peptide linking' y TYROSINE ? 'C9 H11 N O3'    181.189 
VAL 'L-peptide linking' y VALINE ? 'C5 H11 N O2'    117.146 
# 
loop_
_pdbx_poly_seq_scheme.asym_id 
_pdbx_poly_seq_scheme.entity_id 
_pdbx_poly_seq_scheme.seq_id 
_pdbx_poly_seq_scheme.mon_id 
_pdbx_poly_seq_scheme.ndb_seq_num 
_pdbx_poly_seq_scheme.pdb_seq_num 
_pdbx_poly_seq_scheme.auth_seq_num 
_pdbx_poly_seq_scheme.pdb_mon_id 
_pdbx_poly_seq_scheme.auth_mon_id 
_pdbx_poly_seq_scheme.pdb_strand_id 
_pdbx_poly_seq_scheme.pdb_ins_code 
_pdbx_poly_seq_scheme.hetero 
A 1 1   MET 1   -20 ?   ?   ?   A . n 
A 1 2   GLY 2   -19 ?   ?   ?   A . n 
A 1 3   SER 3   -18 ?   ?   ?   A . n 
A 1 4   SER 4   -17 ?   ?   ?   A . n 
A 1 5   HIS 5   -16 ?   ?   ?   A . n 
A 1 6   HIS 6   -15 ?   ?   ?   A . n 
A 1 7   HIS 7   -14 ?   ?   ?   A . n 
A 1 8   HIS 8   -13 ?   ?   ?   A . n 
A 1 9   HIS 9   -12 ?   ?   ?   A . n 
A 1 10  HIS 10  -11 ?   ?   ?   A . n 
A 1 11  SER 11  -10 ?   ?   ?   A . n 
A 1 12  SER 12  -9  ?   ?   ?   A . n 
A 1 13  GLY 13  -8  ?   ?   ?   A . n 
A 1 14  LEU 14  -7  ?   ?   ?   A . n 
A 1 15  VAL 15  -6  ?   ?   ?   A . n 
A 1 16  PRO 16  -5  ?   ?   ?   A . n 
A 1 17  ARG 17  -4  -4  ARG ARG A . n 
A 1 18  GLY 18  -3  -3  GLY GLY A . n 
A 1 19  SER 19  -2  -2  SER SER A . n 
A 1 20  HIS 20  -1  -1  HIS HIS A . n 
A 1 21  MET 21  0   0   MET MET A . n 
A 1 22  CYS 22  1   1   CYS CYS A . n 
A 1 23  ASP 23  2   2   ASP ASP A . n 
A 1 24  ALA 24  3   3   ALA ALA A . n 
A 1 25  PHE 25  4   4   PHE PHE A . n 
A 1 26  VAL 26  5   5   VAL VAL A . n 
A 1 27  GLY 27  6   6   GLY GLY A . n 
A 1 28  THR 28  7   7   THR THR A . n 
A 1 29  TRP 29  8   8   TRP TRP A . n 
A 1 30  LYS 30  9   9   LYS LYS A . n 
A 1 31  LEU 31  10  10  LEU LEU A . n 
A 1 32  VAL 32  11  11  VAL VAL A . n 
A 1 33  SER 33  12  12  SER SER A . n 
A 1 34  SER 34  13  13  SER SER A . n 
A 1 35  GLU 35  14  14  GLU GLU A . n 
A 1 36  ASN 36  15  15  ASN ASN A . n 
A 1 37  PHE 37  16  16  PHE PHE A . n 
A 1 38  ASP 38  17  17  ASP ASP A . n 
A 1 39  ASP 39  18  18  ASP ASP A . n 
A 1 40  TYR 40  19  19  TYR TYR A . n 
A 1 41  MET 41  20  20  MET MET A . n 
A 1 42  LYS 42  21  21  LYS LYS A . n 
A 1 43  GLU 43  22  22  GLU GLU A . n 
A 1 44  VAL 44  23  23  VAL VAL A . n 
A 1 45  GLY 45  24  24  GLY GLY A . n 
A 1 46  VAL 46  25  25  VAL VAL A . n 
A 1 47  GLY 47  26  26  GLY GLY A . n 
A 1 48  PHE 48  27  27  PHE PHE A . n 
A 1 49  ALA 49  28  28  ALA ALA A . n 
A 1 50  THR 50  29  29  THR THR A . n 
A 1 51  ARG 51  30  30  ARG ARG A . n 
A 1 52  LYS 52  31  31  LYS LYS A . n 
A 1 53  VAL 53  32  32  VAL VAL A . n 
A 1 54  ALA 54  33  33  ALA ALA A . n 
A 1 55  GLY 55  34  34  GLY GLY A . n 
A 1 56  MET 56  35  35  MET MET A . n 
A 1 57  ALA 57  36  36  ALA ALA A . n 
A 1 58  LYS 58  37  37  LYS LYS A . n 
A 1 59  PRO 59  38  38  PRO PRO A . n 
A 1 60  ASN 60  39  39  ASN ASN A . n 
A 1 61  MET 61  40  40  MET MET A . n 
A 1 62  ILE 62  41  41  ILE ILE A . n 
A 1 63  ILE 63  42  42  ILE ILE A . n 
A 1 64  SER 64  43  43  SER SER A . n 
A 1 65  VAL 65  44  44  VAL VAL A . n 
A 1 66  ASN 66  45  45  ASN ASN A . n 
A 1 67  GLY 67  46  46  GLY GLY A . n 
A 1 68  ASP 68  47  47  ASP ASP A . n 
A 1 69  VAL 69  48  48  VAL VAL A . n 
A 1 70  ILE 70  49  49  ILE ILE A . n 
A 1 71  THR 71  50  50  THR THR A . n 
A 1 72  ILE 72  51  51  ILE ILE A . n 
A 1 73  LYS 73  52  52  LYS LYS A . n 
A 1 74  SER 74  53  53  SER SER A . n 
A 1 75  GLU 75  54  54  GLU GLU A . n 
A 1 76  SER 76  55  55  SER SER A . n 
A 1 77  THR 77  56  56  THR THR A . n 
A 1 78  PHE 78  57  57  PHE PHE A . n 
A 1 79  LYS 79  58  58  LYS LYS A . n 
A 1 80  ASN 80  59  59  ASN ASN A . n 
A 1 81  THR 81  60  60  THR THR A . n 
A 1 82  GLU 82  61  61  GLU GLU A . n 
A 1 83  ILE 83  62  62  ILE ILE A . n 
A 1 84  SER 84  63  63  SER SER A . n 
A 1 85  PHE 85  64  64  PHE PHE A . n 
A 1 86  ILE 86  65  65  ILE ILE A . n 
A 1 87  LEU 87  66  66  LEU LEU A . n 
A 1 88  GLY 88  67  67  GLY GLY A . n 
A 1 89  GLN 89  68  68  GLN GLN A . n 
A 1 90  GLU 90  69  69  GLU GLU A . n 
A 1 91  PHE 91  70  70  PHE PHE A . n 
A 1 92  ASP 92  71  71  ASP ASP A . n 
A 1 93  GLU 93  72  72  GLU GLU A . n 
A 1 94  VAL 94  73  73  VAL VAL A . n 
A 1 95  THR 95  74  74  THR THR A . n 
A 1 96  ALA 96  75  75  ALA ALA A . n 
A 1 97  ASP 97  76  76  ASP ASP A . n 
A 1 98  ASP 98  77  77  ASP ASP A . n 
A 1 99  ARG 99  78  78  ARG ARG A . n 
A 1 100 LYS 100 79  79  LYS LYS A . n 
A 1 101 VAL 101 80  80  VAL VAL A . n 
A 1 102 LYS 102 81  81  LYS LYS A . n 
A 1 103 SER 103 82  82  SER SER A . n 
A 1 104 THR 104 83  83  THR THR A . n 
A 1 105 ILE 105 84  84  ILE ILE A . n 
A 1 106 THR 106 85  85  THR THR A . n 
A 1 107 LEU 107 86  86  LEU LEU A . n 
A 1 108 ASP 108 87  87  ASP ASP A . n 
A 1 109 GLY 109 88  88  GLY GLY A . n 
A 1 110 GLY 110 89  89  GLY GLY A . n 
A 1 111 VAL 111 90  90  VAL VAL A . n 
A 1 112 LEU 112 91  91  LEU LEU A . n 
A 1 113 VAL 113 92  92  VAL VAL A . n 
A 1 114 HIS 114 93  93  HIS HIS A . n 
A 1 115 VAL 115 94  94  VAL VAL A . n 
A 1 116 GLN 116 95  95  GLN GLN A . n 
A 1 117 LYS 117 96  96  LYS LYS A . n 
A 1 118 TRP 118 97  97  TRP TRP A . n 
A 1 119 ASP 119 98  98  ASP ASP A . n 
A 1 120 GLY 120 99  99  GLY GLY A . n 
A 1 121 LYS 121 100 100 LYS LYS A . n 
A 1 122 SER 122 101 101 SER SER A . n 
A 1 123 THR 123 102 102 THR THR A . n 
A 1 124 THR 124 103 103 THR THR A . n 
A 1 125 ILE 125 104 104 ILE ILE A . n 
A 1 126 LYS 126 105 105 LYS LYS A . n 
A 1 127 ARG 127 106 106 ARG ARG A . n 
A 1 128 LYS 128 107 107 LYS LYS A . n 
A 1 129 ARG 129 108 108 ARG ARG A . n 
A 1 130 GLU 130 109 109 GLU GLU A . n 
A 1 131 ASP 131 110 110 ASP ASP A . n 
A 1 132 ASP 132 111 111 ASP ASP A . n 
A 1 133 LYS 133 112 112 LYS LYS A . n 
A 1 134 LEU 134 113 113 LEU LEU A . n 
A 1 135 VAL 135 114 114 VAL VAL A . n 
A 1 136 VAL 136 115 115 VAL VAL A . n 
A 1 137 GLU 137 116 116 GLU GLU A . n 
A 1 138 CYS 138 117 117 CYS CYS A . n 
A 1 139 VAL 139 118 118 VAL VAL A . n 
A 1 140 MET 140 119 119 MET MET A . n 
A 1 141 LYS 141 120 120 LYS LYS A . n 
A 1 142 GLY 142 121 121 GLY GLY A . n 
A 1 143 VAL 143 122 122 VAL VAL A . n 
A 1 144 THR 144 123 123 THR THR A . n 
A 1 145 SER 145 124 124 SER SER A . n 
A 1 146 THR 146 125 125 THR THR A . n 
A 1 147 ARG 147 126 126 ARG ARG A . n 
A 1 148 VAL 148 127 127 VAL VAL A . n 
A 1 149 TYR 149 128 128 TYR TYR A . n 
A 1 150 GLU 150 129 129 GLU GLU A . n 
A 1 151 ARG 151 130 130 ARG ARG A . n 
A 1 152 ALA 152 131 131 ALA ALA A . n 
# 
loop_
_pdbx_nonpoly_scheme.asym_id 
_pdbx_nonpoly_scheme.entity_id 
_pdbx_nonpoly_scheme.mon_id 
_pdbx_nonpoly_scheme.ndb_seq_num 
_pdbx_nonpoly_scheme.pdb_seq_num 
_pdbx_nonpoly_scheme.auth_seq_num 
_pdbx_nonpoly_scheme.pdb_mon_id 
_pdbx_nonpoly_scheme.auth_mon_id 
_pdbx_nonpoly_scheme.pdb_strand_id 
_pdbx_nonpoly_scheme.pdb_ins_code 
B 2 L96 1  201 1   L96 L96 A . 
C 3 PO4 1  202 2   PO4 PO4 A . 
D 3 PO4 1  203 3   PO4 PO4 A . 
E 4 HOH 1  301 57  HOH HOH A . 
E 4 HOH 2  302 109 HOH HOH A . 
E 4 HOH 3  303 13  HOH HOH A . 
E 4 HOH 4  304 44  HOH HOH A . 
E 4 HOH 5  305 51  HOH HOH A . 
E 4 HOH 6  306 7   HOH HOH A . 
E 4 HOH 7  307 93  HOH HOH A . 
E 4 HOH 8  308 43  HOH HOH A . 
E 4 HOH 9  309 31  HOH HOH A . 
E 4 HOH 10 310 52  HOH HOH A . 
E 4 HOH 11 311 38  HOH HOH A . 
E 4 HOH 12 312 35  HOH HOH A . 
E 4 HOH 13 313 39  HOH HOH A . 
E 4 HOH 14 314 21  HOH HOH A . 
E 4 HOH 15 315 20  HOH HOH A . 
E 4 HOH 16 316 17  HOH HOH A . 
E 4 HOH 17 317 95  HOH HOH A . 
E 4 HOH 18 318 14  HOH HOH A . 
E 4 HOH 19 319 104 HOH HOH A . 
E 4 HOH 20 320 66  HOH HOH A . 
E 4 HOH 21 321 102 HOH HOH A . 
E 4 HOH 22 322 29  HOH HOH A . 
E 4 HOH 23 323 91  HOH HOH A . 
E 4 HOH 24 324 28  HOH HOH A . 
E 4 HOH 25 325 98  HOH HOH A . 
E 4 HOH 26 326 56  HOH HOH A . 
E 4 HOH 27 327 10  HOH HOH A . 
E 4 HOH 28 328 90  HOH HOH A . 
E 4 HOH 29 329 5   HOH HOH A . 
E 4 HOH 30 330 49  HOH HOH A . 
E 4 HOH 31 331 18  HOH HOH A . 
E 4 HOH 32 332 77  HOH HOH A . 
E 4 HOH 33 333 32  HOH HOH A . 
E 4 HOH 34 334 79  HOH HOH A . 
E 4 HOH 35 335 6   HOH HOH A . 
E 4 HOH 36 336 23  HOH HOH A . 
E 4 HOH 37 337 11  HOH HOH A . 
E 4 HOH 38 338 50  HOH HOH A . 
E 4 HOH 39 339 85  HOH HOH A . 
E 4 HOH 40 340 40  HOH HOH A . 
E 4 HOH 41 341 30  HOH HOH A . 
E 4 HOH 42 342 19  HOH HOH A . 
E 4 HOH 43 343 1   HOH HOH A . 
E 4 HOH 44 344 34  HOH HOH A . 
E 4 HOH 45 345 27  HOH HOH A . 
E 4 HOH 46 346 24  HOH HOH A . 
E 4 HOH 47 347 41  HOH HOH A . 
E 4 HOH 48 348 88  HOH HOH A . 
E 4 HOH 49 349 9   HOH HOH A . 
E 4 HOH 50 350 47  HOH HOH A . 
E 4 HOH 51 351 36  HOH HOH A . 
E 4 HOH 52 352 73  HOH HOH A . 
E 4 HOH 53 353 82  HOH HOH A . 
E 4 HOH 54 354 89  HOH HOH A . 
E 4 HOH 55 355 12  HOH HOH A . 
E 4 HOH 56 356 15  HOH HOH A . 
E 4 HOH 57 357 42  HOH HOH A . 
E 4 HOH 58 358 54  HOH HOH A . 
E 4 HOH 59 359 108 HOH HOH A . 
E 4 HOH 60 360 16  HOH HOH A . 
E 4 HOH 61 361 86  HOH HOH A . 
E 4 HOH 62 362 97  HOH HOH A . 
E 4 HOH 63 363 26  HOH HOH A . 
E 4 HOH 64 364 87  HOH HOH A . 
E 4 HOH 65 365 2   HOH HOH A . 
E 4 HOH 66 366 103 HOH HOH A . 
E 4 HOH 67 367 99  HOH HOH A . 
E 4 HOH 68 368 25  HOH HOH A . 
E 4 HOH 69 369 33  HOH HOH A . 
E 4 HOH 70 370 78  HOH HOH A . 
E 4 HOH 71 371 67  HOH HOH A . 
E 4 HOH 72 372 101 HOH HOH A . 
E 4 HOH 73 373 96  HOH HOH A . 
E 4 HOH 74 374 22  HOH HOH A . 
E 4 HOH 75 375 8   HOH HOH A . 
E 4 HOH 76 376 65  HOH HOH A . 
E 4 HOH 77 377 100 HOH HOH A . 
E 4 HOH 78 378 81  HOH HOH A . 
E 4 HOH 79 379 46  HOH HOH A . 
E 4 HOH 80 380 80  HOH HOH A . 
E 4 HOH 81 381 63  HOH HOH A . 
E 4 HOH 82 382 110 HOH HOH A . 
E 4 HOH 83 383 62  HOH HOH A . 
E 4 HOH 84 384 84  HOH HOH A . 
E 4 HOH 85 385 111 HOH HOH A . 
E 4 HOH 86 386 58  HOH HOH A . 
# 
loop_
_software.citation_id 
_software.classification 
_software.compiler_name 
_software.compiler_version 
_software.contact_author 
_software.contact_author_email 
_software.date 
_software.description 
_software.dependencies 
_software.hardware 
_software.language 
_software.location 
_software.mods 
_software.name 
_software.os 
_software.os_version 
_software.type 
_software.version 
_software.pdbx_ordinal 
? 'data scaling'    ? ? ? ? ? ? ? ? ? ? ? XSCALE      ? ? ? .        1 
? phasing           ? ? ? ? ? ? ? ? ? ? ? MOLREP      ? ? ? 11.0.02  2 
? refinement        ? ? ? ? ? ? ? ? ? ? ? REFMAC      ? ? ? 5.6.0117 3 
? 'data extraction' ? ? ? ? ? ? ? ? ? ? ? PDB_EXTRACT ? ? ? 3.15     4 
# 
_cell.angle_alpha                  90.000 
_cell.angle_alpha_esd              ? 
_cell.angle_beta                   90.000 
_cell.angle_beta_esd               ? 
_cell.angle_gamma                  90.000 
_cell.angle_gamma_esd              ? 
_cell.entry_id                     5D48 
_cell.details                      ? 
_cell.formula_units_Z              ? 
_cell.length_a                     32.080 
_cell.length_a_esd                 ? 
_cell.length_b                     53.730 
_cell.length_b_esd                 ? 
_cell.length_c                     74.740 
_cell.length_c_esd                 ? 
_cell.volume                       ? 
_cell.volume_esd                   ? 
_cell.Z_PDB                        4 
_cell.reciprocal_angle_alpha       ? 
_cell.reciprocal_angle_beta        ? 
_cell.reciprocal_angle_gamma       ? 
_cell.reciprocal_angle_alpha_esd   ? 
_cell.reciprocal_angle_beta_esd    ? 
_cell.reciprocal_angle_gamma_esd   ? 
_cell.reciprocal_length_a          ? 
_cell.reciprocal_length_b          ? 
_cell.reciprocal_length_c          ? 
_cell.reciprocal_length_a_esd      ? 
_cell.reciprocal_length_b_esd      ? 
_cell.reciprocal_length_c_esd      ? 
_cell.pdbx_unique_axis             ? 
# 
_symmetry.entry_id                         5D48 
_symmetry.cell_setting                     ? 
_symmetry.Int_Tables_number                19 
_symmetry.space_group_name_Hall            ? 
_symmetry.space_group_name_H-M             'P 21 21 21' 
_symmetry.pdbx_full_space_group_name_H-M   ? 
# 
_exptl.absorpt_coefficient_mu     ? 
_exptl.absorpt_correction_T_max   ? 
_exptl.absorpt_correction_T_min   ? 
_exptl.absorpt_correction_type    ? 
_exptl.absorpt_process_details    ? 
_exptl.entry_id                   5D48 
_exptl.crystals_number            1 
_exptl.details                    ? 
_exptl.method                     'X-RAY DIFFRACTION' 
_exptl.method_details             ? 
# 
_exptl_crystal.colour                      ? 
_exptl_crystal.density_diffrn              ? 
_exptl_crystal.density_Matthews            1.90 
_exptl_crystal.density_method              ? 
_exptl_crystal.density_percent_sol         35.41 
_exptl_crystal.description                 ? 
_exptl_crystal.F_000                       ? 
_exptl_crystal.id                          1 
_exptl_crystal.preparation                 ? 
_exptl_crystal.size_max                    ? 
_exptl_crystal.size_mid                    ? 
_exptl_crystal.size_min                    ? 
_exptl_crystal.size_rad                    ? 
_exptl_crystal.colour_lustre               ? 
_exptl_crystal.colour_modifier             ? 
_exptl_crystal.colour_primary              ? 
_exptl_crystal.density_meas                ? 
_exptl_crystal.density_meas_esd            ? 
_exptl_crystal.density_meas_gt             ? 
_exptl_crystal.density_meas_lt             ? 
_exptl_crystal.density_meas_temp           ? 
_exptl_crystal.density_meas_temp_esd       ? 
_exptl_crystal.density_meas_temp_gt        ? 
_exptl_crystal.density_meas_temp_lt        ? 
_exptl_crystal.pdbx_crystal_image_url      ? 
_exptl_crystal.pdbx_crystal_image_format   ? 
_exptl_crystal.pdbx_mosaicity              ? 
_exptl_crystal.pdbx_mosaicity_esd          ? 
# 
_exptl_crystal_grow.apparatus       ? 
_exptl_crystal_grow.atmosphere      ? 
_exptl_crystal_grow.crystal_id      1 
_exptl_crystal_grow.details         ? 
_exptl_crystal_grow.method          'VAPOR DIFFUSION, SITTING DROP' 
_exptl_crystal_grow.method_ref      ? 
_exptl_crystal_grow.pH              ? 
_exptl_crystal_grow.pressure        ? 
_exptl_crystal_grow.pressure_esd    ? 
_exptl_crystal_grow.seeding         ? 
_exptl_crystal_grow.seeding_ref     ? 
_exptl_crystal_grow.temp            296 
_exptl_crystal_grow.temp_details    ? 
_exptl_crystal_grow.temp_esd        ? 
_exptl_crystal_grow.time            ? 
_exptl_crystal_grow.pdbx_details    '2.4 M NaH2PO4/K2HPO4' 
_exptl_crystal_grow.pdbx_pH_range   ? 
# 
_diffrn.ambient_environment    ? 
_diffrn.ambient_temp           100 
_diffrn.ambient_temp_details   ? 
_diffrn.ambient_temp_esd       ? 
_diffrn.crystal_id             1 
_diffrn.crystal_support        ? 
_diffrn.crystal_treatment      ? 
_diffrn.details                ? 
_diffrn.id                     1 
_diffrn.ambient_pressure       ? 
_diffrn.ambient_pressure_esd   ? 
_diffrn.ambient_pressure_gt    ? 
_diffrn.ambient_pressure_lt    ? 
_diffrn.ambient_temp_gt        ? 
_diffrn.ambient_temp_lt        ? 
# 
_diffrn_detector.details                      ? 
_diffrn_detector.detector                     CCD 
_diffrn_detector.diffrn_id                    1 
_diffrn_detector.type                         'ADSC QUANTUM 210' 
_diffrn_detector.area_resol_mean              ? 
_diffrn_detector.dtime                        ? 
_diffrn_detector.pdbx_frames_total            ? 
_diffrn_detector.pdbx_collection_time_total   ? 
_diffrn_detector.pdbx_collection_date         2012-01-26 
# 
_diffrn_radiation.collimation                      ? 
_diffrn_radiation.diffrn_id                        1 
_diffrn_radiation.filter_edge                      ? 
_diffrn_radiation.inhomogeneity                    ? 
_diffrn_radiation.monochromator                    ? 
_diffrn_radiation.polarisn_norm                    ? 
_diffrn_radiation.polarisn_ratio                   ? 
_diffrn_radiation.probe                            ? 
_diffrn_radiation.type                             ? 
_diffrn_radiation.xray_symbol                      ? 
_diffrn_radiation.wavelength_id                    1 
_diffrn_radiation.pdbx_monochromatic_or_laue_m_l   M 
_diffrn_radiation.pdbx_wavelength_list             ? 
_diffrn_radiation.pdbx_wavelength                  ? 
_diffrn_radiation.pdbx_diffrn_protocol             'SINGLE WAVELENGTH' 
_diffrn_radiation.pdbx_analyzer                    ? 
_diffrn_radiation.pdbx_scattering_type             x-ray 
# 
_diffrn_radiation_wavelength.id           1 
_diffrn_radiation_wavelength.wavelength   1 
_diffrn_radiation_wavelength.wt           1.0 
# 
_diffrn_source.current                     ? 
_diffrn_source.details                     ? 
_diffrn_source.diffrn_id                   1 
_diffrn_source.power                       ? 
_diffrn_source.size                        ? 
_diffrn_source.source                      SYNCHROTRON 
_diffrn_source.target                      ? 
_diffrn_source.type                        'PHOTON FACTORY BEAMLINE AR-NW12A' 
_diffrn_source.voltage                     ? 
_diffrn_source.take-off_angle              ? 
_diffrn_source.pdbx_wavelength_list        1 
_diffrn_source.pdbx_wavelength             ? 
_diffrn_source.pdbx_synchrotron_beamline   AR-NW12A 
_diffrn_source.pdbx_synchrotron_site       'Photon Factory' 
# 
_reflns.B_iso_Wilson_estimate            25.359 
_reflns.entry_id                         5D48 
_reflns.data_reduction_details           ? 
_reflns.data_reduction_method            ? 
_reflns.d_resolution_high                1.810 
_reflns.d_resolution_low                 50 
_reflns.details                          ? 
_reflns.limit_h_max                      ? 
_reflns.limit_h_min                      ? 
_reflns.limit_k_max                      ? 
_reflns.limit_k_min                      ? 
_reflns.limit_l_max                      ? 
_reflns.limit_l_min                      ? 
_reflns.number_all                       ? 
_reflns.number_obs                       12310 
_reflns.observed_criterion               ? 
_reflns.observed_criterion_F_max         ? 
_reflns.observed_criterion_F_min         ? 
_reflns.observed_criterion_I_max         ? 
_reflns.observed_criterion_I_min         ? 
_reflns.observed_criterion_sigma_F       ? 
_reflns.observed_criterion_sigma_I       -3.000 
_reflns.percent_possible_obs             99.800 
_reflns.R_free_details                   ? 
_reflns.Rmerge_F_all                     ? 
_reflns.Rmerge_F_obs                     0.061 
_reflns.Friedel_coverage                 ? 
_reflns.number_gt                        ? 
_reflns.threshold_expression             ? 
_reflns.pdbx_redundancy                  18.4 
_reflns.pdbx_Rmerge_I_obs                0.066 
_reflns.pdbx_Rmerge_I_all                ? 
_reflns.pdbx_Rsym_value                  ? 
_reflns.pdbx_netI_over_av_sigmaI         ? 
_reflns.pdbx_netI_over_sigmaI            18.920 
_reflns.pdbx_res_netI_over_av_sigmaI_2   ? 
_reflns.pdbx_res_netI_over_sigmaI_2      ? 
_reflns.pdbx_chi_squared                 ? 
_reflns.pdbx_scaling_rejects             ? 
_reflns.pdbx_d_res_high_opt              ? 
_reflns.pdbx_d_res_low_opt               ? 
_reflns.pdbx_d_res_opt_method            ? 
_reflns.phase_calculation_details        ? 
_reflns.pdbx_Rrim_I_all                  0.072 
_reflns.pdbx_Rpim_I_all                  ? 
_reflns.pdbx_d_opt                       ? 
_reflns.pdbx_number_measured_all         85078 
_reflns.pdbx_diffrn_id                   1 
_reflns.pdbx_ordinal                     1 
_reflns.pdbx_CC_half                     ? 
_reflns.pdbx_R_split                     ? 
# 
loop_
_reflns_shell.d_res_high 
_reflns_shell.d_res_low 
_reflns_shell.meanI_over_sigI_all 
_reflns_shell.meanI_over_sigI_obs 
_reflns_shell.number_measured_all 
_reflns_shell.number_measured_obs 
_reflns_shell.number_possible 
_reflns_shell.number_unique_all 
_reflns_shell.number_unique_obs 
_reflns_shell.percent_possible_all 
_reflns_shell.percent_possible_obs 
_reflns_shell.Rmerge_F_all 
_reflns_shell.Rmerge_F_obs 
_reflns_shell.Rmerge_I_all 
_reflns_shell.Rmerge_I_obs 
_reflns_shell.meanI_over_sigI_gt 
_reflns_shell.meanI_over_uI_all 
_reflns_shell.meanI_over_uI_gt 
_reflns_shell.number_measured_gt 
_reflns_shell.number_unique_gt 
_reflns_shell.percent_possible_gt 
_reflns_shell.Rmerge_F_gt 
_reflns_shell.Rmerge_I_gt 
_reflns_shell.pdbx_redundancy 
_reflns_shell.pdbx_Rsym_value 
_reflns_shell.pdbx_chi_squared 
_reflns_shell.pdbx_netI_over_sigmaI_all 
_reflns_shell.pdbx_netI_over_sigmaI_obs 
_reflns_shell.pdbx_Rrim_I_all 
_reflns_shell.pdbx_Rpim_I_all 
_reflns_shell.pdbx_rejects 
_reflns_shell.pdbx_ordinal 
_reflns_shell.pdbx_diffrn_id 
_reflns_shell.pdbx_CC_half 
_reflns_shell.pdbx_R_split 
1.810  1.950  ? 7.920  ? 17125 2417 ? 2415 99.900 ? ? 0.218 ? 0.244 ? ? ? ? ? ? ? ? ? ? ? ? ? 0.263 ? 0 1 1 ? ? 
1.950  2.200  ? 13.570 ? 20816 2952 ? 2950 99.900 ? ? 0.098 ? 0.128 ? ? ? ? ? ? ? ? ? ? ? ? ? 0.138 ? 0 2 1 ? ? 
2.200  2.700  ? 19.020 ? 21712 3131 ? 3121 99.700 ? ? 0.065 ? 0.081 ? ? ? ? ? ? ? ? ? ? ? ? ? 0.088 ? 0 3 1 ? ? 
2.700  3.500  ? 27.660 ? 13816 2019 ? 2015 99.800 ? ? 0.029 ? 0.052 ? ? ? ? ? ? ? ? ? ? ? ? ? 0.056 ? 0 4 1 ? ? 
3.500  5.000  ? 32.870 ? 7624  1158 ? 1153 99.600 ? ? 0.023 ? 0.047 ? ? ? ? ? ? ? ? ? ? ? ? ? 0.051 ? 0 5 1 ? ? 
5.000  7.000  ? 32.420 ? 2609  407  ? 405  99.500 ? ? 0.025 ? 0.054 ? ? ? ? ? ? ? ? ? ? ? ? ? 0.058 ? 0 6 1 ? ? 
7.000  10.000 ? 31.750 ? 950   162  ? 161  99.400 ? ? 0.029 ? 0.059 ? ? ? ? ? ? ? ? ? ? ? ? ? 0.065 ? 0 7 1 ? ? 
10.000 ?      ? 28.640 ? 426   94   ? 90   95.700 ? ? 0.029 ? 0.055 ? ? ? ? ? ? ? ? ? ? ? ? ? 0.062 ? 0 8 1 ? ? 
# 
_refine.aniso_B[1][1]                            1.9500 
_refine.aniso_B[1][2]                            0.0000 
_refine.aniso_B[1][3]                            0.0000 
_refine.aniso_B[2][2]                            -0.2400 
_refine.aniso_B[2][3]                            0.0000 
_refine.aniso_B[3][3]                            -1.7100 
_refine.B_iso_max                                118.540 
_refine.B_iso_mean                               21.7490 
_refine.B_iso_min                                10.620 
_refine.correlation_coeff_Fo_to_Fc               0.9530 
_refine.correlation_coeff_Fo_to_Fc_free          0.9230 
_refine.details                                  
'HYDROGENS HAVE BEEN USED IF PRESENT IN THE INPUT U VALUES      : REFINED INDIVIDUALLY' 
_refine.diff_density_max                         ? 
_refine.diff_density_max_esd                     ? 
_refine.diff_density_min                         ? 
_refine.diff_density_min_esd                     ? 
_refine.diff_density_rms                         ? 
_refine.diff_density_rms_esd                     ? 
_refine.entry_id                                 5D48 
_refine.pdbx_refine_id                           'X-RAY DIFFRACTION' 
_refine.ls_abs_structure_details                 ? 
_refine.ls_abs_structure_Flack                   ? 
_refine.ls_abs_structure_Flack_esd               ? 
_refine.ls_abs_structure_Rogers                  ? 
_refine.ls_abs_structure_Rogers_esd              ? 
_refine.ls_d_res_high                            1.8100 
_refine.ls_d_res_low                             43.6300 
_refine.ls_extinction_coef                       ? 
_refine.ls_extinction_coef_esd                   ? 
_refine.ls_extinction_expression                 ? 
_refine.ls_extinction_method                     ? 
_refine.ls_goodness_of_fit_all                   ? 
_refine.ls_goodness_of_fit_all_esd               ? 
_refine.ls_goodness_of_fit_obs                   ? 
_refine.ls_goodness_of_fit_obs_esd               ? 
_refine.ls_hydrogen_treatment                    ? 
_refine.ls_matrix_type                           ? 
_refine.ls_number_constraints                    ? 
_refine.ls_number_parameters                     ? 
_refine.ls_number_reflns_all                     ? 
_refine.ls_number_reflns_obs                     11721 
_refine.ls_number_reflns_R_free                  588 
_refine.ls_number_reflns_R_work                  ? 
_refine.ls_number_restraints                     ? 
_refine.ls_percent_reflns_obs                    99.7500 
_refine.ls_percent_reflns_R_free                 4.8000 
_refine.ls_R_factor_all                          ? 
_refine.ls_R_factor_obs                          0.1870 
_refine.ls_R_factor_R_free                       0.2445 
_refine.ls_R_factor_R_free_error                 ? 
_refine.ls_R_factor_R_free_error_details         ? 
_refine.ls_R_factor_R_work                       0.1843 
_refine.ls_R_Fsqd_factor_obs                     ? 
_refine.ls_R_I_factor_obs                        ? 
_refine.ls_redundancy_reflns_all                 ? 
_refine.ls_redundancy_reflns_obs                 ? 
_refine.ls_restrained_S_all                      ? 
_refine.ls_restrained_S_obs                      ? 
_refine.ls_shift_over_esd_max                    ? 
_refine.ls_shift_over_esd_mean                   ? 
_refine.ls_structure_factor_coef                 ? 
_refine.ls_weighting_details                     ? 
_refine.ls_weighting_scheme                      ? 
_refine.ls_wR_factor_all                         ? 
_refine.ls_wR_factor_obs                         ? 
_refine.ls_wR_factor_R_free                      0.2480 
_refine.ls_wR_factor_R_work                      0.1861 
_refine.occupancy_max                            ? 
_refine.occupancy_min                            ? 
_refine.solvent_model_details                    MASK 
_refine.solvent_model_param_bsol                 ? 
_refine.solvent_model_param_ksol                 ? 
_refine.ls_R_factor_gt                           ? 
_refine.ls_goodness_of_fit_gt                    ? 
_refine.ls_goodness_of_fit_ref                   ? 
_refine.ls_shift_over_su_max                     ? 
_refine.ls_shift_over_su_max_lt                  ? 
_refine.ls_shift_over_su_mean                    ? 
_refine.ls_shift_over_su_mean_lt                 ? 
_refine.pdbx_ls_sigma_I                          ? 
_refine.pdbx_ls_sigma_F                          0.000 
_refine.pdbx_ls_sigma_Fsqd                       ? 
_refine.pdbx_data_cutoff_high_absF               ? 
_refine.pdbx_data_cutoff_high_rms_absF           ? 
_refine.pdbx_data_cutoff_low_absF                ? 
_refine.pdbx_isotropic_thermal_model             ? 
_refine.pdbx_ls_cross_valid_method               THROUGHOUT 
_refine.pdbx_method_to_determine_struct          'MOLECULAR REPLACEMENT' 
_refine.pdbx_starting_model                      2HNX 
_refine.pdbx_stereochemistry_target_values       'MAXIMUM LIKELIHOOD' 
_refine.pdbx_R_Free_selection_details            RANDOM 
_refine.pdbx_stereochem_target_val_spec_case     ? 
_refine.pdbx_overall_ESU_R                       0.1400 
_refine.pdbx_overall_ESU_R_Free                  0.1430 
_refine.pdbx_solvent_vdw_probe_radii             1.2000 
_refine.pdbx_solvent_ion_probe_radii             0.8000 
_refine.pdbx_solvent_shrinkage_radii             0.8000 
_refine.pdbx_real_space_R                        ? 
_refine.pdbx_density_correlation                 ? 
_refine.pdbx_pd_number_of_powder_patterns        ? 
_refine.pdbx_pd_number_of_points                 ? 
_refine.pdbx_pd_meas_number_of_points            ? 
_refine.pdbx_pd_proc_ls_prof_R_factor            ? 
_refine.pdbx_pd_proc_ls_prof_wR_factor           ? 
_refine.pdbx_pd_Marquardt_correlation_coeff      ? 
_refine.pdbx_pd_Fsqrd_R_factor                   ? 
_refine.pdbx_pd_ls_matrix_band_width             ? 
_refine.pdbx_overall_phase_error                 ? 
_refine.pdbx_overall_SU_R_free_Cruickshank_DPI   ? 
_refine.pdbx_overall_SU_R_free_Blow_DPI          ? 
_refine.pdbx_overall_SU_R_Blow_DPI               ? 
_refine.pdbx_TLS_residual_ADP_flag               ? 
_refine.pdbx_diffrn_id                           1 
_refine.overall_SU_B                             2.8770 
_refine.overall_SU_ML                            0.0900 
_refine.overall_SU_R_Cruickshank_DPI             0.1404 
_refine.overall_SU_R_free                        0.1435 
_refine.overall_FOM_free_R_set                   ? 
_refine.overall_FOM_work_R_set                   0.8411 
_refine.pdbx_average_fsc_overall                 ? 
_refine.pdbx_average_fsc_work                    ? 
_refine.pdbx_average_fsc_free                    ? 
# 
_refine_hist.cycle_id                         final 
_refine_hist.pdbx_refine_id                   'X-RAY DIFFRACTION' 
_refine_hist.d_res_high                       1.8100 
_refine_hist.d_res_low                        43.6300 
_refine_hist.pdbx_number_atoms_ligand         44 
_refine_hist.number_atoms_solvent             86 
_refine_hist.number_atoms_total               1191 
_refine_hist.pdbx_number_residues_total       136 
_refine_hist.pdbx_B_iso_mean_ligand           21.59 
_refine_hist.pdbx_B_iso_mean_solvent          30.66 
_refine_hist.pdbx_number_atoms_protein        1061 
_refine_hist.pdbx_number_atoms_nucleic_acid   0 
# 
loop_
_refine_ls_restr.pdbx_refine_id 
_refine_ls_restr.criterion 
_refine_ls_restr.dev_ideal 
_refine_ls_restr.dev_ideal_target 
_refine_ls_restr.number 
_refine_ls_restr.rejects 
_refine_ls_restr.type 
_refine_ls_restr.weight 
_refine_ls_restr.pdbx_restraint_function 
'X-RAY DIFFRACTION' ? 0.019  0.020  1121 ? r_bond_refined_d       ? ? 
'X-RAY DIFFRACTION' ? 2.530  1.995  1512 ? r_angle_refined_deg    ? ? 
'X-RAY DIFFRACTION' ? 7.365  5.000  135  ? r_dihedral_angle_1_deg ? ? 
'X-RAY DIFFRACTION' ? 35.636 24.222 45   ? r_dihedral_angle_2_deg ? ? 
'X-RAY DIFFRACTION' ? 17.241 15.000 208  ? r_dihedral_angle_3_deg ? ? 
'X-RAY DIFFRACTION' ? 23.897 15.000 7    ? r_dihedral_angle_4_deg ? ? 
'X-RAY DIFFRACTION' ? 0.153  0.200  169  ? r_chiral_restr         ? ? 
'X-RAY DIFFRACTION' ? 0.011  0.020  810  ? r_gen_planes_refined   ? ? 
# 
_refine_ls_shell.pdbx_refine_id                   'X-RAY DIFFRACTION' 
_refine_ls_shell.d_res_high                       1.8100 
_refine_ls_shell.d_res_low                        1.8570 
_refine_ls_shell.number_reflns_all                801 
_refine_ls_shell.number_reflns_obs                ? 
_refine_ls_shell.number_reflns_R_free             39 
_refine_ls_shell.number_reflns_R_work             762 
_refine_ls_shell.percent_reflns_obs               99.6300 
_refine_ls_shell.percent_reflns_R_free            ? 
_refine_ls_shell.R_factor_all                     ? 
_refine_ls_shell.R_factor_obs                     ? 
_refine_ls_shell.R_factor_R_free                  0.3760 
_refine_ls_shell.R_factor_R_free_error            ? 
_refine_ls_shell.R_factor_R_work                  0.2320 
_refine_ls_shell.redundancy_reflns_all            ? 
_refine_ls_shell.redundancy_reflns_obs            ? 
_refine_ls_shell.wR_factor_all                    ? 
_refine_ls_shell.wR_factor_obs                    ? 
_refine_ls_shell.wR_factor_R_free                 ? 
_refine_ls_shell.wR_factor_R_work                 ? 
_refine_ls_shell.pdbx_total_number_of_bins_used   20 
_refine_ls_shell.pdbx_phase_error                 ? 
_refine_ls_shell.pdbx_fsc_work                    ? 
_refine_ls_shell.pdbx_fsc_free                    ? 
# 
_struct.entry_id                     5D48 
_struct.title                        
;Crystal Structure of FABP4 in complex with 3-{5-cyclopropyl-3-(3,5-dimethyl-1H-pyrazol-4-yl)-2-[3-(propan-2-yloxy) phenyl]-1H-indol-1-yl}propanoic acid
;
_struct.pdbx_model_details           ? 
_struct.pdbx_formula_weight          ? 
_struct.pdbx_formula_weight_method   ? 
_struct.pdbx_model_type_details      ? 
_struct.pdbx_CASP_flag               ? 
# 
_struct_keywords.entry_id        5D48 
_struct_keywords.text            'FATTY ACID BINDING PROTEIN, LIPID BINDING PROTEIN' 
_struct_keywords.pdbx_keywords   'LIPID BINDING PROTEIN' 
# 
loop_
_struct_asym.id 
_struct_asym.pdbx_blank_PDB_chainid_flag 
_struct_asym.pdbx_modified 
_struct_asym.entity_id 
_struct_asym.details 
A N N 1 ? 
B N N 2 ? 
C N N 3 ? 
D N N 3 ? 
E N N 4 ? 
# 
_struct_ref.id                         1 
_struct_ref.db_name                    UNP 
_struct_ref.db_code                    FABP4_HUMAN 
_struct_ref.pdbx_db_accession          P15090 
_struct_ref.pdbx_db_isoform            ? 
_struct_ref.entity_id                  1 
_struct_ref.pdbx_seq_one_letter_code   
;MCDAFVGTWKLVSSENFDDYMKEVGVGFATRKVAGMAKPNMIISVNGDVITIKSESTFKNTEISFILGQEFDEVTADDRK
VKSTITLDGGVLVHVQKWDGKSTTIKRKREDDKLVVECVMKGVTSTRVYERA
;
_struct_ref.pdbx_align_begin           1 
# 
_struct_ref_seq.align_id                      1 
_struct_ref_seq.ref_id                        1 
_struct_ref_seq.pdbx_PDB_id_code              5D48 
_struct_ref_seq.pdbx_strand_id                A 
_struct_ref_seq.seq_align_beg                 21 
_struct_ref_seq.pdbx_seq_align_beg_ins_code   ? 
_struct_ref_seq.seq_align_end                 152 
_struct_ref_seq.pdbx_seq_align_end_ins_code   ? 
_struct_ref_seq.pdbx_db_accession             P15090 
_struct_ref_seq.db_align_beg                  1 
_struct_ref_seq.pdbx_db_align_beg_ins_code    ? 
_struct_ref_seq.db_align_end                  132 
_struct_ref_seq.pdbx_db_align_end_ins_code    ? 
_struct_ref_seq.pdbx_auth_seq_align_beg       0 
_struct_ref_seq.pdbx_auth_seq_align_end       131 
# 
loop_
_struct_ref_seq_dif.align_id 
_struct_ref_seq_dif.pdbx_pdb_id_code 
_struct_ref_seq_dif.mon_id 
_struct_ref_seq_dif.pdbx_pdb_strand_id 
_struct_ref_seq_dif.seq_num 
_struct_ref_seq_dif.pdbx_pdb_ins_code 
_struct_ref_seq_dif.pdbx_seq_db_name 
_struct_ref_seq_dif.pdbx_seq_db_accession_code 
_struct_ref_seq_dif.db_mon_id 
_struct_ref_seq_dif.pdbx_seq_db_seq_num 
_struct_ref_seq_dif.details 
_struct_ref_seq_dif.pdbx_auth_seq_num 
_struct_ref_seq_dif.pdbx_ordinal 
1 5D48 MET A 1  ? UNP P15090 ? ? 'expression tag' -20 1  
1 5D48 GLY A 2  ? UNP P15090 ? ? 'expression tag' -19 2  
1 5D48 SER A 3  ? UNP P15090 ? ? 'expression tag' -18 3  
1 5D48 SER A 4  ? UNP P15090 ? ? 'expression tag' -17 4  
1 5D48 HIS A 5  ? UNP P15090 ? ? 'expression tag' -16 5  
1 5D48 HIS A 6  ? UNP P15090 ? ? 'expression tag' -15 6  
1 5D48 HIS A 7  ? UNP P15090 ? ? 'expression tag' -14 7  
1 5D48 HIS A 8  ? UNP P15090 ? ? 'expression tag' -13 8  
1 5D48 HIS A 9  ? UNP P15090 ? ? 'expression tag' -12 9  
1 5D48 HIS A 10 ? UNP P15090 ? ? 'expression tag' -11 10 
1 5D48 SER A 11 ? UNP P15090 ? ? 'expression tag' -10 11 
1 5D48 SER A 12 ? UNP P15090 ? ? 'expression tag' -9  12 
1 5D48 GLY A 13 ? UNP P15090 ? ? 'expression tag' -8  13 
1 5D48 LEU A 14 ? UNP P15090 ? ? 'expression tag' -7  14 
1 5D48 VAL A 15 ? UNP P15090 ? ? 'expression tag' -6  15 
1 5D48 PRO A 16 ? UNP P15090 ? ? 'expression tag' -5  16 
1 5D48 ARG A 17 ? UNP P15090 ? ? 'expression tag' -4  17 
1 5D48 GLY A 18 ? UNP P15090 ? ? 'expression tag' -3  18 
1 5D48 SER A 19 ? UNP P15090 ? ? 'expression tag' -2  19 
1 5D48 HIS A 20 ? UNP P15090 ? ? 'expression tag' -1  20 
# 
_pdbx_struct_assembly.id                   1 
_pdbx_struct_assembly.details              author_and_software_defined_assembly 
_pdbx_struct_assembly.method_details       PISA 
_pdbx_struct_assembly.oligomeric_details   monomeric 
_pdbx_struct_assembly.oligomeric_count     1 
# 
loop_
_pdbx_struct_assembly_prop.biol_id 
_pdbx_struct_assembly_prop.type 
_pdbx_struct_assembly_prop.value 
_pdbx_struct_assembly_prop.details 
1 'ABSA (A^2)' 290  ? 
1 MORE         -8   ? 
1 'SSA (A^2)'  7270 ? 
# 
_pdbx_struct_assembly_gen.assembly_id       1 
_pdbx_struct_assembly_gen.oper_expression   1 
_pdbx_struct_assembly_gen.asym_id_list      A,B,C,D,E 
# 
_pdbx_struct_oper_list.id                   1 
_pdbx_struct_oper_list.type                 'identity operation' 
_pdbx_struct_oper_list.name                 1_555 
_pdbx_struct_oper_list.symmetry_operation   x,y,z 
_pdbx_struct_oper_list.matrix[1][1]         1.0000000000 
_pdbx_struct_oper_list.matrix[1][2]         0.0000000000 
_pdbx_struct_oper_list.matrix[1][3]         0.0000000000 
_pdbx_struct_oper_list.vector[1]            0.0000000000 
_pdbx_struct_oper_list.matrix[2][1]         0.0000000000 
_pdbx_struct_oper_list.matrix[2][2]         1.0000000000 
_pdbx_struct_oper_list.matrix[2][3]         0.0000000000 
_pdbx_struct_oper_list.vector[2]            0.0000000000 
_pdbx_struct_oper_list.matrix[3][1]         0.0000000000 
_pdbx_struct_oper_list.matrix[3][2]         0.0000000000 
_pdbx_struct_oper_list.matrix[3][3]         1.0000000000 
_pdbx_struct_oper_list.vector[3]            0.0000000000 
# 
loop_
_struct_conf.conf_type_id 
_struct_conf.id 
_struct_conf.pdbx_PDB_helix_id 
_struct_conf.beg_label_comp_id 
_struct_conf.beg_label_asym_id 
_struct_conf.beg_label_seq_id 
_struct_conf.pdbx_beg_PDB_ins_code 
_struct_conf.end_label_comp_id 
_struct_conf.end_label_asym_id 
_struct_conf.end_label_seq_id 
_struct_conf.pdbx_end_PDB_ins_code 
_struct_conf.beg_auth_comp_id 
_struct_conf.beg_auth_asym_id 
_struct_conf.beg_auth_seq_id 
_struct_conf.end_auth_comp_id 
_struct_conf.end_auth_asym_id 
_struct_conf.end_auth_seq_id 
_struct_conf.pdbx_PDB_helix_class 
_struct_conf.details 
_struct_conf.pdbx_PDB_helix_length 
HELX_P HELX_P1 AA1 MET A 21 ? PHE A 25 ? MET A 0  PHE A 4  5 ? 5  
HELX_P HELX_P2 AA2 ASN A 36 ? GLY A 45 ? ASN A 15 GLY A 24 1 ? 10 
HELX_P HELX_P3 AA3 GLY A 47 ? ALA A 57 ? GLY A 26 ALA A 36 1 ? 11 
# 
_struct_conf_type.id          HELX_P 
_struct_conf_type.criteria    ? 
_struct_conf_type.reference   ? 
# 
_struct_conn.id                            covale1 
_struct_conn.conn_type_id                  covale 
_struct_conn.pdbx_leaving_atom_flag        none 
_struct_conn.pdbx_PDB_id                   ? 
_struct_conn.ptnr1_label_asym_id           A 
_struct_conn.ptnr1_label_comp_id           LYS 
_struct_conn.ptnr1_label_seq_id            133 
_struct_conn.ptnr1_label_atom_id           NZ 
_struct_conn.pdbx_ptnr1_label_alt_id       ? 
_struct_conn.pdbx_ptnr1_PDB_ins_code       ? 
_struct_conn.pdbx_ptnr1_standard_comp_id   ? 
_struct_conn.ptnr1_symmetry                1_555 
_struct_conn.ptnr2_label_asym_id           A 
_struct_conn.ptnr2_label_comp_id           GLU 
_struct_conn.ptnr2_label_seq_id            150 
_struct_conn.ptnr2_label_atom_id           OE2 
_struct_conn.pdbx_ptnr2_label_alt_id       ? 
_struct_conn.pdbx_ptnr2_PDB_ins_code       ? 
_struct_conn.ptnr1_auth_asym_id            A 
_struct_conn.ptnr1_auth_comp_id            LYS 
_struct_conn.ptnr1_auth_seq_id             112 
_struct_conn.ptnr2_auth_asym_id            A 
_struct_conn.ptnr2_auth_comp_id            GLU 
_struct_conn.ptnr2_auth_seq_id             129 
_struct_conn.ptnr2_symmetry                1_555 
_struct_conn.pdbx_ptnr3_label_atom_id      ? 
_struct_conn.pdbx_ptnr3_label_seq_id       ? 
_struct_conn.pdbx_ptnr3_label_comp_id      ? 
_struct_conn.pdbx_ptnr3_label_asym_id      ? 
_struct_conn.pdbx_ptnr3_label_alt_id       ? 
_struct_conn.pdbx_ptnr3_PDB_ins_code       ? 
_struct_conn.details                       ? 
_struct_conn.pdbx_dist_value               1.322 
_struct_conn.pdbx_value_order              ? 
_struct_conn.pdbx_role                     ? 
# 
_struct_conn_type.id          covale 
_struct_conn_type.criteria    ? 
_struct_conn_type.reference   ? 
# 
_pdbx_modification_feature.ordinal                            1 
_pdbx_modification_feature.label_comp_id                      LYS 
_pdbx_modification_feature.label_asym_id                      A 
_pdbx_modification_feature.label_seq_id                       133 
_pdbx_modification_feature.label_alt_id                       ? 
_pdbx_modification_feature.modified_residue_label_comp_id     GLU 
_pdbx_modification_feature.modified_residue_label_asym_id     A 
_pdbx_modification_feature.modified_residue_label_seq_id      150 
_pdbx_modification_feature.modified_residue_label_alt_id      ? 
_pdbx_modification_feature.auth_comp_id                       LYS 
_pdbx_modification_feature.auth_asym_id                       A 
_pdbx_modification_feature.auth_seq_id                        112 
_pdbx_modification_feature.PDB_ins_code                       ? 
_pdbx_modification_feature.symmetry                           1_555 
_pdbx_modification_feature.modified_residue_auth_comp_id      GLU 
_pdbx_modification_feature.modified_residue_auth_asym_id      A 
_pdbx_modification_feature.modified_residue_auth_seq_id       129 
_pdbx_modification_feature.modified_residue_PDB_ins_code      ? 
_pdbx_modification_feature.modified_residue_symmetry          1_555 
_pdbx_modification_feature.comp_id_linking_atom               NZ 
_pdbx_modification_feature.modified_residue_id_linking_atom   OE2 
_pdbx_modification_feature.modified_residue_id                . 
_pdbx_modification_feature.ref_pcm_id                         . 
_pdbx_modification_feature.ref_comp_id                        . 
_pdbx_modification_feature.type                               None 
_pdbx_modification_feature.category                           'Non-standard linkage' 
# 
_struct_sheet.id               AA1 
_struct_sheet.type             ? 
_struct_sheet.number_strands   10 
_struct_sheet.details          ? 
# 
loop_
_struct_sheet_order.sheet_id 
_struct_sheet_order.range_id_1 
_struct_sheet_order.range_id_2 
_struct_sheet_order.offset 
_struct_sheet_order.sense 
AA1 1 2  ? anti-parallel 
AA1 2 3  ? anti-parallel 
AA1 3 4  ? anti-parallel 
AA1 4 5  ? anti-parallel 
AA1 5 6  ? anti-parallel 
AA1 6 7  ? anti-parallel 
AA1 7 8  ? anti-parallel 
AA1 8 9  ? anti-parallel 
AA1 9 10 ? anti-parallel 
# 
loop_
_struct_sheet_range.sheet_id 
_struct_sheet_range.id 
_struct_sheet_range.beg_label_comp_id 
_struct_sheet_range.beg_label_asym_id 
_struct_sheet_range.beg_label_seq_id 
_struct_sheet_range.pdbx_beg_PDB_ins_code 
_struct_sheet_range.end_label_comp_id 
_struct_sheet_range.end_label_asym_id 
_struct_sheet_range.end_label_seq_id 
_struct_sheet_range.pdbx_end_PDB_ins_code 
_struct_sheet_range.beg_auth_comp_id 
_struct_sheet_range.beg_auth_asym_id 
_struct_sheet_range.beg_auth_seq_id 
_struct_sheet_range.end_auth_comp_id 
_struct_sheet_range.end_auth_asym_id 
_struct_sheet_range.end_auth_seq_id 
AA1 1  GLU A 82  ? PHE A 85  ? GLU A 61  PHE A 64  
AA1 2  VAL A 69  ? GLU A 75  ? VAL A 48  GLU A 54  
AA1 3  ASN A 60  ? ASN A 66  ? ASN A 39  ASN A 45  
AA1 4  GLY A 27  ? GLU A 35  ? GLY A 6   GLU A 14  
AA1 5  VAL A 143 ? ARG A 151 ? VAL A 122 ARG A 130 
AA1 6  LYS A 133 ? MET A 140 ? LYS A 112 MET A 119 
AA1 7  LYS A 121 ? GLU A 130 ? LYS A 100 GLU A 109 
AA1 8  VAL A 111 ? TRP A 118 ? VAL A 90  TRP A 97  
AA1 9  LYS A 100 ? ASP A 108 ? LYS A 79  ASP A 87  
AA1 10 PHE A 91  ? VAL A 94  ? PHE A 70  VAL A 73  
# 
loop_
_pdbx_struct_sheet_hbond.sheet_id 
_pdbx_struct_sheet_hbond.range_id_1 
_pdbx_struct_sheet_hbond.range_id_2 
_pdbx_struct_sheet_hbond.range_1_label_atom_id 
_pdbx_struct_sheet_hbond.range_1_label_comp_id 
_pdbx_struct_sheet_hbond.range_1_label_asym_id 
_pdbx_struct_sheet_hbond.range_1_label_seq_id 
_pdbx_struct_sheet_hbond.range_1_PDB_ins_code 
_pdbx_struct_sheet_hbond.range_1_auth_atom_id 
_pdbx_struct_sheet_hbond.range_1_auth_comp_id 
_pdbx_struct_sheet_hbond.range_1_auth_asym_id 
_pdbx_struct_sheet_hbond.range_1_auth_seq_id 
_pdbx_struct_sheet_hbond.range_2_label_atom_id 
_pdbx_struct_sheet_hbond.range_2_label_comp_id 
_pdbx_struct_sheet_hbond.range_2_label_asym_id 
_pdbx_struct_sheet_hbond.range_2_label_seq_id 
_pdbx_struct_sheet_hbond.range_2_PDB_ins_code 
_pdbx_struct_sheet_hbond.range_2_auth_atom_id 
_pdbx_struct_sheet_hbond.range_2_auth_comp_id 
_pdbx_struct_sheet_hbond.range_2_auth_asym_id 
_pdbx_struct_sheet_hbond.range_2_auth_seq_id 
AA1 1 2  O PHE A 85  ? O PHE A 64  N ILE A 70  ? N ILE A 49  
AA1 2 3  O THR A 71  ? O THR A 50  N SER A 64  ? N SER A 43  
AA1 3 4  O MET A 61  ? O MET A 40  N TRP A 29  ? N TRP A 8   
AA1 4 5  N VAL A 32  ? N VAL A 11  O VAL A 148 ? O VAL A 127 
AA1 5 6  O ARG A 147 ? O ARG A 126 N VAL A 136 ? N VAL A 115 
AA1 6 7  O VAL A 135 ? O VAL A 114 N LYS A 128 ? N LYS A 107 
AA1 7 8  O LYS A 121 ? O LYS A 100 N TRP A 118 ? N TRP A 97  
AA1 8 9  O VAL A 113 ? O VAL A 92  N THR A 106 ? N THR A 85  
AA1 9 10 O VAL A 101 ? O VAL A 80  N GLU A 93  ? N GLU A 72  
# 
loop_
_struct_site.id 
_struct_site.pdbx_evidence_code 
_struct_site.pdbx_auth_asym_id 
_struct_site.pdbx_auth_comp_id 
_struct_site.pdbx_auth_seq_id 
_struct_site.pdbx_auth_ins_code 
_struct_site.pdbx_num_residues 
_struct_site.details 
AC1 Software A L96 201 ? 11 'binding site for residue L96 A 201' 
AC2 Software A PO4 202 ? 5  'binding site for residue PO4 A 202' 
AC3 Software A PO4 203 ? 7  'binding site for residue PO4 A 203' 
# 
loop_
_struct_site_gen.id 
_struct_site_gen.site_id 
_struct_site_gen.pdbx_num_res 
_struct_site_gen.label_comp_id 
_struct_site_gen.label_asym_id 
_struct_site_gen.label_seq_id 
_struct_site_gen.pdbx_auth_ins_code 
_struct_site_gen.auth_comp_id 
_struct_site_gen.auth_asym_id 
_struct_site_gen.auth_seq_id 
_struct_site_gen.label_atom_id 
_struct_site_gen.label_alt_id 
_struct_site_gen.symmetry 
_struct_site_gen.details 
1  AC1 11 PHE A 37  ? PHE A 16  . ? 1_555 ? 
2  AC1 11 MET A 41  ? MET A 20  . ? 1_555 ? 
3  AC1 11 ILE A 72  ? ILE A 51  . ? 1_555 ? 
4  AC1 11 SER A 74  ? SER A 53  . ? 1_555 ? 
5  AC1 11 SER A 76  ? SER A 55  . ? 1_555 ? 
6  AC1 11 LYS A 79  ? LYS A 58  . ? 1_555 ? 
7  AC1 11 THR A 81  ? THR A 60  . ? 1_555 ? 
8  AC1 11 ASP A 97  ? ASP A 76  . ? 1_555 ? 
9  AC1 11 ARG A 147 ? ARG A 126 . ? 1_555 ? 
10 AC1 11 TYR A 149 ? TYR A 128 . ? 1_555 ? 
11 AC1 11 HOH E .   ? HOH A 315 . ? 1_555 ? 
12 AC2 5  GLY A 47  ? GLY A 26  . ? 2_554 ? 
13 AC2 5  PHE A 48  ? PHE A 27  . ? 2_554 ? 
14 AC2 5  ASP A 131 ? ASP A 110 . ? 1_555 ? 
15 AC2 5  ASP A 132 ? ASP A 111 . ? 1_555 ? 
16 AC2 5  HOH E .   ? HOH A 361 . ? 1_555 ? 
17 AC3 7  LYS A 42  ? LYS A 21  . ? 1_555 ? 
18 AC3 7  PHE A 48  ? PHE A 27  . ? 1_555 ? 
19 AC3 7  ARG A 51  ? ARG A 30  . ? 1_555 ? 
20 AC3 7  ARG A 129 ? ARG A 108 . ? 2_555 ? 
21 AC3 7  ASP A 132 ? ASP A 111 . ? 2_555 ? 
22 AC3 7  ARG A 151 ? ARG A 130 . ? 2_555 ? 
23 AC3 7  HOH E .   ? HOH A 303 . ? 1_555 ? 
# 
_pdbx_entry_details.entry_id                   5D48 
_pdbx_entry_details.compound_details           ? 
_pdbx_entry_details.source_details             ? 
_pdbx_entry_details.nonpolymer_details         ? 
_pdbx_entry_details.sequence_details           ? 
_pdbx_entry_details.has_ligand_of_interest     ? 
_pdbx_entry_details.has_protein_modification   Y 
# 
_pdbx_validate_close_contact.id               1 
_pdbx_validate_close_contact.PDB_model_num    1 
_pdbx_validate_close_contact.auth_atom_id_1   O 
_pdbx_validate_close_contact.auth_asym_id_1   A 
_pdbx_validate_close_contact.auth_comp_id_1   HOH 
_pdbx_validate_close_contact.auth_seq_id_1    365 
_pdbx_validate_close_contact.PDB_ins_code_1   ? 
_pdbx_validate_close_contact.label_alt_id_1   ? 
_pdbx_validate_close_contact.auth_atom_id_2   O 
_pdbx_validate_close_contact.auth_asym_id_2   A 
_pdbx_validate_close_contact.auth_comp_id_2   HOH 
_pdbx_validate_close_contact.auth_seq_id_2    383 
_pdbx_validate_close_contact.PDB_ins_code_2   ? 
_pdbx_validate_close_contact.label_alt_id_2   ? 
_pdbx_validate_close_contact.dist             2.15 
# 
loop_
_pdbx_validate_rmsd_bond.id 
_pdbx_validate_rmsd_bond.PDB_model_num 
_pdbx_validate_rmsd_bond.auth_atom_id_1 
_pdbx_validate_rmsd_bond.auth_asym_id_1 
_pdbx_validate_rmsd_bond.auth_comp_id_1 
_pdbx_validate_rmsd_bond.auth_seq_id_1 
_pdbx_validate_rmsd_bond.PDB_ins_code_1 
_pdbx_validate_rmsd_bond.label_alt_id_1 
_pdbx_validate_rmsd_bond.auth_atom_id_2 
_pdbx_validate_rmsd_bond.auth_asym_id_2 
_pdbx_validate_rmsd_bond.auth_comp_id_2 
_pdbx_validate_rmsd_bond.auth_seq_id_2 
_pdbx_validate_rmsd_bond.PDB_ins_code_2 
_pdbx_validate_rmsd_bond.label_alt_id_2 
_pdbx_validate_rmsd_bond.bond_value 
_pdbx_validate_rmsd_bond.bond_target_value 
_pdbx_validate_rmsd_bond.bond_deviation 
_pdbx_validate_rmsd_bond.bond_standard_deviation 
_pdbx_validate_rmsd_bond.linker_flag 
1 1 CG  A HIS -1 ? ? CD2 A HIS -1 ? ? 1.421 1.354 0.067  0.009 N 
2 1 CD  A GLU 61 ? ? OE1 A GLU 61 ? ? 1.186 1.252 -0.066 0.011 N 
3 1 NE2 A HIS 93 ? ? CD2 A HIS 93 ? ? 1.305 1.373 -0.068 0.011 N 
# 
loop_
_pdbx_validate_torsion.id 
_pdbx_validate_torsion.PDB_model_num 
_pdbx_validate_torsion.auth_comp_id 
_pdbx_validate_torsion.auth_asym_id 
_pdbx_validate_torsion.auth_seq_id 
_pdbx_validate_torsion.PDB_ins_code 
_pdbx_validate_torsion.label_alt_id 
_pdbx_validate_torsion.phi 
_pdbx_validate_torsion.psi 
1 1 ASP A 2   ? ? -54.76 14.17   
2 1 ASP A 110 ? ? 53.56  -135.83 
3 1 LYS A 120 ? ? 61.69  -113.40 
# 
loop_
_pdbx_unobs_or_zero_occ_residues.id 
_pdbx_unobs_or_zero_occ_residues.PDB_model_num 
_pdbx_unobs_or_zero_occ_residues.polymer_flag 
_pdbx_unobs_or_zero_occ_residues.occupancy_flag 
_pdbx_unobs_or_zero_occ_residues.auth_asym_id 
_pdbx_unobs_or_zero_occ_residues.auth_comp_id 
_pdbx_unobs_or_zero_occ_residues.auth_seq_id 
_pdbx_unobs_or_zero_occ_residues.PDB_ins_code 
_pdbx_unobs_or_zero_occ_residues.label_asym_id 
_pdbx_unobs_or_zero_occ_residues.label_comp_id 
_pdbx_unobs_or_zero_occ_residues.label_seq_id 
1  1 Y 1 A MET -20 ? A MET 1  
2  1 Y 1 A GLY -19 ? A GLY 2  
3  1 Y 1 A SER -18 ? A SER 3  
4  1 Y 1 A SER -17 ? A SER 4  
5  1 Y 1 A HIS -16 ? A HIS 5  
6  1 Y 1 A HIS -15 ? A HIS 6  
7  1 Y 1 A HIS -14 ? A HIS 7  
8  1 Y 1 A HIS -13 ? A HIS 8  
9  1 Y 1 A HIS -12 ? A HIS 9  
10 1 Y 1 A HIS -11 ? A HIS 10 
11 1 Y 1 A SER -10 ? A SER 11 
12 1 Y 1 A SER -9  ? A SER 12 
13 1 Y 1 A GLY -8  ? A GLY 13 
14 1 Y 1 A LEU -7  ? A LEU 14 
15 1 Y 1 A VAL -6  ? A VAL 15 
16 1 Y 1 A PRO -5  ? A PRO 16 
# 
loop_
_chem_comp_atom.comp_id 
_chem_comp_atom.atom_id 
_chem_comp_atom.type_symbol 
_chem_comp_atom.pdbx_aromatic_flag 
_chem_comp_atom.pdbx_stereo_config 
_chem_comp_atom.pdbx_ordinal 
ALA N    N N N 1   
ALA CA   C N S 2   
ALA C    C N N 3   
ALA O    O N N 4   
ALA CB   C N N 5   
ALA OXT  O N N 6   
ALA H    H N N 7   
ALA H2   H N N 8   
ALA HA   H N N 9   
ALA HB1  H N N 10  
ALA HB2  H N N 11  
ALA HB3  H N N 12  
ALA HXT  H N N 13  
ARG N    N N N 14  
ARG CA   C N S 15  
ARG C    C N N 16  
ARG O    O N N 17  
ARG CB   C N N 18  
ARG CG   C N N 19  
ARG CD   C N N 20  
ARG NE   N N N 21  
ARG CZ   C N N 22  
ARG NH1  N N N 23  
ARG NH2  N N N 24  
ARG OXT  O N N 25  
ARG H    H N N 26  
ARG H2   H N N 27  
ARG HA   H N N 28  
ARG HB2  H N N 29  
ARG HB3  H N N 30  
ARG HG2  H N N 31  
ARG HG3  H N N 32  
ARG HD2  H N N 33  
ARG HD3  H N N 34  
ARG HE   H N N 35  
ARG HH11 H N N 36  
ARG HH12 H N N 37  
ARG HH21 H N N 38  
ARG HH22 H N N 39  
ARG HXT  H N N 40  
ASN N    N N N 41  
ASN CA   C N S 42  
ASN C    C N N 43  
ASN O    O N N 44  
ASN CB   C N N 45  
ASN CG   C N N 46  
ASN OD1  O N N 47  
ASN ND2  N N N 48  
ASN OXT  O N N 49  
ASN H    H N N 50  
ASN H2   H N N 51  
ASN HA   H N N 52  
ASN HB2  H N N 53  
ASN HB3  H N N 54  
ASN HD21 H N N 55  
ASN HD22 H N N 56  
ASN HXT  H N N 57  
ASP N    N N N 58  
ASP CA   C N S 59  
ASP C    C N N 60  
ASP O    O N N 61  
ASP CB   C N N 62  
ASP CG   C N N 63  
ASP OD1  O N N 64  
ASP OD2  O N N 65  
ASP OXT  O N N 66  
ASP H    H N N 67  
ASP H2   H N N 68  
ASP HA   H N N 69  
ASP HB2  H N N 70  
ASP HB3  H N N 71  
ASP HD2  H N N 72  
ASP HXT  H N N 73  
CYS N    N N N 74  
CYS CA   C N R 75  
CYS C    C N N 76  
CYS O    O N N 77  
CYS CB   C N N 78  
CYS SG   S N N 79  
CYS OXT  O N N 80  
CYS H    H N N 81  
CYS H2   H N N 82  
CYS HA   H N N 83  
CYS HB2  H N N 84  
CYS HB3  H N N 85  
CYS HG   H N N 86  
CYS HXT  H N N 87  
GLN N    N N N 88  
GLN CA   C N S 89  
GLN C    C N N 90  
GLN O    O N N 91  
GLN CB   C N N 92  
GLN CG   C N N 93  
GLN CD   C N N 94  
GLN OE1  O N N 95  
GLN NE2  N N N 96  
GLN OXT  O N N 97  
GLN H    H N N 98  
GLN H2   H N N 99  
GLN HA   H N N 100 
GLN HB2  H N N 101 
GLN HB3  H N N 102 
GLN HG2  H N N 103 
GLN HG3  H N N 104 
GLN HE21 H N N 105 
GLN HE22 H N N 106 
GLN HXT  H N N 107 
GLU N    N N N 108 
GLU CA   C N S 109 
GLU C    C N N 110 
GLU O    O N N 111 
GLU CB   C N N 112 
GLU CG   C N N 113 
GLU CD   C N N 114 
GLU OE1  O N N 115 
GLU OE2  O N N 116 
GLU OXT  O N N 117 
GLU H    H N N 118 
GLU H2   H N N 119 
GLU HA   H N N 120 
GLU HB2  H N N 121 
GLU HB3  H N N 122 
GLU HG2  H N N 123 
GLU HG3  H N N 124 
GLU HE2  H N N 125 
GLU HXT  H N N 126 
GLY N    N N N 127 
GLY CA   C N N 128 
GLY C    C N N 129 
GLY O    O N N 130 
GLY OXT  O N N 131 
GLY H    H N N 132 
GLY H2   H N N 133 
GLY HA2  H N N 134 
GLY HA3  H N N 135 
GLY HXT  H N N 136 
HIS N    N N N 137 
HIS CA   C N S 138 
HIS C    C N N 139 
HIS O    O N N 140 
HIS CB   C N N 141 
HIS CG   C Y N 142 
HIS ND1  N Y N 143 
HIS CD2  C Y N 144 
HIS CE1  C Y N 145 
HIS NE2  N Y N 146 
HIS OXT  O N N 147 
HIS H    H N N 148 
HIS H2   H N N 149 
HIS HA   H N N 150 
HIS HB2  H N N 151 
HIS HB3  H N N 152 
HIS HD1  H N N 153 
HIS HD2  H N N 154 
HIS HE1  H N N 155 
HIS HE2  H N N 156 
HIS HXT  H N N 157 
HOH O    O N N 158 
HOH H1   H N N 159 
HOH H2   H N N 160 
ILE N    N N N 161 
ILE CA   C N S 162 
ILE C    C N N 163 
ILE O    O N N 164 
ILE CB   C N S 165 
ILE CG1  C N N 166 
ILE CG2  C N N 167 
ILE CD1  C N N 168 
ILE OXT  O N N 169 
ILE H    H N N 170 
ILE H2   H N N 171 
ILE HA   H N N 172 
ILE HB   H N N 173 
ILE HG12 H N N 174 
ILE HG13 H N N 175 
ILE HG21 H N N 176 
ILE HG22 H N N 177 
ILE HG23 H N N 178 
ILE HD11 H N N 179 
ILE HD12 H N N 180 
ILE HD13 H N N 181 
ILE HXT  H N N 182 
L96 O1   O N N 183 
L96 C24  C N N 184 
L96 O2   O N N 185 
L96 C23  C N N 186 
L96 C22  C N N 187 
L96 N2   N Y N 188 
L96 C12  C Y N 189 
L96 C5   C Y N 190 
L96 C2   C Y N 191 
L96 C1   C Y N 192 
L96 C    C N N 193 
L96 N1   N Y N 194 
L96 N    N Y N 195 
L96 C3   C Y N 196 
L96 C4   C N N 197 
L96 C6   C Y N 198 
L96 C7   C Y N 199 
L96 C8   C Y N 200 
L96 C25  C N N 201 
L96 C26  C N N 202 
L96 C27  C N N 203 
L96 C9   C Y N 204 
L96 C10  C Y N 205 
L96 C11  C Y N 206 
L96 C13  C Y N 207 
L96 C14  C Y N 208 
L96 C15  C Y N 209 
L96 C16  C Y N 210 
L96 C17  C Y N 211 
L96 C18  C Y N 212 
L96 O    O N N 213 
L96 C19  C N N 214 
L96 C20  C N N 215 
L96 C21  C N N 216 
L96 H1   H N N 217 
L96 H2   H N N 218 
L96 H3   H N N 219 
L96 H4   H N N 220 
L96 H5   H N N 221 
L96 H6   H N N 222 
L96 H7   H N N 223 
L96 H8   H N N 224 
L96 H9   H N N 225 
L96 H10  H N N 226 
L96 H11  H N N 227 
L96 H12  H N N 228 
L96 H13  H N N 229 
L96 H14  H N N 230 
L96 H15  H N N 231 
L96 H16  H N N 232 
L96 H17  H N N 233 
L96 H18  H N N 234 
L96 H19  H N N 235 
L96 H20  H N N 236 
L96 H21  H N N 237 
L96 H22  H N N 238 
L96 H23  H N N 239 
L96 H24  H N N 240 
L96 H25  H N N 241 
L96 H26  H N N 242 
L96 H27  H N N 243 
L96 H28  H N N 244 
L96 H29  H N N 245 
L96 H30  H N N 246 
L96 H31  H N N 247 
LEU N    N N N 248 
LEU CA   C N S 249 
LEU C    C N N 250 
LEU O    O N N 251 
LEU CB   C N N 252 
LEU CG   C N N 253 
LEU CD1  C N N 254 
LEU CD2  C N N 255 
LEU OXT  O N N 256 
LEU H    H N N 257 
LEU H2   H N N 258 
LEU HA   H N N 259 
LEU HB2  H N N 260 
LEU HB3  H N N 261 
LEU HG   H N N 262 
LEU HD11 H N N 263 
LEU HD12 H N N 264 
LEU HD13 H N N 265 
LEU HD21 H N N 266 
LEU HD22 H N N 267 
LEU HD23 H N N 268 
LEU HXT  H N N 269 
LYS N    N N N 270 
LYS CA   C N S 271 
LYS C    C N N 272 
LYS O    O N N 273 
LYS CB   C N N 274 
LYS CG   C N N 275 
LYS CD   C N N 276 
LYS CE   C N N 277 
LYS NZ   N N N 278 
LYS OXT  O N N 279 
LYS H    H N N 280 
LYS H2   H N N 281 
LYS HA   H N N 282 
LYS HB2  H N N 283 
LYS HB3  H N N 284 
LYS HG2  H N N 285 
LYS HG3  H N N 286 
LYS HD2  H N N 287 
LYS HD3  H N N 288 
LYS HE2  H N N 289 
LYS HE3  H N N 290 
LYS HZ1  H N N 291 
LYS HZ2  H N N 292 
LYS HZ3  H N N 293 
LYS HXT  H N N 294 
MET N    N N N 295 
MET CA   C N S 296 
MET C    C N N 297 
MET O    O N N 298 
MET CB   C N N 299 
MET CG   C N N 300 
MET SD   S N N 301 
MET CE   C N N 302 
MET OXT  O N N 303 
MET H    H N N 304 
MET H2   H N N 305 
MET HA   H N N 306 
MET HB2  H N N 307 
MET HB3  H N N 308 
MET HG2  H N N 309 
MET HG3  H N N 310 
MET HE1  H N N 311 
MET HE2  H N N 312 
MET HE3  H N N 313 
MET HXT  H N N 314 
PHE N    N N N 315 
PHE CA   C N S 316 
PHE C    C N N 317 
PHE O    O N N 318 
PHE CB   C N N 319 
PHE CG   C Y N 320 
PHE CD1  C Y N 321 
PHE CD2  C Y N 322 
PHE CE1  C Y N 323 
PHE CE2  C Y N 324 
PHE CZ   C Y N 325 
PHE OXT  O N N 326 
PHE H    H N N 327 
PHE H2   H N N 328 
PHE HA   H N N 329 
PHE HB2  H N N 330 
PHE HB3  H N N 331 
PHE HD1  H N N 332 
PHE HD2  H N N 333 
PHE HE1  H N N 334 
PHE HE2  H N N 335 
PHE HZ   H N N 336 
PHE HXT  H N N 337 
PO4 P    P N N 338 
PO4 O1   O N N 339 
PO4 O2   O N N 340 
PO4 O3   O N N 341 
PO4 O4   O N N 342 
PRO N    N N N 343 
PRO CA   C N S 344 
PRO C    C N N 345 
PRO O    O N N 346 
PRO CB   C N N 347 
PRO CG   C N N 348 
PRO CD   C N N 349 
PRO OXT  O N N 350 
PRO H    H N N 351 
PRO HA   H N N 352 
PRO HB2  H N N 353 
PRO HB3  H N N 354 
PRO HG2  H N N 355 
PRO HG3  H N N 356 
PRO HD2  H N N 357 
PRO HD3  H N N 358 
PRO HXT  H N N 359 
SER N    N N N 360 
SER CA   C N S 361 
SER C    C N N 362 
SER O    O N N 363 
SER CB   C N N 364 
SER OG   O N N 365 
SER OXT  O N N 366 
SER H    H N N 367 
SER H2   H N N 368 
SER HA   H N N 369 
SER HB2  H N N 370 
SER HB3  H N N 371 
SER HG   H N N 372 
SER HXT  H N N 373 
THR N    N N N 374 
THR CA   C N S 375 
THR C    C N N 376 
THR O    O N N 377 
THR CB   C N R 378 
THR OG1  O N N 379 
THR CG2  C N N 380 
THR OXT  O N N 381 
THR H    H N N 382 
THR H2   H N N 383 
THR HA   H N N 384 
THR HB   H N N 385 
THR HG1  H N N 386 
THR HG21 H N N 387 
THR HG22 H N N 388 
THR HG23 H N N 389 
THR HXT  H N N 390 
TRP N    N N N 391 
TRP CA   C N S 392 
TRP C    C N N 393 
TRP O    O N N 394 
TRP CB   C N N 395 
TRP CG   C Y N 396 
TRP CD1  C Y N 397 
TRP CD2  C Y N 398 
TRP NE1  N Y N 399 
TRP CE2  C Y N 400 
TRP CE3  C Y N 401 
TRP CZ2  C Y N 402 
TRP CZ3  C Y N 403 
TRP CH2  C Y N 404 
TRP OXT  O N N 405 
TRP H    H N N 406 
TRP H2   H N N 407 
TRP HA   H N N 408 
TRP HB2  H N N 409 
TRP HB3  H N N 410 
TRP HD1  H N N 411 
TRP HE1  H N N 412 
TRP HE3  H N N 413 
TRP HZ2  H N N 414 
TRP HZ3  H N N 415 
TRP HH2  H N N 416 
TRP HXT  H N N 417 
TYR N    N N N 418 
TYR CA   C N S 419 
TYR C    C N N 420 
TYR O    O N N 421 
TYR CB   C N N 422 
TYR CG   C Y N 423 
TYR CD1  C Y N 424 
TYR CD2  C Y N 425 
TYR CE1  C Y N 426 
TYR CE2  C Y N 427 
TYR CZ   C Y N 428 
TYR OH   O N N 429 
TYR OXT  O N N 430 
TYR H    H N N 431 
TYR H2   H N N 432 
TYR HA   H N N 433 
TYR HB2  H N N 434 
TYR HB3  H N N 435 
TYR HD1  H N N 436 
TYR HD2  H N N 437 
TYR HE1  H N N 438 
TYR HE2  H N N 439 
TYR HH   H N N 440 
TYR HXT  H N N 441 
VAL N    N N N 442 
VAL CA   C N S 443 
VAL C    C N N 444 
VAL O    O N N 445 
VAL CB   C N N 446 
VAL CG1  C N N 447 
VAL CG2  C N N 448 
VAL OXT  O N N 449 
VAL H    H N N 450 
VAL H2   H N N 451 
VAL HA   H N N 452 
VAL HB   H N N 453 
VAL HG11 H N N 454 
VAL HG12 H N N 455 
VAL HG13 H N N 456 
VAL HG21 H N N 457 
VAL HG22 H N N 458 
VAL HG23 H N N 459 
VAL HXT  H N N 460 
# 
loop_
_chem_comp_bond.comp_id 
_chem_comp_bond.atom_id_1 
_chem_comp_bond.atom_id_2 
_chem_comp_bond.value_order 
_chem_comp_bond.pdbx_aromatic_flag 
_chem_comp_bond.pdbx_stereo_config 
_chem_comp_bond.pdbx_ordinal 
ALA N   CA   sing N N 1   
ALA N   H    sing N N 2   
ALA N   H2   sing N N 3   
ALA CA  C    sing N N 4   
ALA CA  CB   sing N N 5   
ALA CA  HA   sing N N 6   
ALA C   O    doub N N 7   
ALA C   OXT  sing N N 8   
ALA CB  HB1  sing N N 9   
ALA CB  HB2  sing N N 10  
ALA CB  HB3  sing N N 11  
ALA OXT HXT  sing N N 12  
ARG N   CA   sing N N 13  
ARG N   H    sing N N 14  
ARG N   H2   sing N N 15  
ARG CA  C    sing N N 16  
ARG CA  CB   sing N N 17  
ARG CA  HA   sing N N 18  
ARG C   O    doub N N 19  
ARG C   OXT  sing N N 20  
ARG CB  CG   sing N N 21  
ARG CB  HB2  sing N N 22  
ARG CB  HB3  sing N N 23  
ARG CG  CD   sing N N 24  
ARG CG  HG2  sing N N 25  
ARG CG  HG3  sing N N 26  
ARG CD  NE   sing N N 27  
ARG CD  HD2  sing N N 28  
ARG CD  HD3  sing N N 29  
ARG NE  CZ   sing N N 30  
ARG NE  HE   sing N N 31  
ARG CZ  NH1  sing N N 32  
ARG CZ  NH2  doub N N 33  
ARG NH1 HH11 sing N N 34  
ARG NH1 HH12 sing N N 35  
ARG NH2 HH21 sing N N 36  
ARG NH2 HH22 sing N N 37  
ARG OXT HXT  sing N N 38  
ASN N   CA   sing N N 39  
ASN N   H    sing N N 40  
ASN N   H2   sing N N 41  
ASN CA  C    sing N N 42  
ASN CA  CB   sing N N 43  
ASN CA  HA   sing N N 44  
ASN C   O    doub N N 45  
ASN C   OXT  sing N N 46  
ASN CB  CG   sing N N 47  
ASN CB  HB2  sing N N 48  
ASN CB  HB3  sing N N 49  
ASN CG  OD1  doub N N 50  
ASN CG  ND2  sing N N 51  
ASN ND2 HD21 sing N N 52  
ASN ND2 HD22 sing N N 53  
ASN OXT HXT  sing N N 54  
ASP N   CA   sing N N 55  
ASP N   H    sing N N 56  
ASP N   H2   sing N N 57  
ASP CA  C    sing N N 58  
ASP CA  CB   sing N N 59  
ASP CA  HA   sing N N 60  
ASP C   O    doub N N 61  
ASP C   OXT  sing N N 62  
ASP CB  CG   sing N N 63  
ASP CB  HB2  sing N N 64  
ASP CB  HB3  sing N N 65  
ASP CG  OD1  doub N N 66  
ASP CG  OD2  sing N N 67  
ASP OD2 HD2  sing N N 68  
ASP OXT HXT  sing N N 69  
CYS N   CA   sing N N 70  
CYS N   H    sing N N 71  
CYS N   H2   sing N N 72  
CYS CA  C    sing N N 73  
CYS CA  CB   sing N N 74  
CYS CA  HA   sing N N 75  
CYS C   O    doub N N 76  
CYS C   OXT  sing N N 77  
CYS CB  SG   sing N N 78  
CYS CB  HB2  sing N N 79  
CYS CB  HB3  sing N N 80  
CYS SG  HG   sing N N 81  
CYS OXT HXT  sing N N 82  
GLN N   CA   sing N N 83  
GLN N   H    sing N N 84  
GLN N   H2   sing N N 85  
GLN CA  C    sing N N 86  
GLN CA  CB   sing N N 87  
GLN CA  HA   sing N N 88  
GLN C   O    doub N N 89  
GLN C   OXT  sing N N 90  
GLN CB  CG   sing N N 91  
GLN CB  HB2  sing N N 92  
GLN CB  HB3  sing N N 93  
GLN CG  CD   sing N N 94  
GLN CG  HG2  sing N N 95  
GLN CG  HG3  sing N N 96  
GLN CD  OE1  doub N N 97  
GLN CD  NE2  sing N N 98  
GLN NE2 HE21 sing N N 99  
GLN NE2 HE22 sing N N 100 
GLN OXT HXT  sing N N 101 
GLU N   CA   sing N N 102 
GLU N   H    sing N N 103 
GLU N   H2   sing N N 104 
GLU CA  C    sing N N 105 
GLU CA  CB   sing N N 106 
GLU CA  HA   sing N N 107 
GLU C   O    doub N N 108 
GLU C   OXT  sing N N 109 
GLU CB  CG   sing N N 110 
GLU CB  HB2  sing N N 111 
GLU CB  HB3  sing N N 112 
GLU CG  CD   sing N N 113 
GLU CG  HG2  sing N N 114 
GLU CG  HG3  sing N N 115 
GLU CD  OE1  doub N N 116 
GLU CD  OE2  sing N N 117 
GLU OE2 HE2  sing N N 118 
GLU OXT HXT  sing N N 119 
GLY N   CA   sing N N 120 
GLY N   H    sing N N 121 
GLY N   H2   sing N N 122 
GLY CA  C    sing N N 123 
GLY CA  HA2  sing N N 124 
GLY CA  HA3  sing N N 125 
GLY C   O    doub N N 126 
GLY C   OXT  sing N N 127 
GLY OXT HXT  sing N N 128 
HIS N   CA   sing N N 129 
HIS N   H    sing N N 130 
HIS N   H2   sing N N 131 
HIS CA  C    sing N N 132 
HIS CA  CB   sing N N 133 
HIS CA  HA   sing N N 134 
HIS C   O    doub N N 135 
HIS C   OXT  sing N N 136 
HIS CB  CG   sing N N 137 
HIS CB  HB2  sing N N 138 
HIS CB  HB3  sing N N 139 
HIS CG  ND1  sing Y N 140 
HIS CG  CD2  doub Y N 141 
HIS ND1 CE1  doub Y N 142 
HIS ND1 HD1  sing N N 143 
HIS CD2 NE2  sing Y N 144 
HIS CD2 HD2  sing N N 145 
HIS CE1 NE2  sing Y N 146 
HIS CE1 HE1  sing N N 147 
HIS NE2 HE2  sing N N 148 
HIS OXT HXT  sing N N 149 
HOH O   H1   sing N N 150 
HOH O   H2   sing N N 151 
ILE N   CA   sing N N 152 
ILE N   H    sing N N 153 
ILE N   H2   sing N N 154 
ILE CA  C    sing N N 155 
ILE CA  CB   sing N N 156 
ILE CA  HA   sing N N 157 
ILE C   O    doub N N 158 
ILE C   OXT  sing N N 159 
ILE CB  CG1  sing N N 160 
ILE CB  CG2  sing N N 161 
ILE CB  HB   sing N N 162 
ILE CG1 CD1  sing N N 163 
ILE CG1 HG12 sing N N 164 
ILE CG1 HG13 sing N N 165 
ILE CG2 HG21 sing N N 166 
ILE CG2 HG22 sing N N 167 
ILE CG2 HG23 sing N N 168 
ILE CD1 HD11 sing N N 169 
ILE CD1 HD12 sing N N 170 
ILE CD1 HD13 sing N N 171 
ILE OXT HXT  sing N N 172 
L96 C16 C15  doub Y N 173 
L96 C16 C17  sing Y N 174 
L96 C15 C14  sing Y N 175 
L96 O   C17  sing N N 176 
L96 O   C19  sing N N 177 
L96 C17 C18  doub Y N 178 
L96 C21 C19  sing N N 179 
L96 O1  C24  doub N N 180 
L96 C20 C19  sing N N 181 
L96 C14 C13  doub Y N 182 
L96 C18 C13  sing Y N 183 
L96 C24 O2   sing N N 184 
L96 C24 C23  sing N N 185 
L96 C13 C12  sing N N 186 
L96 C23 C22  sing N N 187 
L96 C22 N2   sing N N 188 
L96 C12 N2   sing Y N 189 
L96 C12 C5   doub Y N 190 
L96 N2  C11  sing Y N 191 
L96 C   C1   sing N N 192 
L96 N1  C1   sing Y N 193 
L96 N1  N    sing Y N 194 
L96 C1  C2   doub Y N 195 
L96 N   C3   doub Y N 196 
L96 C2  C3   sing Y N 197 
L96 C2  C5   sing N N 198 
L96 C3  C4   sing N N 199 
L96 C5  C6   sing Y N 200 
L96 C11 C6   sing Y N 201 
L96 C11 C10  doub Y N 202 
L96 C6  C7   doub Y N 203 
L96 C10 C9   sing Y N 204 
L96 C7  C8   sing Y N 205 
L96 C9  C8   doub Y N 206 
L96 C8  C25  sing N N 207 
L96 C25 C26  sing N N 208 
L96 C25 C27  sing N N 209 
L96 C26 C27  sing N N 210 
L96 O2  H1   sing N N 211 
L96 C23 H2   sing N N 212 
L96 C23 H3   sing N N 213 
L96 C22 H4   sing N N 214 
L96 C22 H5   sing N N 215 
L96 C   H6   sing N N 216 
L96 C   H7   sing N N 217 
L96 C   H8   sing N N 218 
L96 N1  H9   sing N N 219 
L96 C4  H10  sing N N 220 
L96 C4  H11  sing N N 221 
L96 C4  H12  sing N N 222 
L96 C7  H13  sing N N 223 
L96 C25 H14  sing N N 224 
L96 C26 H15  sing N N 225 
L96 C26 H16  sing N N 226 
L96 C27 H17  sing N N 227 
L96 C27 H18  sing N N 228 
L96 C9  H19  sing N N 229 
L96 C10 H20  sing N N 230 
L96 C14 H21  sing N N 231 
L96 C15 H22  sing N N 232 
L96 C16 H23  sing N N 233 
L96 C18 H24  sing N N 234 
L96 C19 H25  sing N N 235 
L96 C20 H26  sing N N 236 
L96 C20 H27  sing N N 237 
L96 C20 H28  sing N N 238 
L96 C21 H29  sing N N 239 
L96 C21 H30  sing N N 240 
L96 C21 H31  sing N N 241 
LEU N   CA   sing N N 242 
LEU N   H    sing N N 243 
LEU N   H2   sing N N 244 
LEU CA  C    sing N N 245 
LEU CA  CB   sing N N 246 
LEU CA  HA   sing N N 247 
LEU C   O    doub N N 248 
LEU C   OXT  sing N N 249 
LEU CB  CG   sing N N 250 
LEU CB  HB2  sing N N 251 
LEU CB  HB3  sing N N 252 
LEU CG  CD1  sing N N 253 
LEU CG  CD2  sing N N 254 
LEU CG  HG   sing N N 255 
LEU CD1 HD11 sing N N 256 
LEU CD1 HD12 sing N N 257 
LEU CD1 HD13 sing N N 258 
LEU CD2 HD21 sing N N 259 
LEU CD2 HD22 sing N N 260 
LEU CD2 HD23 sing N N 261 
LEU OXT HXT  sing N N 262 
LYS N   CA   sing N N 263 
LYS N   H    sing N N 264 
LYS N   H2   sing N N 265 
LYS CA  C    sing N N 266 
LYS CA  CB   sing N N 267 
LYS CA  HA   sing N N 268 
LYS C   O    doub N N 269 
LYS C   OXT  sing N N 270 
LYS CB  CG   sing N N 271 
LYS CB  HB2  sing N N 272 
LYS CB  HB3  sing N N 273 
LYS CG  CD   sing N N 274 
LYS CG  HG2  sing N N 275 
LYS CG  HG3  sing N N 276 
LYS CD  CE   sing N N 277 
LYS CD  HD2  sing N N 278 
LYS CD  HD3  sing N N 279 
LYS CE  NZ   sing N N 280 
LYS CE  HE2  sing N N 281 
LYS CE  HE3  sing N N 282 
LYS NZ  HZ1  sing N N 283 
LYS NZ  HZ2  sing N N 284 
LYS NZ  HZ3  sing N N 285 
LYS OXT HXT  sing N N 286 
MET N   CA   sing N N 287 
MET N   H    sing N N 288 
MET N   H2   sing N N 289 
MET CA  C    sing N N 290 
MET CA  CB   sing N N 291 
MET CA  HA   sing N N 292 
MET C   O    doub N N 293 
MET C   OXT  sing N N 294 
MET CB  CG   sing N N 295 
MET CB  HB2  sing N N 296 
MET CB  HB3  sing N N 297 
MET CG  SD   sing N N 298 
MET CG  HG2  sing N N 299 
MET CG  HG3  sing N N 300 
MET SD  CE   sing N N 301 
MET CE  HE1  sing N N 302 
MET CE  HE2  sing N N 303 
MET CE  HE3  sing N N 304 
MET OXT HXT  sing N N 305 
PHE N   CA   sing N N 306 
PHE N   H    sing N N 307 
PHE N   H2   sing N N 308 
PHE CA  C    sing N N 309 
PHE CA  CB   sing N N 310 
PHE CA  HA   sing N N 311 
PHE C   O    doub N N 312 
PHE C   OXT  sing N N 313 
PHE CB  CG   sing N N 314 
PHE CB  HB2  sing N N 315 
PHE CB  HB3  sing N N 316 
PHE CG  CD1  doub Y N 317 
PHE CG  CD2  sing Y N 318 
PHE CD1 CE1  sing Y N 319 
PHE CD1 HD1  sing N N 320 
PHE CD2 CE2  doub Y N 321 
PHE CD2 HD2  sing N N 322 
PHE CE1 CZ   doub Y N 323 
PHE CE1 HE1  sing N N 324 
PHE CE2 CZ   sing Y N 325 
PHE CE2 HE2  sing N N 326 
PHE CZ  HZ   sing N N 327 
PHE OXT HXT  sing N N 328 
PO4 P   O1   doub N N 329 
PO4 P   O2   sing N N 330 
PO4 P   O3   sing N N 331 
PO4 P   O4   sing N N 332 
PRO N   CA   sing N N 333 
PRO N   CD   sing N N 334 
PRO N   H    sing N N 335 
PRO CA  C    sing N N 336 
PRO CA  CB   sing N N 337 
PRO CA  HA   sing N N 338 
PRO C   O    doub N N 339 
PRO C   OXT  sing N N 340 
PRO CB  CG   sing N N 341 
PRO CB  HB2  sing N N 342 
PRO CB  HB3  sing N N 343 
PRO CG  CD   sing N N 344 
PRO CG  HG2  sing N N 345 
PRO CG  HG3  sing N N 346 
PRO CD  HD2  sing N N 347 
PRO CD  HD3  sing N N 348 
PRO OXT HXT  sing N N 349 
SER N   CA   sing N N 350 
SER N   H    sing N N 351 
SER N   H2   sing N N 352 
SER CA  C    sing N N 353 
SER CA  CB   sing N N 354 
SER CA  HA   sing N N 355 
SER C   O    doub N N 356 
SER C   OXT  sing N N 357 
SER CB  OG   sing N N 358 
SER CB  HB2  sing N N 359 
SER CB  HB3  sing N N 360 
SER OG  HG   sing N N 361 
SER OXT HXT  sing N N 362 
THR N   CA   sing N N 363 
THR N   H    sing N N 364 
THR N   H2   sing N N 365 
THR CA  C    sing N N 366 
THR CA  CB   sing N N 367 
THR CA  HA   sing N N 368 
THR C   O    doub N N 369 
THR C   OXT  sing N N 370 
THR CB  OG1  sing N N 371 
THR CB  CG2  sing N N 372 
THR CB  HB   sing N N 373 
THR OG1 HG1  sing N N 374 
THR CG2 HG21 sing N N 375 
THR CG2 HG22 sing N N 376 
THR CG2 HG23 sing N N 377 
THR OXT HXT  sing N N 378 
TRP N   CA   sing N N 379 
TRP N   H    sing N N 380 
TRP N   H2   sing N N 381 
TRP CA  C    sing N N 382 
TRP CA  CB   sing N N 383 
TRP CA  HA   sing N N 384 
TRP C   O    doub N N 385 
TRP C   OXT  sing N N 386 
TRP CB  CG   sing N N 387 
TRP CB  HB2  sing N N 388 
TRP CB  HB3  sing N N 389 
TRP CG  CD1  doub Y N 390 
TRP CG  CD2  sing Y N 391 
TRP CD1 NE1  sing Y N 392 
TRP CD1 HD1  sing N N 393 
TRP CD2 CE2  doub Y N 394 
TRP CD2 CE3  sing Y N 395 
TRP NE1 CE2  sing Y N 396 
TRP NE1 HE1  sing N N 397 
TRP CE2 CZ2  sing Y N 398 
TRP CE3 CZ3  doub Y N 399 
TRP CE3 HE3  sing N N 400 
TRP CZ2 CH2  doub Y N 401 
TRP CZ2 HZ2  sing N N 402 
TRP CZ3 CH2  sing Y N 403 
TRP CZ3 HZ3  sing N N 404 
TRP CH2 HH2  sing N N 405 
TRP OXT HXT  sing N N 406 
TYR N   CA   sing N N 407 
TYR N   H    sing N N 408 
TYR N   H2   sing N N 409 
TYR CA  C    sing N N 410 
TYR CA  CB   sing N N 411 
TYR CA  HA   sing N N 412 
TYR C   O    doub N N 413 
TYR C   OXT  sing N N 414 
TYR CB  CG   sing N N 415 
TYR CB  HB2  sing N N 416 
TYR CB  HB3  sing N N 417 
TYR CG  CD1  doub Y N 418 
TYR CG  CD2  sing Y N 419 
TYR CD1 CE1  sing Y N 420 
TYR CD1 HD1  sing N N 421 
TYR CD2 CE2  doub Y N 422 
TYR CD2 HD2  sing N N 423 
TYR CE1 CZ   doub Y N 424 
TYR CE1 HE1  sing N N 425 
TYR CE2 CZ   sing Y N 426 
TYR CE2 HE2  sing N N 427 
TYR CZ  OH   sing N N 428 
TYR OH  HH   sing N N 429 
TYR OXT HXT  sing N N 430 
VAL N   CA   sing N N 431 
VAL N   H    sing N N 432 
VAL N   H2   sing N N 433 
VAL CA  C    sing N N 434 
VAL CA  CB   sing N N 435 
VAL CA  HA   sing N N 436 
VAL C   O    doub N N 437 
VAL C   OXT  sing N N 438 
VAL CB  CG1  sing N N 439 
VAL CB  CG2  sing N N 440 
VAL CB  HB   sing N N 441 
VAL CG1 HG11 sing N N 442 
VAL CG1 HG12 sing N N 443 
VAL CG1 HG13 sing N N 444 
VAL CG2 HG21 sing N N 445 
VAL CG2 HG22 sing N N 446 
VAL CG2 HG23 sing N N 447 
VAL OXT HXT  sing N N 448 
# 
_pdbx_initial_refinement_model.id               1 
_pdbx_initial_refinement_model.entity_id_list   ? 
_pdbx_initial_refinement_model.type             'experimental model' 
_pdbx_initial_refinement_model.source_name      PDB 
_pdbx_initial_refinement_model.accession_code   2HNX 
_pdbx_initial_refinement_model.details          ? 
# 
_atom_sites.entry_id                    5D48 
_atom_sites.fract_transf_matrix[1][1]   -0.01032899 
_atom_sites.fract_transf_matrix[1][2]   -0.01329204 
_atom_sites.fract_transf_matrix[1][3]   0.02623599 
_atom_sites.fract_transf_matrix[2][1]   0.00082748 
_atom_sites.fract_transf_matrix[2][2]   -0.01671568 
_atom_sites.fract_transf_matrix[2][3]   -0.00814296 
_atom_sites.fract_transf_matrix[3][1]   0.01261009 
_atom_sites.fract_transf_matrix[3][2]   -0.00143905 
_atom_sites.fract_transf_matrix[3][3]   0.00423547 
_atom_sites.fract_transf_vector[1]      0.239127 
_atom_sites.fract_transf_vector[2]      0.187289 
_atom_sites.fract_transf_vector[3]      0.194783 
# 
loop_
_atom_type.symbol 
C 
N 
O 
P 
S 
# 
loop_
_atom_site.group_PDB 
_atom_site.id 
_atom_site.type_symbol 
_atom_site.label_atom_id 
_atom_site.label_alt_id 
_atom_site.label_comp_id 
_atom_site.label_asym_id 
_atom_site.label_entity_id 
_atom_site.label_seq_id 
_atom_site.pdbx_PDB_ins_code 
_atom_site.Cartn_x 
_atom_site.Cartn_y 
_atom_site.Cartn_z 
_atom_site.occupancy 
_atom_site.B_iso_or_equiv 
_atom_site.pdbx_formal_charge 
_atom_site.auth_seq_id 
_atom_site.auth_comp_id 
_atom_site.auth_asym_id 
_atom_site.auth_atom_id 
_atom_site.pdbx_PDB_model_num 
ATOM   1    N N   . ARG A 1 17  ? -18.501 -11.579 -13.688 1.00 82.61  ? -4  ARG A N   1 
ATOM   2    C CA  . ARG A 1 17  ? -18.028 -10.301 -14.196 1.00 86.86  ? -4  ARG A CA  1 
ATOM   3    C C   . ARG A 1 17  ? -18.915 -9.123  -13.860 1.00 87.83  ? -4  ARG A C   1 
ATOM   4    O O   . ARG A 1 17  ? -18.904 -8.142  -14.585 1.00 91.39  ? -4  ARG A O   1 
ATOM   5    C CB  . ARG A 1 17  ? -17.831 -10.330 -15.719 1.00 89.11  ? -4  ARG A CB  1 
ATOM   6    C CG  . ARG A 1 17  ? -19.087 -10.566 -16.533 1.00 96.11  ? -4  ARG A CG  1 
ATOM   7    C CD  . ARG A 1 17  ? -19.279 -9.458  -17.552 1.00 101.58 ? -4  ARG A CD  1 
ATOM   8    N NE  . ARG A 1 17  ? -18.043 -9.328  -18.284 1.00 112.07 ? -4  ARG A NE  1 
ATOM   9    C CZ  . ARG A 1 17  ? -17.434 -10.374 -18.821 1.00 116.72 ? -4  ARG A CZ  1 
ATOM   10   N NH1 . ARG A 1 17  ? -16.281 -10.228 -19.462 1.00 107.17 ? -4  ARG A NH1 1 
ATOM   11   N NH2 . ARG A 1 17  ? -18.044 -11.576 -18.738 1.00 118.54 ? -4  ARG A NH2 1 
ATOM   12   N N   . GLY A 1 18  ? -19.651 -9.199  -12.763 1.00 78.81  ? -3  GLY A N   1 
ATOM   13   C CA  . GLY A 1 18  ? -20.394 -8.051  -12.302 1.00 73.01  ? -3  GLY A CA  1 
ATOM   14   C C   . GLY A 1 18  ? -19.564 -7.412  -11.227 1.00 71.05  ? -3  GLY A C   1 
ATOM   15   O O   . GLY A 1 18  ? -18.380 -7.602  -11.272 1.00 72.84  ? -3  GLY A O   1 
ATOM   16   N N   . SER A 1 19  ? -20.192 -6.685  -10.297 1.00 69.20  ? -2  SER A N   1 
ATOM   17   C CA  . SER A 1 19  ? -19.537 -5.999  -9.153  1.00 64.32  ? -2  SER A CA  1 
ATOM   18   C C   . SER A 1 19  ? -18.853 -6.928  -8.151  1.00 60.86  ? -2  SER A C   1 
ATOM   19   O O   . SER A 1 19  ? -19.248 -8.053  -7.972  1.00 59.88  ? -2  SER A O   1 
ATOM   20   C CB  . SER A 1 19  ? -20.539 -5.114  -8.402  1.00 64.50  ? -2  SER A CB  1 
ATOM   21   O OG  . SER A 1 19  ? -20.050 -3.810  -8.185  1.00 63.10  ? -2  SER A OG  1 
ATOM   22   N N   . HIS A 1 20  ? -17.806 -6.397  -7.525  1.00 56.31  ? -1  HIS A N   1 
ATOM   23   C CA  . HIS A 1 20  ? -16.967 -6.978  -6.486  1.00 47.83  ? -1  HIS A CA  1 
ATOM   24   C C   . HIS A 1 20  ? -17.361 -6.050  -5.385  1.00 39.83  ? -1  HIS A C   1 
ATOM   25   O O   . HIS A 1 20  ? -17.683 -4.906  -5.600  1.00 30.62  ? -1  HIS A O   1 
ATOM   26   C CB  . HIS A 1 20  ? -15.475 -6.609  -6.810  1.00 58.03  ? -1  HIS A CB  1 
ATOM   27   C CG  . HIS A 1 20  ? -14.360 -7.654  -6.433  1.00 69.37  ? -1  HIS A CG  1 
ATOM   28   N ND1 . HIS A 1 20  ? -14.013 -7.957  -5.144  1.00 69.85  ? -1  HIS A ND1 1 
ATOM   29   C CD2 . HIS A 1 20  ? -13.399 -8.309  -7.250  1.00 63.22  ? -1  HIS A CD2 1 
ATOM   30   C CE1 . HIS A 1 20  ? -12.953 -8.810  -5.166  1.00 65.00  ? -1  HIS A CE1 1 
ATOM   31   N NE2 . HIS A 1 20  ? -12.593 -9.023  -6.449  1.00 58.41  ? -1  HIS A NE2 1 
ATOM   32   N N   . MET A 1 21  ? -17.223 -6.468  -4.172  1.00 33.21  ? 0   MET A N   1 
ATOM   33   C CA  . MET A 1 21  ? -17.156 -5.492  -3.146  1.00 31.02  ? 0   MET A CA  1 
ATOM   34   C C   . MET A 1 21  ? -15.903 -4.586  -3.228  1.00 32.26  ? 0   MET A C   1 
ATOM   35   O O   . MET A 1 21  ? -15.925 -3.480  -2.778  1.00 29.54  ? 0   MET A O   1 
ATOM   36   C CB  . MET A 1 21  ? -17.135 -6.202  -1.838  1.00 35.94  ? 0   MET A CB  1 
ATOM   37   C CG  . MET A 1 21  ? -17.020 -5.236  -0.729  0.50 32.96  ? 0   MET A CG  1 
ATOM   38   S SD  . MET A 1 21  ? -15.387 -5.345  -0.094  0.50 34.08  ? 0   MET A SD  1 
ATOM   39   C CE  . MET A 1 21  ? -15.539 -6.998  0.573   0.50 33.10  ? 0   MET A CE  1 
ATOM   40   N N   . CYS A 1 22  ? -14.814 -5.109  -3.769  1.00 32.60  ? 1   CYS A N   1 
ATOM   41   C CA  . CYS A 1 22  ? -13.562 -4.364  -3.951  1.00 35.03  ? 1   CYS A CA  1 
ATOM   42   C C   . CYS A 1 22  ? -13.849 -3.143  -4.836  1.00 31.32  ? 1   CYS A C   1 
ATOM   43   O O   . CYS A 1 22  ? -13.307 -2.120  -4.652  1.00 29.20  ? 1   CYS A O   1 
ATOM   44   C CB  . CYS A 1 22  ? -12.445 -5.274  -4.510  1.00 38.73  ? 1   CYS A CB  1 
ATOM   45   S SG  . CYS A 1 22  ? -10.929 -5.487  -3.504  1.00 51.84  ? 1   CYS A SG  1 
ATOM   46   N N   . ASP A 1 23  ? -14.791 -3.257  -5.743  1.00 28.24  ? 2   ASP A N   1 
ATOM   47   C CA  . ASP A 1 23  ? -15.204 -2.057  -6.450  1.00 35.55  ? 2   ASP A CA  1 
ATOM   48   C C   . ASP A 1 23  ? -15.653 -0.873  -5.499  1.00 40.20  ? 2   ASP A C   1 
ATOM   49   O O   . ASP A 1 23  ? -16.199 0.058   -5.974  1.00 48.71  ? 2   ASP A O   1 
ATOM   50   C CB  . ASP A 1 23  ? -16.143 -2.369  -7.625  1.00 39.79  ? 2   ASP A CB  1 
ATOM   51   C CG  . ASP A 1 23  ? -15.490 -3.275  -8.717  1.00 42.02  ? 2   ASP A CG  1 
ATOM   52   O OD1 . ASP A 1 23  ? -14.820 -2.845  -9.634  1.00 46.81  ? 2   ASP A OD1 1 
ATOM   53   O OD2 . ASP A 1 23  ? -15.690 -4.451  -8.693  1.00 48.28  ? 2   ASP A OD2 1 
ATOM   54   N N   . ALA A 1 24  ? -15.359 -0.929  -4.171  1.00 36.35  ? 3   ALA A N   1 
ATOM   55   C CA  . ALA A 1 24  ? -15.307 0.219   -3.195  1.00 28.55  ? 3   ALA A CA  1 
ATOM   56   C C   . ALA A 1 24  ? -13.892 0.905   -3.083  1.00 26.41  ? 3   ALA A C   1 
ATOM   57   O O   . ALA A 1 24  ? -13.715 1.943   -2.456  1.00 23.67  ? 3   ALA A O   1 
ATOM   58   C CB  . ALA A 1 24  ? -15.596 -0.239  -1.815  1.00 27.14  ? 3   ALA A CB  1 
ATOM   59   N N   . PHE A 1 25  ? -12.916 0.218   -3.606  1.00 20.46  ? 4   PHE A N   1 
ATOM   60   C CA  . PHE A 1 25  ? -11.552 0.673   -3.613  1.00 19.29  ? 4   PHE A CA  1 
ATOM   61   C C   . PHE A 1 25  ? -11.234 1.262   -4.946  1.00 18.78  ? 4   PHE A C   1 
ATOM   62   O O   . PHE A 1 25  ? -10.327 1.990   -5.051  1.00 18.30  ? 4   PHE A O   1 
ATOM   63   C CB  . PHE A 1 25  ? -10.595 -0.475  -3.314  1.00 18.41  ? 4   PHE A CB  1 
ATOM   64   C CG  . PHE A 1 25  ? -10.615 -0.927  -1.906  1.00 18.76  ? 4   PHE A CG  1 
ATOM   65   C CD1 . PHE A 1 25  ? -9.996  -0.219  -0.916  1.00 18.07  ? 4   PHE A CD1 1 
ATOM   66   C CD2 . PHE A 1 25  ? -11.272 -2.062  -1.574  1.00 18.99  ? 4   PHE A CD2 1 
ATOM   67   C CE1 . PHE A 1 25  ? -10.039 -0.636  0.372   1.00 18.54  ? 4   PHE A CE1 1 
ATOM   68   C CE2 . PHE A 1 25  ? -11.294 -2.493  -0.269  1.00 19.38  ? 4   PHE A CE2 1 
ATOM   69   C CZ  . PHE A 1 25  ? -10.680 -1.790  0.691   1.00 20.25  ? 4   PHE A CZ  1 
ATOM   70   N N   . VAL A 1 26  ? -11.988 0.907   -5.961  1.00 15.68  ? 5   VAL A N   1 
ATOM   71   C CA  . VAL A 1 26  ? -11.631 1.302   -7.306  1.00 15.27  ? 5   VAL A CA  1 
ATOM   72   C C   . VAL A 1 26  ? -11.639 2.817   -7.491  1.00 17.27  ? 5   VAL A C   1 
ATOM   73   O O   . VAL A 1 26  ? -12.532 3.467   -7.060  1.00 18.02  ? 5   VAL A O   1 
ATOM   74   C CB  . VAL A 1 26  ? -12.496 0.571   -8.329  1.00 15.92  ? 5   VAL A CB  1 
ATOM   75   C CG1 . VAL A 1 26  ? -12.304 1.112   -9.698  1.00 19.10  ? 5   VAL A CG1 1 
ATOM   76   C CG2 . VAL A 1 26  ? -12.121 -0.868  -8.348  1.00 17.70  ? 5   VAL A CG2 1 
ATOM   77   N N   . GLY A 1 27  ? -10.607 3.330   -8.138  1.00 16.76  ? 6   GLY A N   1 
ATOM   78   C CA  . GLY A 1 27  ? -10.564 4.714   -8.541  1.00 16.35  ? 6   GLY A CA  1 
ATOM   79   C C   . GLY A 1 27  ? -9.225  5.390   -8.405  1.00 19.78  ? 6   GLY A C   1 
ATOM   80   O O   . GLY A 1 27  ? -8.230  4.775   -8.465  1.00 17.91  ? 6   GLY A O   1 
ATOM   81   N N   . THR A 1 28  ? -9.258  6.679   -8.185  1.00 16.04  ? 7   THR A N   1 
ATOM   82   C CA  . THR A 1 28  ? -8.054  7.437   -8.047  1.00 17.96  ? 7   THR A CA  1 
ATOM   83   C C   . THR A 1 28  ? -8.040  8.235   -6.778  1.00 16.25  ? 7   THR A C   1 
ATOM   84   O O   . THR A 1 28  ? -8.935  8.967   -6.525  1.00 17.38  ? 7   THR A O   1 
ATOM   85   C CB  . THR A 1 28  ? -7.867  8.418   -9.233  1.00 18.60  ? 7   THR A CB  1 
ATOM   86   O OG1 . THR A 1 28  ? -8.079  7.727   -10.448 1.00 27.74  ? 7   THR A OG1 1 
ATOM   87   C CG2 . THR A 1 28  ? -6.556  9.010   -9.229  1.00 19.93  ? 7   THR A CG2 1 
ATOM   88   N N   . TRP A 1 29  ? -6.969  8.037   -6.021  1.00 15.39  ? 8   TRP A N   1 
ATOM   89   C CA  . TRP A 1 29  ? -6.811  8.461   -4.662  1.00 14.67  ? 8   TRP A CA  1 
ATOM   90   C C   . TRP A 1 29  ? -5.605  9.343   -4.488  1.00 14.62  ? 8   TRP A C   1 
ATOM   91   O O   . TRP A 1 29  ? -4.620  9.097   -5.101  1.00 18.15  ? 8   TRP A O   1 
ATOM   92   C CB  . TRP A 1 29  ? -6.758  7.245   -3.722  1.00 15.33  ? 8   TRP A CB  1 
ATOM   93   C CG  . TRP A 1 29  ? -7.968  6.350   -3.766  1.00 15.90  ? 8   TRP A CG  1 
ATOM   94   C CD1 . TRP A 1 29  ? -8.174  5.233   -4.544  1.00 15.74  ? 8   TRP A CD1 1 
ATOM   95   C CD2 . TRP A 1 29  ? -9.194  6.515   -3.045  1.00 16.09  ? 8   TRP A CD2 1 
ATOM   96   N NE1 . TRP A 1 29  ? -9.383  4.721   -4.341  1.00 15.35  ? 8   TRP A NE1 1 
ATOM   97   C CE2 . TRP A 1 29  ? -10.051 5.415   -3.453  1.00 16.20  ? 8   TRP A CE2 1 
ATOM   98   C CE3 . TRP A 1 29  ? -9.650  7.392   -2.106  1.00 16.75  ? 8   TRP A CE3 1 
ATOM   99   C CZ2 . TRP A 1 29  ? -11.304 5.241   -2.918  1.00 17.40  ? 8   TRP A CZ2 1 
ATOM   100  C CZ3 . TRP A 1 29  ? -10.920 7.194   -1.572  1.00 17.90  ? 8   TRP A CZ3 1 
ATOM   101  C CH2 . TRP A 1 29  ? -11.721 6.159   -1.978  1.00 19.08  ? 8   TRP A CH2 1 
ATOM   102  N N   . LYS A 1 30  ? -5.714  10.383  -3.674  1.00 15.51  ? 9   LYS A N   1 
ATOM   103  C CA  . LYS A 1 30  ? -4.603  11.258  -3.403  1.00 17.08  ? 9   LYS A CA  1 
ATOM   104  C C   . LYS A 1 30  ? -4.319  11.322  -1.905  1.00 14.47  ? 9   LYS A C   1 
ATOM   105  O O   . LYS A 1 30  ? -5.164  11.397  -1.120  1.00 16.68  ? 9   LYS A O   1 
ATOM   106  C CB  . LYS A 1 30  ? -4.839  12.648  -3.946  1.00 19.91  ? 9   LYS A CB  1 
ATOM   107  C CG  . LYS A 1 30  ? -6.006  13.295  -3.236  1.00 26.24  ? 9   LYS A CG  1 
ATOM   108  C CD  . LYS A 1 30  ? -6.489  14.626  -3.825  1.00 32.70  ? 9   LYS A CD  1 
ATOM   109  C CE  . LYS A 1 30  ? -7.640  15.224  -3.046  1.00 33.41  ? 9   LYS A CE  1 
ATOM   110  N NZ  . LYS A 1 30  ? -7.872  16.660  -3.288  1.00 36.09  ? 9   LYS A NZ  1 
ATOM   111  N N   . LEU A 1 31  ? -3.075  11.262  -1.550  1.00 13.78  ? 10  LEU A N   1 
ATOM   112  C CA  . LEU A 1 31  ? -2.728  11.289  -0.163  1.00 14.90  ? 10  LEU A CA  1 
ATOM   113  C C   . LEU A 1 31  ? -3.022  12.644  0.434   1.00 16.12  ? 10  LEU A C   1 
ATOM   114  O O   . LEU A 1 31  ? -2.604  13.623  -0.064  1.00 18.29  ? 10  LEU A O   1 
ATOM   115  C CB  . LEU A 1 31  ? -1.254  11.019  0.029   1.00 14.00  ? 10  LEU A CB  1 
ATOM   116  C CG  . LEU A 1 31  ? -0.774  10.899  1.441   1.00 15.38  ? 10  LEU A CG  1 
ATOM   117  C CD1 . LEU A 1 31  ? -1.252  9.640   2.083   1.00 14.75  ? 10  LEU A CD1 1 
ATOM   118  C CD2 . LEU A 1 31  ? 0.711   11.100  1.569   1.00 14.93  ? 10  LEU A CD2 1 
ATOM   119  N N   . VAL A 1 32  ? -3.725  12.663  1.530   1.00 17.62  ? 11  VAL A N   1 
ATOM   120  C CA  . VAL A 1 32  ? -4.011  13.900  2.225   1.00 18.43  ? 11  VAL A CA  1 
ATOM   121  C C   . VAL A 1 32  ? -3.457  14.018  3.639   1.00 21.36  ? 11  VAL A C   1 
ATOM   122  O O   . VAL A 1 32  ? -3.332  15.099  4.133   1.00 21.11  ? 11  VAL A O   1 
ATOM   123  C CB  . VAL A 1 32  ? -5.499  14.222  2.204   1.00 19.79  ? 11  VAL A CB  1 
ATOM   124  C CG1 . VAL A 1 32  ? -5.995  14.215  0.794   1.00 21.68  ? 11  VAL A CG1 1 
ATOM   125  C CG2 . VAL A 1 32  ? -6.281  13.248  3.048   1.00 19.68  ? 11  VAL A CG2 1 
ATOM   126  N N   . SER A 1 33  ? -3.119  12.911  4.267   1.00 19.39  ? 12  SER A N   1 
ATOM   127  C CA  . SER A 1 33  ? -2.379  12.991  5.492   1.00 19.81  ? 12  SER A CA  1 
ATOM   128  C C   . SER A 1 33  ? -1.499  11.811  5.803   1.00 20.72  ? 12  SER A C   1 
ATOM   129  O O   . SER A 1 33  ? -1.745  10.762  5.352   1.00 17.00  ? 12  SER A O   1 
ATOM   130  C CB  . SER A 1 33  ? -3.268  13.306  6.670   1.00 24.96  ? 12  SER A CB  1 
ATOM   131  O OG  . SER A 1 33  ? -4.051  12.271  7.069   1.00 26.81  ? 12  SER A OG  1 
ATOM   132  N N   . SER A 1 34  ? -0.450  12.066  6.572   1.00 19.30  ? 13  SER A N   1 
ATOM   133  C CA  . SER A 1 34  ? 0.526   11.052  6.956   1.00 19.88  ? 13  SER A CA  1 
ATOM   134  C C   . SER A 1 34  ? 0.887   11.229  8.439   1.00 20.95  ? 13  SER A C   1 
ATOM   135  O O   . SER A 1 34  ? 1.016   12.341  8.912   1.00 22.03  ? 13  SER A O   1 
ATOM   136  C CB  . SER A 1 34  ? 1.769   11.115  6.062   1.00 18.12  ? 13  SER A CB  1 
ATOM   137  O OG  . SER A 1 34  ? 2.682   10.128  6.332   1.00 18.91  ? 13  SER A OG  1 
ATOM   138  N N   . GLU A 1 35  ? 0.923   10.132  9.175   1.00 17.57  ? 14  GLU A N   1 
ATOM   139  C CA  . GLU A 1 35  ? 1.383   10.164  10.540  1.00 19.20  ? 14  GLU A CA  1 
ATOM   140  C C   . GLU A 1 35  ? 2.403   9.053   10.741  1.00 17.93  ? 14  GLU A C   1 
ATOM   141  O O   . GLU A 1 35  ? 2.184   7.962   10.306  1.00 18.17  ? 14  GLU A O   1 
ATOM   142  C CB  . GLU A 1 35  ? 0.232   9.984   11.541  1.00 21.37  ? 14  GLU A CB  1 
ATOM   143  C CG  . GLU A 1 35  ? -0.747  11.146  11.669  0.50 23.79  ? 14  GLU A CG  1 
ATOM   144  C CD  . GLU A 1 35  ? -0.237  12.350  12.487  0.50 27.47  ? 14  GLU A CD  1 
ATOM   145  O OE1 . GLU A 1 35  ? 0.818   12.266  13.147  0.50 26.55  ? 14  GLU A OE1 1 
ATOM   146  O OE2 . GLU A 1 35  ? -0.897  13.412  12.411  0.50 29.41  ? 14  GLU A OE2 1 
ATOM   147  N N   . ASN A 1 36  ? 3.485   9.360   11.414  1.00 16.06  ? 15  ASN A N   1 
ATOM   148  C CA  . ASN A 1 36  ? 4.447   8.372   11.829  1.00 17.32  ? 15  ASN A CA  1 
ATOM   149  C C   . ASN A 1 36  ? 5.120   7.611   10.698  1.00 16.28  ? 15  ASN A C   1 
ATOM   150  O O   . ASN A 1 36  ? 5.700   6.616   10.911  1.00 16.19  ? 15  ASN A O   1 
ATOM   151  C CB  . ASN A 1 36  ? 3.826   7.389   12.813  1.00 17.11  ? 15  ASN A CB  1 
ATOM   152  C CG  . ASN A 1 36  ? 3.308   8.063   14.023  0.50 18.35  ? 15  ASN A CG  1 
ATOM   153  O OD1 . ASN A 1 36  ? 2.172   8.051   14.288  0.50 21.47  ? 15  ASN A OD1 1 
ATOM   154  N ND2 . ASN A 1 36  ? 4.163   8.662   14.729  0.50 19.76  ? 15  ASN A ND2 1 
ATOM   155  N N   . PHE A 1 37  ? 5.103   8.168   9.499   1.00 14.82  ? 16  PHE A N   1 
ATOM   156  C CA  . PHE A 1 37  ? 5.677   7.480   8.365   1.00 16.42  ? 16  PHE A CA  1 
ATOM   157  C C   . PHE A 1 37  ? 7.199   7.289   8.473   1.00 16.22  ? 16  PHE A C   1 
ATOM   158  O O   . PHE A 1 37  ? 7.722   6.290   8.111   1.00 15.57  ? 16  PHE A O   1 
ATOM   159  C CB  . PHE A 1 37  ? 5.301   8.207   7.080   1.00 15.61  ? 16  PHE A CB  1 
ATOM   160  C CG  . PHE A 1 37  ? 5.546   7.434   5.810   1.00 16.93  ? 16  PHE A CG  1 
ATOM   161  C CD1 . PHE A 1 37  ? 5.031   6.198   5.615   1.00 16.78  ? 16  PHE A CD1 1 
ATOM   162  C CD2 . PHE A 1 37  ? 6.194   8.012   4.781   1.00 17.16  ? 16  PHE A CD2 1 
ATOM   163  C CE1 . PHE A 1 37  ? 5.227   5.535   4.445   1.00 17.45  ? 16  PHE A CE1 1 
ATOM   164  C CE2 . PHE A 1 37  ? 6.398   7.348   3.595   1.00 18.51  ? 16  PHE A CE2 1 
ATOM   165  C CZ  . PHE A 1 37  ? 5.880   6.119   3.420   1.00 16.07  ? 16  PHE A CZ  1 
ATOM   166  N N   . ASP A 1 38  ? 7.885   8.283   9.003   1.00 16.72  ? 17  ASP A N   1 
ATOM   167  C CA  . ASP A 1 38  ? 9.323   8.171   9.122   1.00 16.99  ? 17  ASP A CA  1 
ATOM   168  C C   . ASP A 1 38  ? 9.662   7.038   10.083  1.00 17.91  ? 17  ASP A C   1 
ATOM   169  O O   . ASP A 1 38  ? 10.542  6.285   9.842   1.00 17.35  ? 17  ASP A O   1 
ATOM   170  C CB  . ASP A 1 38  ? 9.897   9.476   9.635   1.00 19.56  ? 17  ASP A CB  1 
ATOM   171  C CG  . ASP A 1 38  ? 11.387  9.538   9.526   1.00 20.35  ? 17  ASP A CG  1 
ATOM   172  O OD1 . ASP A 1 38  ? 12.003  9.739   10.533  1.00 26.92  ? 17  ASP A OD1 1 
ATOM   173  O OD2 . ASP A 1 38  ? 11.912  9.397   8.459   1.00 21.07  ? 17  ASP A OD2 1 
ATOM   174  N N   . ASP A 1 39  ? 8.909   6.924   11.141  1.00 17.18  ? 18  ASP A N   1 
ATOM   175  C CA  . ASP A 1 39  ? 9.182   5.901   12.139  1.00 19.08  ? 18  ASP A CA  1 
ATOM   176  C C   . ASP A 1 39  ? 8.891   4.527   11.541  1.00 18.06  ? 18  ASP A C   1 
ATOM   177  O O   . ASP A 1 39  ? 9.593   3.599   11.784  1.00 15.72  ? 18  ASP A O   1 
ATOM   178  C CB  . ASP A 1 39  ? 8.379   6.088   13.410  1.00 23.70  ? 18  ASP A CB  1 
ATOM   179  C CG  . ASP A 1 39  ? 8.578   7.461   14.054  1.00 36.33  ? 18  ASP A CG  1 
ATOM   180  O OD1 . ASP A 1 39  ? 9.541   7.605   14.760  1.00 29.82  ? 18  ASP A OD1 1 
ATOM   181  O OD2 . ASP A 1 39  ? 7.760   8.365   13.784  1.00 39.57  ? 18  ASP A OD2 1 
ATOM   182  N N   . TYR A 1 40  ? 7.820   4.443   10.750  1.00 16.88  ? 19  TYR A N   1 
ATOM   183  C CA  . TYR A 1 40  ? 7.491   3.176   10.119  1.00 13.42  ? 19  TYR A CA  1 
ATOM   184  C C   . TYR A 1 40  ? 8.663   2.812   9.247   1.00 14.12  ? 19  TYR A C   1 
ATOM   185  O O   . TYR A 1 40  ? 9.173   1.750   9.302   1.00 15.45  ? 19  TYR A O   1 
ATOM   186  C CB  . TYR A 1 40  ? 6.214   3.262   9.286   1.00 13.42  ? 19  TYR A CB  1 
ATOM   187  C CG  . TYR A 1 40  ? 6.050   2.093   8.365   1.00 13.62  ? 19  TYR A CG  1 
ATOM   188  C CD1 . TYR A 1 40  ? 5.671   0.867   8.836   1.00 13.37  ? 19  TYR A CD1 1 
ATOM   189  C CD2 . TYR A 1 40  ? 6.280   2.220   7.031   1.00 13.24  ? 19  TYR A CD2 1 
ATOM   190  C CE1 . TYR A 1 40  ? 5.523   -0.197  7.990   1.00 12.27  ? 19  TYR A CE1 1 
ATOM   191  C CE2 . TYR A 1 40  ? 6.151   1.157   6.182   1.00 13.22  ? 19  TYR A CE2 1 
ATOM   192  C CZ  . TYR A 1 40  ? 5.779   -0.063  6.658   1.00 12.38  ? 19  TYR A CZ  1 
ATOM   193  O OH  . TYR A 1 40  ? 5.638   -1.117  5.800   1.00 12.47  ? 19  TYR A OH  1 
ATOM   194  N N   . MET A 1 41  ? 9.100   3.755   8.444   1.00 13.80  ? 20  MET A N   1 
ATOM   195  C CA  . MET A 1 41  ? 10.211  3.500   7.582   1.00 14.19  ? 20  MET A CA  1 
ATOM   196  C C   . MET A 1 41  ? 11.486  3.101   8.324   1.00 13.89  ? 20  MET A C   1 
ATOM   197  O O   . MET A 1 41  ? 12.162  2.260   7.906   1.00 13.57  ? 20  MET A O   1 
ATOM   198  C CB  . MET A 1 41  ? 10.455  4.693   6.680   1.00 12.86  ? 20  MET A CB  1 
ATOM   199  C CG  . MET A 1 41  ? 9.367   4.885   5.668   1.00 13.32  ? 20  MET A CG  1 
ATOM   200  S SD  . MET A 1 41  ? 9.834   6.111   4.436   1.00 14.85  ? 20  MET A SD  1 
ATOM   201  C CE  . MET A 1 41  ? 9.701   7.612   5.367   1.00 12.61  ? 20  MET A CE  1 
ATOM   202  N N   . LYS A 1 42  ? 11.799  3.780   9.395   1.00 14.75  ? 21  LYS A N   1 
ATOM   203  C CA  . LYS A 1 42  ? 12.987  3.405   10.143  1.00 14.81  ? 21  LYS A CA  1 
ATOM   204  C C   . LYS A 1 42  ? 12.883  1.959   10.589  1.00 16.52  ? 21  LYS A C   1 
ATOM   205  O O   . LYS A 1 42  ? 13.822  1.268   10.571  1.00 18.99  ? 21  LYS A O   1 
ATOM   206  C CB  . LYS A 1 42  ? 13.176  4.279   11.368  1.00 17.00  ? 21  LYS A CB  1 
ATOM   207  C CG  . LYS A 1 42  ? 13.697  5.651   11.101  1.00 17.19  ? 21  LYS A CG  1 
ATOM   208  C CD  . LYS A 1 42  ? 13.794  6.446   12.375  1.00 18.39  ? 21  LYS A CD  1 
ATOM   209  C CE  . LYS A 1 42  ? 14.753  7.559   12.201  1.00 24.82  ? 21  LYS A CE  1 
ATOM   210  N NZ  . LYS A 1 42  ? 14.623  8.513   13.306  1.00 27.92  ? 21  LYS A NZ  1 
ATOM   211  N N   . GLU A 1 43  ? 11.720  1.548   11.014  1.00 16.79  ? 22  GLU A N   1 
ATOM   212  C CA  . GLU A 1 43  ? 11.548  0.213   11.546  1.00 17.49  ? 22  GLU A CA  1 
ATOM   213  C C   . GLU A 1 43  ? 11.701  -0.841  10.482  1.00 15.91  ? 22  GLU A C   1 
ATOM   214  O O   . GLU A 1 43  ? 12.172  -1.905  10.722  1.00 16.97  ? 22  GLU A O   1 
ATOM   215  C CB  . GLU A 1 43  ? 10.208  0.055   12.207  1.00 19.87  ? 22  GLU A CB  1 
ATOM   216  C CG  . GLU A 1 43  ? 10.233  -1.067  13.182  1.00 25.38  ? 22  GLU A CG  1 
ATOM   217  C CD  . GLU A 1 43  ? 10.828  -0.664  14.526  1.00 29.41  ? 22  GLU A CD  1 
ATOM   218  O OE1 . GLU A 1 43  ? 11.288  0.434   14.681  1.00 29.67  ? 22  GLU A OE1 1 
ATOM   219  O OE2 . GLU A 1 43  ? 10.792  -1.466  15.424  1.00 39.05  ? 22  GLU A OE2 1 
ATOM   220  N N   . VAL A 1 44  ? 11.300  -0.488  9.288   1.00 16.90  ? 23  VAL A N   1 
ATOM   221  C CA  . VAL A 1 44  ? 11.509  -1.303  8.118   1.00 17.16  ? 23  VAL A CA  1 
ATOM   222  C C   . VAL A 1 44  ? 12.989  -1.414  7.737   1.00 18.89  ? 23  VAL A C   1 
ATOM   223  O O   . VAL A 1 44  ? 13.397  -2.393  7.224   1.00 20.61  ? 23  VAL A O   1 
ATOM   224  C CB  . VAL A 1 44  ? 10.681  -0.805  6.910   1.00 16.19  ? 23  VAL A CB  1 
ATOM   225  C CG1 . VAL A 1 44  ? 11.092  -1.451  5.612   1.00 17.94  ? 23  VAL A CG1 1 
ATOM   226  C CG2 . VAL A 1 44  ? 9.231   -1.085  7.152   1.00 14.29  ? 23  VAL A CG2 1 
ATOM   227  N N   . GLY A 1 45  ? 13.760  -0.387  7.999   1.00 17.58  ? 24  GLY A N   1 
ATOM   228  C CA  . GLY A 1 45  ? 15.155  -0.389  7.645   1.00 18.17  ? 24  GLY A CA  1 
ATOM   229  C C   . GLY A 1 45  ? 15.554  0.585   6.556   1.00 19.21  ? 24  GLY A C   1 
ATOM   230  O O   . GLY A 1 45  ? 16.621  0.521   6.045   1.00 21.53  ? 24  GLY A O   1 
ATOM   231  N N   . VAL A 1 46  ? 14.656  1.475   6.220   1.00 16.52  ? 25  VAL A N   1 
ATOM   232  C CA  . VAL A 1 46  ? 14.915  2.405   5.147   1.00 16.42  ? 25  VAL A CA  1 
ATOM   233  C C   . VAL A 1 46  ? 15.995  3.385   5.547   1.00 15.34  ? 25  VAL A C   1 
ATOM   234  O O   . VAL A 1 46  ? 15.937  3.923   6.576   1.00 16.81  ? 25  VAL A O   1 
ATOM   235  C CB  . VAL A 1 46  ? 13.659  3.166   4.712   1.00 15.62  ? 25  VAL A CB  1 
ATOM   236  C CG1 . VAL A 1 46  ? 13.938  3.955   3.438   1.00 17.20  ? 25  VAL A CG1 1 
ATOM   237  C CG2 . VAL A 1 46  ? 12.543  2.169   4.486   1.00 16.29  ? 25  VAL A CG2 1 
ATOM   238  N N   . GLY A 1 47  ? 16.943  3.582   4.647   1.00 17.84  ? 26  GLY A N   1 
ATOM   239  C CA  . GLY A 1 47  ? 18.000  4.549   4.780   1.00 19.85  ? 26  GLY A CA  1 
ATOM   240  C C   . GLY A 1 47  ? 17.531  5.989   4.863   1.00 19.59  ? 26  GLY A C   1 
ATOM   241  O O   . GLY A 1 47  ? 16.503  6.320   4.396   1.00 16.72  ? 26  GLY A O   1 
ATOM   242  N N   . PHE A 1 48  ? 18.356  6.826   5.471   1.00 16.56  ? 27  PHE A N   1 
ATOM   243  C CA  . PHE A 1 48  ? 18.063  8.214   5.694   1.00 17.05  ? 27  PHE A CA  1 
ATOM   244  C C   . PHE A 1 48  ? 17.604  8.951   4.451   1.00 15.62  ? 27  PHE A C   1 
ATOM   245  O O   . PHE A 1 48  ? 16.584  9.494   4.430   1.00 16.55  ? 27  PHE A O   1 
ATOM   246  C CB  . PHE A 1 48  ? 19.296  8.921   6.281   1.00 17.69  ? 27  PHE A CB  1 
ATOM   247  C CG  . PHE A 1 48  ? 19.092  10.370  6.530   1.00 17.62  ? 27  PHE A CG  1 
ATOM   248  C CD1 . PHE A 1 48  ? 18.644  10.823  7.736   1.00 17.87  ? 27  PHE A CD1 1 
ATOM   249  C CD2 . PHE A 1 48  ? 19.329  11.278  5.543   1.00 18.00  ? 27  PHE A CD2 1 
ATOM   250  C CE1 . PHE A 1 48  ? 18.465  12.171  7.940   1.00 19.07  ? 27  PHE A CE1 1 
ATOM   251  C CE2 . PHE A 1 48  ? 19.146  12.621  5.753   1.00 19.50  ? 27  PHE A CE2 1 
ATOM   252  C CZ  . PHE A 1 48  ? 18.711  13.060  6.947   1.00 17.61  ? 27  PHE A CZ  1 
ATOM   253  N N   . ALA A 1 49  ? 18.405  8.922   3.423   1.00 15.99  ? 28  ALA A N   1 
ATOM   254  C CA  . ALA A 1 49  ? 18.113  9.709   2.257   1.00 14.84  ? 28  ALA A CA  1 
ATOM   255  C C   . ALA A 1 49  ? 16.772  9.282   1.627   1.00 16.40  ? 28  ALA A C   1 
ATOM   256  O O   . ALA A 1 49  ? 15.952  10.065  1.329   1.00 15.44  ? 28  ALA A O   1 
ATOM   257  C CB  . ALA A 1 49  ? 19.232  9.612   1.270   1.00 15.54  ? 28  ALA A CB  1 
ATOM   258  N N   . THR A 1 50  ? 16.583  7.992   1.504   1.00 15.27  ? 29  THR A N   1 
ATOM   259  C CA  . THR A 1 50  ? 15.349  7.480   0.988   1.00 15.67  ? 29  THR A CA  1 
ATOM   260  C C   . THR A 1 50  ? 14.146  7.857   1.864   1.00 14.63  ? 29  THR A C   1 
ATOM   261  O O   . THR A 1 50  ? 13.147  8.144   1.357   1.00 16.32  ? 29  THR A O   1 
ATOM   262  C CB  . THR A 1 50  ? 15.433  5.965   0.851   1.00 17.96  ? 29  THR A CB  1 
ATOM   263  O OG1 . THR A 1 50  ? 16.435  5.658   -0.095  1.00 18.04  ? 29  THR A OG1 1 
ATOM   264  C CG2 . THR A 1 50  ? 14.157  5.428   0.425   1.00 17.51  ? 29  THR A CG2 1 
ATOM   265  N N   . ARG A 1 51  ? 14.284  7.824   3.180   1.00 14.62  ? 30  ARG A N   1 
ATOM   266  C CA  . ARG A 1 51  ? 13.221  8.222   4.087   1.00 14.30  ? 30  ARG A CA  1 
ATOM   267  C C   . ARG A 1 51  ? 12.824  9.680   3.878   1.00 17.31  ? 30  ARG A C   1 
ATOM   268  O O   . ARG A 1 51  ? 11.690  10.019  3.902   1.00 15.40  ? 30  ARG A O   1 
ATOM   269  C CB  . ARG A 1 51  ? 13.644  8.044   5.538   1.00 14.09  ? 30  ARG A CB  1 
ATOM   270  C CG  . ARG A 1 51  ? 13.617  6.628   6.063   1.00 14.89  ? 30  ARG A CG  1 
ATOM   271  C CD  . ARG A 1 51  ? 13.474  6.619   7.563   1.00 14.30  ? 30  ARG A CD  1 
ATOM   272  N NE  . ARG A 1 51  ? 14.303  7.598   8.231   1.00 14.28  ? 30  ARG A NE  1 
ATOM   273  C CZ  . ARG A 1 51  ? 15.608  7.485   8.429   1.00 15.90  ? 30  ARG A CZ  1 
ATOM   274  N NH1 . ARG A 1 51  ? 16.267  6.422   8.031   1.00 14.46  ? 30  ARG A NH1 1 
ATOM   275  N NH2 . ARG A 1 51  ? 16.249  8.453   9.035   1.00 17.02  ? 30  ARG A NH2 1 
ATOM   276  N N   . LYS A 1 52  ? 13.821  10.522  3.676   1.00 17.39  ? 31  LYS A N   1 
ATOM   277  C CA  . LYS A 1 52  ? 13.585  11.938  3.529   1.00 17.22  ? 31  LYS A CA  1 
ATOM   278  C C   . LYS A 1 52  ? 12.794  12.222  2.248   1.00 16.20  ? 31  LYS A C   1 
ATOM   279  O O   . LYS A 1 52  ? 11.872  12.981  2.250   1.00 15.67  ? 31  LYS A O   1 
ATOM   280  C CB  . LYS A 1 52  ? 14.893  12.714  3.524   1.00 18.05  ? 31  LYS A CB  1 
ATOM   281  C CG  . LYS A 1 52  ? 15.621  12.688  4.838   1.00 21.80  ? 31  LYS A CG  1 
ATOM   282  C CD  . LYS A 1 52  ? 14.860  13.263  5.997   1.00 24.10  ? 31  LYS A CD  1 
ATOM   283  C CE  . LYS A 1 52  ? 14.675  12.252  7.081   1.00 24.38  ? 31  LYS A CE  1 
ATOM   284  N NZ  . LYS A 1 52  ? 14.109  12.809  8.314   1.00 27.42  ? 31  LYS A NZ  1 
ATOM   285  N N   . VAL A 1 53  ? 13.233  11.614  1.168   1.00 15.77  ? 32  VAL A N   1 
ATOM   286  C CA  . VAL A 1 53  ? 12.625  11.820  -0.145  1.00 15.37  ? 32  VAL A CA  1 
ATOM   287  C C   . VAL A 1 53  ? 11.257  11.120  -0.276  1.00 16.79  ? 32  VAL A C   1 
ATOM   288  O O   . VAL A 1 53  ? 10.367  11.632  -0.852  1.00 17.81  ? 32  VAL A O   1 
ATOM   289  C CB  . VAL A 1 53  ? 13.583  11.362  -1.259  1.00 14.97  ? 32  VAL A CB  1 
ATOM   290  C CG1 . VAL A 1 53  ? 12.939  11.431  -2.606  0.50 13.05  ? 32  VAL A CG1 1 
ATOM   291  C CG2 . VAL A 1 53  ? 14.811  12.205  -1.242  0.50 11.99  ? 32  VAL A CG2 1 
ATOM   292  N N   . ALA A 1 54  ? 11.128  9.933   0.287   1.00 15.30  ? 33  ALA A N   1 
ATOM   293  C CA  . ALA A 1 54  ? 9.842   9.275   0.347   1.00 15.31  ? 33  ALA A CA  1 
ATOM   294  C C   . ALA A 1 54  ? 8.781   9.964   1.196   1.00 16.24  ? 33  ALA A C   1 
ATOM   295  O O   . ALA A 1 54  ? 7.671   9.926   0.873   1.00 14.60  ? 33  ALA A O   1 
ATOM   296  C CB  . ALA A 1 54  ? 9.984   7.835   0.785   1.00 15.35  ? 33  ALA A CB  1 
ATOM   297  N N   . GLY A 1 55  ? 9.158   10.492  2.325   1.00 13.99  ? 34  GLY A N   1 
ATOM   298  C CA  . GLY A 1 55  ? 8.224   11.142  3.204   1.00 16.14  ? 34  GLY A CA  1 
ATOM   299  C C   . GLY A 1 55  ? 7.704   12.471  2.682   1.00 15.10  ? 34  GLY A C   1 
ATOM   300  O O   . GLY A 1 55  ? 6.755   12.969  3.121   1.00 16.30  ? 34  GLY A O   1 
ATOM   301  N N   . MET A 1 56  ? 8.400   13.033  1.705   1.00 16.49  ? 35  MET A N   1 
ATOM   302  C CA  . MET A 1 56  ? 7.953   14.260  1.106   1.00 16.22  ? 35  MET A CA  1 
ATOM   303  C C   . MET A 1 56  ? 6.834   14.055  0.061   1.00 16.56  ? 35  MET A C   1 
ATOM   304  O O   . MET A 1 56  ? 6.063   14.889  -0.159  1.00 16.37  ? 35  MET A O   1 
ATOM   305  C CB  . MET A 1 56  ? 9.091   15.003  0.469   1.00 15.96  ? 35  MET A CB  1 
ATOM   306  C CG  . MET A 1 56  ? 10.032  15.593  1.441   1.00 17.16  ? 35  MET A CG  1 
ATOM   307  S SD  . MET A 1 56  ? 9.266   16.944  2.325   1.00 19.23  ? 35  MET A SD  1 
ATOM   308  C CE  . MET A 1 56  ? 8.935   18.081  1.066   1.00 19.42  ? 35  MET A CE  1 
ATOM   309  N N   . ALA A 1 57  ? 6.811   12.885  -0.541  1.00 15.59  ? 36  ALA A N   1 
ATOM   310  C CA  . ALA A 1 57  ? 5.909   12.592  -1.601  1.00 14.80  ? 36  ALA A CA  1 
ATOM   311  C C   . ALA A 1 57  ? 4.423   12.613  -1.192  1.00 15.21  ? 36  ALA A C   1 
ATOM   312  O O   . ALA A 1 57  ? 4.072   12.249  -0.136  1.00 16.36  ? 36  ALA A O   1 
ATOM   313  C CB  . ALA A 1 57  ? 6.287   11.279  -2.237  1.00 13.26  ? 36  ALA A CB  1 
ATOM   314  N N   . LYS A 1 58  ? 3.585   13.068  -2.101  1.00 15.82  ? 37  LYS A N   1 
ATOM   315  C CA  . LYS A 1 58  ? 2.160   13.051  -1.941  1.00 17.86  ? 37  LYS A CA  1 
ATOM   316  C C   . LYS A 1 58  ? 1.566   12.248  -3.098  1.00 16.10  ? 37  LYS A C   1 
ATOM   317  O O   . LYS A 1 58  ? 1.027   12.754  -4.009  1.00 17.65  ? 37  LYS A O   1 
ATOM   318  C CB  . LYS A 1 58  ? 1.604   14.464  -1.930  1.00 21.60  ? 37  LYS A CB  1 
ATOM   319  C CG  . LYS A 1 58  ? 2.085   15.274  -0.752  1.00 30.14  ? 37  LYS A CG  1 
ATOM   320  C CD  . LYS A 1 58  ? 1.392   14.851  0.516   1.00 37.63  ? 37  LYS A CD  1 
ATOM   321  C CE  . LYS A 1 58  ? 1.845   15.679  1.698   1.00 38.85  ? 37  LYS A CE  1 
ATOM   322  N NZ  . LYS A 1 58  ? 2.298   14.869  2.854   1.00 46.48  ? 37  LYS A NZ  1 
ATOM   323  N N   . PRO A 1 59  ? 1.768   10.966  -3.045  1.00 16.43  ? 38  PRO A N   1 
ATOM   324  C CA  . PRO A 1 59  ? 1.321   10.126  -4.140  1.00 15.69  ? 38  PRO A CA  1 
ATOM   325  C C   . PRO A 1 59  ? -0.179  10.128  -4.343  1.00 15.54  ? 38  PRO A C   1 
ATOM   326  O O   . PRO A 1 59  ? -0.886  10.324  -3.445  1.00 14.04  ? 38  PRO A O   1 
ATOM   327  C CB  . PRO A 1 59  ? 1.762   8.742   -3.721  1.00 15.47  ? 38  PRO A CB  1 
ATOM   328  C CG  . PRO A 1 59  ? 1.901   8.799   -2.281  1.00 14.60  ? 38  PRO A CG  1 
ATOM   329  C CD  . PRO A 1 59  ? 2.140   10.207  -1.858  1.00 15.26  ? 38  PRO A CD  1 
ATOM   330  N N   . ASN A 1 60  ? -0.548  9.900   -5.582  1.00 15.71  ? 39  ASN A N   1 
ATOM   331  C CA  . ASN A 1 60  ? -1.787  9.334   -5.951  1.00 16.08  ? 39  ASN A CA  1 
ATOM   332  C C   . ASN A 1 60  ? -1.688  7.820   -6.005  1.00 15.39  ? 39  ASN A C   1 
ATOM   333  O O   . ASN A 1 60  ? -0.673  7.319   -6.310  1.00 15.44  ? 39  ASN A O   1 
ATOM   334  C CB  . ASN A 1 60  ? -2.176  9.858   -7.302  1.00 15.57  ? 39  ASN A CB  1 
ATOM   335  C CG  . ASN A 1 60  ? -2.635  11.290  -7.237  1.00 19.90  ? 39  ASN A CG  1 
ATOM   336  O OD1 . ASN A 1 60  ? -2.746  11.852  -6.211  1.00 19.67  ? 39  ASN A OD1 1 
ATOM   337  N ND2 . ASN A 1 60  ? -2.931  11.838  -8.350  1.00 27.43  ? 39  ASN A ND2 1 
ATOM   338  N N   . MET A 1 61  ? -2.796  7.149   -5.760  1.00 13.88  ? 40  MET A N   1 
ATOM   339  C CA  . MET A 1 61  ? -2.911  5.722   -5.841  1.00 12.76  ? 40  MET A CA  1 
ATOM   340  C C   . MET A 1 61  ? -4.098  5.400   -6.708  1.00 14.99  ? 40  MET A C   1 
ATOM   341  O O   . MET A 1 61  ? -5.158  5.894   -6.454  1.00 17.29  ? 40  MET A O   1 
ATOM   342  C CB  . MET A 1 61  ? -3.182  5.134   -4.462  1.00 12.40  ? 40  MET A CB  1 
ATOM   343  C CG  . MET A 1 61  ? -3.496  3.684   -4.463  1.00 11.34  ? 40  MET A CG  1 
ATOM   344  S SD  . MET A 1 61  ? -3.500  3.022   -2.803  1.00 14.23  ? 40  MET A SD  1 
ATOM   345  C CE  . MET A 1 61  ? -4.530  4.137   -1.941  1.00 12.21  ? 40  MET A CE  1 
ATOM   346  N N   . ILE A 1 62  ? -3.881  4.551   -7.694  1.00 14.08  ? 41  ILE A N   1 
ATOM   347  C CA  . ILE A 1 62  ? -4.886  4.210   -8.647  1.00 14.63  ? 41  ILE A CA  1 
ATOM   348  C C   . ILE A 1 62  ? -5.190  2.735   -8.462  1.00 15.60  ? 41  ILE A C   1 
ATOM   349  O O   . ILE A 1 62  ? -4.314  1.966   -8.459  1.00 16.78  ? 41  ILE A O   1 
ATOM   350  C CB  . ILE A 1 62  ? -4.424  4.484   -10.079 1.00 17.58  ? 41  ILE A CB  1 
ATOM   351  C CG1 . ILE A 1 62  ? -4.176  5.962   -10.291 1.00 21.56  ? 41  ILE A CG1 1 
ATOM   352  C CG2 . ILE A 1 62  ? -5.450  4.012   -11.070 1.00 22.14  ? 41  ILE A CG2 1 
ATOM   353  C CD1 . ILE A 1 62  ? -2.742  6.368   -10.221 1.00 24.86  ? 41  ILE A CD1 1 
ATOM   354  N N   . ILE A 1 63  ? -6.448  2.403   -8.273  1.00 13.36  ? 42  ILE A N   1 
ATOM   355  C CA  . ILE A 1 63  ? -6.857  1.046   -8.052  1.00 13.36  ? 42  ILE A CA  1 
ATOM   356  C C   . ILE A 1 63  ? -7.892  0.647   -9.081  1.00 16.52  ? 42  ILE A C   1 
ATOM   357  O O   . ILE A 1 63  ? -8.845  1.300   -9.246  1.00 15.92  ? 42  ILE A O   1 
ATOM   358  C CB  . ILE A 1 63  ? -7.462  0.831   -6.661  1.00 13.65  ? 42  ILE A CB  1 
ATOM   359  C CG1 . ILE A 1 63  ? -6.488  1.253   -5.590  1.00 13.64  ? 42  ILE A CG1 1 
ATOM   360  C CG2 . ILE A 1 63  ? -7.852  -0.618  -6.467  1.00 14.86  ? 42  ILE A CG2 1 
ATOM   361  C CD1 . ILE A 1 63  ? -6.979  1.051   -4.199  1.00 13.77  ? 42  ILE A CD1 1 
ATOM   362  N N   . SER A 1 64  ? -7.676  -0.476  -9.735  1.00 17.38  ? 43  SER A N   1 
ATOM   363  C CA  . SER A 1 64  ? -8.620  -0.956  -10.697 1.00 17.52  ? 43  SER A CA  1 
ATOM   364  C C   . SER A 1 64  ? -8.703  -2.473  -10.610 1.00 17.86  ? 43  SER A C   1 
ATOM   365  O O   . SER A 1 64  ? -7.812  -3.066  -10.112 1.00 15.37  ? 43  SER A O   1 
ATOM   366  C CB  . SER A 1 64  ? -8.228  -0.513  -12.092 1.00 19.66  ? 43  SER A CB  1 
ATOM   367  O OG  . SER A 1 64  ? -6.967  -0.938  -12.423 1.00 24.51  ? 43  SER A OG  1 
ATOM   368  N N   . VAL A 1 65  ? -9.805  -3.029  -11.089 1.00 17.02  ? 44  VAL A N   1 
ATOM   369  C CA  . VAL A 1 65  ? -10.071 -4.441  -11.039 1.00 17.10  ? 44  VAL A CA  1 
ATOM   370  C C   . VAL A 1 65  ? -10.460 -4.900  -12.420 1.00 17.43  ? 44  VAL A C   1 
ATOM   371  O O   . VAL A 1 65  ? -11.133 -4.190  -13.094 1.00 19.28  ? 44  VAL A O   1 
ATOM   372  C CB  . VAL A 1 65  ? -11.188 -4.780  -10.024 1.00 19.98  ? 44  VAL A CB  1 
ATOM   373  C CG1 . VAL A 1 65  ? -11.507 -6.245  -10.025 1.00 19.17  ? 44  VAL A CG1 1 
ATOM   374  C CG2 . VAL A 1 65  ? -10.767 -4.358  -8.639  1.00 19.48  ? 44  VAL A CG2 1 
ATOM   375  N N   . ASN A 1 66  ? -9.989  -6.054  -12.834 1.00 15.09  ? 45  ASN A N   1 
ATOM   376  C CA  . ASN A 1 66  ? -10.332 -6.592  -14.141 1.00 15.78  ? 45  ASN A CA  1 
ATOM   377  C C   . ASN A 1 66  ? -10.426 -8.089  -13.945 1.00 16.34  ? 45  ASN A C   1 
ATOM   378  O O   . ASN A 1 66  ? -9.464  -8.743  -13.796 1.00 15.83  ? 45  ASN A O   1 
ATOM   379  C CB  . ASN A 1 66  ? -9.326  -6.141  -15.195 1.00 14.26  ? 45  ASN A CB  1 
ATOM   380  C CG  . ASN A 1 66  ? -9.566  -6.708  -16.585 1.00 15.86  ? 45  ASN A CG  1 
ATOM   381  O OD1 . ASN A 1 66  ? -9.214  -6.061  -17.566 1.00 18.67  ? 45  ASN A OD1 1 
ATOM   382  N ND2 . ASN A 1 66  ? -10.082 -7.899  -16.675 1.00 13.72  ? 45  ASN A ND2 1 
ATOM   383  N N   . GLY A 1 67  ? -11.648 -8.579  -13.881 1.00 19.49  ? 46  GLY A N   1 
ATOM   384  C CA  . GLY A 1 67  ? -11.894 -9.925  -13.452 1.00 20.74  ? 46  GLY A CA  1 
ATOM   385  C C   . GLY A 1 67  ? -11.341 -10.178 -12.085 1.00 20.47  ? 46  GLY A C   1 
ATOM   386  O O   . GLY A 1 67  ? -11.707 -9.533  -11.161 1.00 23.39  ? 46  GLY A O   1 
ATOM   387  N N   . ASP A 1 68  ? -10.441 -11.135 -11.981 1.00 19.90  ? 47  ASP A N   1 
ATOM   388  C CA  . ASP A 1 68  ? -9.885  -11.505 -10.710 1.00 19.69  ? 47  ASP A CA  1 
ATOM   389  C C   . ASP A 1 68  ? -8.622  -10.738 -10.362 1.00 16.79  ? 47  ASP A C   1 
ATOM   390  O O   . ASP A 1 68  ? -8.070  -10.920 -9.341  1.00 18.28  ? 47  ASP A O   1 
ATOM   391  C CB  . ASP A 1 68  ? -9.543  -12.971 -10.690 1.00 23.23  ? 47  ASP A CB  1 
ATOM   392  C CG  . ASP A 1 68  ? -10.751 -13.873 -10.791 1.00 29.56  ? 47  ASP A CG  1 
ATOM   393  O OD1 . ASP A 1 68  ? -11.788 -13.569 -10.278 1.00 26.71  ? 47  ASP A OD1 1 
ATOM   394  O OD2 . ASP A 1 68  ? -10.590 -14.907 -11.406 1.00 35.71  ? 47  ASP A OD2 1 
ATOM   395  N N   . VAL A 1 69  ? -8.182  -9.890  -11.262 1.00 16.46  ? 48  VAL A N   1 
ATOM   396  C CA  . VAL A 1 69  ? -6.908  -9.231  -11.114 1.00 13.92  ? 48  VAL A CA  1 
ATOM   397  C C   . VAL A 1 69  ? -7.071  -7.808  -10.574 1.00 15.00  ? 48  VAL A C   1 
ATOM   398  O O   . VAL A 1 69  ? -7.740  -7.048  -11.158 1.00 17.87  ? 48  VAL A O   1 
ATOM   399  C CB  . VAL A 1 69  ? -6.127  -9.222  -12.455 1.00 14.75  ? 48  VAL A CB  1 
ATOM   400  C CG1 . VAL A 1 69  ? -4.802  -8.570  -12.287 1.00 12.86  ? 48  VAL A CG1 1 
ATOM   401  C CG2 . VAL A 1 69  ? -5.928  -10.618 -12.981 1.00 15.54  ? 48  VAL A CG2 1 
ATOM   402  N N   . ILE A 1 70  ? -6.429  -7.497  -9.467  1.00 12.74  ? 49  ILE A N   1 
ATOM   403  C CA  . ILE A 1 70  ? -6.472  -6.177  -8.932  1.00 13.99  ? 49  ILE A CA  1 
ATOM   404  C C   . ILE A 1 70  ? -5.148  -5.512  -9.301  1.00 14.27  ? 49  ILE A C   1 
ATOM   405  O O   . ILE A 1 70  ? -4.156  -6.118  -9.212  1.00 13.49  ? 49  ILE A O   1 
ATOM   406  C CB  . ILE A 1 70  ? -6.680  -6.199  -7.413  1.00 14.32  ? 49  ILE A CB  1 
ATOM   407  C CG1 . ILE A 1 70  ? -7.930  -6.977  -7.020  1.00 16.71  ? 49  ILE A CG1 1 
ATOM   408  C CG2 . ILE A 1 70  ? -6.596  -4.811  -6.838  1.00 14.12  ? 49  ILE A CG2 1 
ATOM   409  C CD1 . ILE A 1 70  ? -8.109  -7.170  -5.539  1.00 15.59  ? 49  ILE A CD1 1 
ATOM   410  N N   . THR A 1 71  ? -5.203  -4.272  -9.765  1.00 12.83  ? 50  THR A N   1 
ATOM   411  C CA  . THR A 1 71  ? -4.028  -3.486  -10.014 1.00 13.42  ? 50  THR A CA  1 
ATOM   412  C C   . THR A 1 71  ? -4.038  -2.230  -9.135  1.00 15.19  ? 50  THR A C   1 
ATOM   413  O O   . THR A 1 71  ? -4.997  -1.552  -9.059  1.00 15.34  ? 50  THR A O   1 
ATOM   414  C CB  . THR A 1 71  ? -3.893  -3.069  -11.494 1.00 14.21  ? 50  THR A CB  1 
ATOM   415  O OG1 . THR A 1 71  ? -3.834  -4.216  -12.325 1.00 15.48  ? 50  THR A OG1 1 
ATOM   416  C CG2 . THR A 1 71  ? -2.686  -2.310  -11.738 1.00 14.92  ? 50  THR A CG2 1 
ATOM   417  N N   . ILE A 1 72  ? -2.905  -2.010  -8.508  1.00 14.12  ? 51  ILE A N   1 
ATOM   418  C CA  . ILE A 1 72  ? -2.643  -0.789  -7.760  1.00 12.96  ? 51  ILE A CA  1 
ATOM   419  C C   . ILE A 1 72  ? -1.377  -0.151  -8.293  1.00 15.66  ? 51  ILE A C   1 
ATOM   420  O O   . ILE A 1 72  ? -0.390  -0.810  -8.408  1.00 15.49  ? 51  ILE A O   1 
ATOM   421  C CB  . ILE A 1 72  ? -2.471  -1.078  -6.262  1.00 12.28  ? 51  ILE A CB  1 
ATOM   422  C CG1 . ILE A 1 72  ? -3.662  -1.854  -5.741  1.00 12.95  ? 51  ILE A CG1 1 
ATOM   423  C CG2 . ILE A 1 72  ? -2.309  0.200   -5.487  1.00 12.26  ? 51  ILE A CG2 1 
ATOM   424  C CD1 . ILE A 1 72  ? -3.578  -2.238  -4.298  1.00 11.39  ? 51  ILE A CD1 1 
ATOM   425  N N   . LYS A 1 73  ? -1.480  1.126   -8.634  1.00 16.12  ? 52  LYS A N   1 
ATOM   426  C CA  . LYS A 1 73  ? -0.384  1.941   -9.103  1.00 17.75  ? 52  LYS A CA  1 
ATOM   427  C C   . LYS A 1 73  ? -0.204  3.159   -8.261  1.00 18.43  ? 52  LYS A C   1 
ATOM   428  O O   . LYS A 1 73  ? -1.140  3.669   -7.741  1.00 18.44  ? 52  LYS A O   1 
ATOM   429  C CB  . LYS A 1 73  ? -0.559  2.497   -10.527 1.00 21.73  ? 52  LYS A CB  1 
ATOM   430  C CG  . LYS A 1 73  ? -1.347  1.680   -11.492 1.00 28.69  ? 52  LYS A CG  1 
ATOM   431  C CD  . LYS A 1 73  ? -1.185  2.164   -12.922 1.00 32.39  ? 52  LYS A CD  1 
ATOM   432  C CE  . LYS A 1 73  ? -1.393  0.980   -13.839 1.00 43.28  ? 52  LYS A CE  1 
ATOM   433  N NZ  . LYS A 1 73  ? -1.533  1.262   -15.300 1.00 50.71  ? 52  LYS A NZ  1 
ATOM   434  N N   . SER A 1 74  ? 1.047   3.580   -8.181  1.00 16.88  ? 53  SER A N   1 
ATOM   435  C CA  . SER A 1 74  ? 1.355   4.823   -7.536  1.00 17.29  ? 53  SER A CA  1 
ATOM   436  C C   . SER A 1 74  ? 1.835   5.800   -8.593  1.00 18.13  ? 53  SER A C   1 
ATOM   437  O O   . SER A 1 74  ? 2.457   5.407   -9.504  1.00 18.75  ? 53  SER A O   1 
ATOM   438  C CB  . SER A 1 74  ? 2.409   4.629   -6.470  1.00 19.34  ? 53  SER A CB  1 
ATOM   439  O OG  . SER A 1 74  ? 3.626   4.277   -7.016  1.00 19.03  ? 53  SER A OG  1 
ATOM   440  N N   . GLU A 1 75  ? 1.505   7.050   -8.393  1.00 17.33  ? 54  GLU A N   1 
ATOM   441  C CA  . GLU A 1 75  ? 1.968   8.131   -9.212  1.00 21.64  ? 54  GLU A CA  1 
ATOM   442  C C   . GLU A 1 75  ? 2.576   9.090   -8.196  1.00 17.89  ? 54  GLU A C   1 
ATOM   443  O O   . GLU A 1 75  ? 1.878   9.662   -7.415  1.00 17.78  ? 54  GLU A O   1 
ATOM   444  C CB  . GLU A 1 75  ? 0.819   8.758   -10.002 1.00 25.35  ? 54  GLU A CB  1 
ATOM   445  C CG  . GLU A 1 75  ? 1.238   9.836   -10.971 1.00 37.10  ? 54  GLU A CG  1 
ATOM   446  C CD  . GLU A 1 75  ? 0.107   10.756  -11.397 1.00 52.63  ? 54  GLU A CD  1 
ATOM   447  O OE1 . GLU A 1 75  ? 0.345   11.950  -11.548 1.00 59.88  ? 54  GLU A OE1 1 
ATOM   448  O OE2 . GLU A 1 75  ? -1.023  10.286  -11.581 1.00 60.35  ? 54  GLU A OE2 1 
ATOM   449  N N   . SER A 1 76  ? 3.880   9.206   -8.200  1.00 16.02  ? 55  SER A N   1 
ATOM   450  C CA  . SER A 1 76  ? 4.529   9.865   -7.118  1.00 18.63  ? 55  SER A CA  1 
ATOM   451  C C   . SER A 1 76  ? 5.810   10.528  -7.556  1.00 18.77  ? 55  SER A C   1 
ATOM   452  O O   . SER A 1 76  ? 6.463   10.029  -8.395  1.00 20.68  ? 55  SER A O   1 
ATOM   453  C CB  . SER A 1 76  ? 4.817   8.825   -6.032  1.00 19.28  ? 55  SER A CB  1 
ATOM   454  O OG  . SER A 1 76  ? 5.809   9.180   -5.156  1.00 18.08  ? 55  SER A OG  1 
ATOM   455  N N   . THR A 1 77  ? 6.160   11.640  -6.949  1.00 17.22  ? 56  THR A N   1 
ATOM   456  C CA  . THR A 1 77  ? 7.462   12.228  -7.202  1.00 20.27  ? 56  THR A CA  1 
ATOM   457  C C   . THR A 1 77  ? 8.605   11.407  -6.651  1.00 20.53  ? 56  THR A C   1 
ATOM   458  O O   . THR A 1 77  ? 9.726   11.637  -6.958  1.00 22.68  ? 56  THR A O   1 
ATOM   459  C CB  . THR A 1 77  ? 7.581   13.605  -6.564  1.00 21.99  ? 56  THR A CB  1 
ATOM   460  O OG1 . THR A 1 77  ? 7.135   13.504  -5.225  1.00 26.00  ? 56  THR A OG1 1 
ATOM   461  C CG2 . THR A 1 77  ? 6.758   14.576  -7.304  1.00 22.22  ? 56  THR A CG2 1 
ATOM   462  N N   . PHE A 1 78  ? 8.292   10.460  -5.807  1.00 18.61  ? 57  PHE A N   1 
ATOM   463  C CA  . PHE A 1 78  ? 9.300   9.577   -5.305  1.00 17.86  ? 57  PHE A CA  1 
ATOM   464  C C   . PHE A 1 78  ? 9.474   8.368   -6.188  1.00 19.92  ? 57  PHE A C   1 
ATOM   465  O O   . PHE A 1 78  ? 10.541  8.053   -6.560  1.00 23.68  ? 57  PHE A O   1 
ATOM   466  C CB  . PHE A 1 78  ? 8.984   9.129   -3.903  1.00 16.28  ? 57  PHE A CB  1 
ATOM   467  C CG  . PHE A 1 78  ? 9.864   8.057   -3.405  1.00 16.97  ? 57  PHE A CG  1 
ATOM   468  C CD1 . PHE A 1 78  ? 11.201  8.232   -3.346  1.00 19.71  ? 57  PHE A CD1 1 
ATOM   469  C CD2 . PHE A 1 78  ? 9.350   6.914   -2.955  1.00 18.95  ? 57  PHE A CD2 1 
ATOM   470  C CE1 . PHE A 1 78  ? 12.012  7.263   -2.842  1.00 21.45  ? 57  PHE A CE1 1 
ATOM   471  C CE2 . PHE A 1 78  ? 10.137  5.931   -2.449  1.00 20.67  ? 57  PHE A CE2 1 
ATOM   472  C CZ  . PHE A 1 78  ? 11.479  6.100   -2.392  1.00 19.23  ? 57  PHE A CZ  1 
ATOM   473  N N   . LYS A 1 79  ? 8.399   7.718   -6.535  1.00 17.11  ? 58  LYS A N   1 
ATOM   474  C CA  . LYS A 1 79  ? 8.500   6.483   -7.295  1.00 19.87  ? 58  LYS A CA  1 
ATOM   475  C C   . LYS A 1 79  ? 7.160   6.057   -7.846  1.00 20.00  ? 58  LYS A C   1 
ATOM   476  O O   . LYS A 1 79  ? 6.203   5.934   -7.139  1.00 18.41  ? 58  LYS A O   1 
ATOM   477  C CB  . LYS A 1 79  ? 9.058   5.367   -6.429  1.00 24.75  ? 58  LYS A CB  1 
ATOM   478  C CG  . LYS A 1 79  ? 9.521   4.143   -7.171  1.00 32.30  ? 58  LYS A CG  1 
ATOM   479  C CD  . LYS A 1 79  ? 10.974  4.289   -7.617  1.00 39.51  ? 58  LYS A CD  1 
ATOM   480  C CE  . LYS A 1 79  ? 11.802  5.234   -6.729  1.00 40.08  ? 58  LYS A CE  1 
ATOM   481  N NZ  . LYS A 1 79  ? 13.224  4.829   -6.580  1.00 41.56  ? 58  LYS A NZ  1 
ATOM   482  N N   . ASN A 1 80  ? 7.148   5.868   -9.148  1.00 19.46  ? 59  ASN A N   1 
ATOM   483  C CA  . ASN A 1 80  ? 6.035   5.326   -9.859  1.00 18.46  ? 59  ASN A CA  1 
ATOM   484  C C   . ASN A 1 80  ? 6.202   3.817   -9.963  1.00 20.70  ? 59  ASN A C   1 
ATOM   485  O O   . ASN A 1 80  ? 7.113   3.369   -10.559 1.00 21.97  ? 59  ASN A O   1 
ATOM   486  C CB  . ASN A 1 80  ? 6.005   5.899   -11.234 1.00 22.06  ? 59  ASN A CB  1 
ATOM   487  C CG  . ASN A 1 80  ? 5.850   7.395   -11.234 1.00 23.27  ? 59  ASN A CG  1 
ATOM   488  O OD1 . ASN A 1 80  ? 5.118   7.925   -10.495 1.00 23.45  ? 59  ASN A OD1 1 
ATOM   489  N ND2 . ASN A 1 80  ? 6.564   8.043   -12.098 1.00 26.54  ? 59  ASN A ND2 1 
ATOM   490  N N   . THR A 1 81  ? 5.304   3.077   -9.349  1.00 20.00  ? 60  THR A N   1 
ATOM   491  C CA  . THR A 1 81  ? 5.283   1.624   -9.369  1.00 19.80  ? 60  THR A CA  1 
ATOM   492  C C   . THR A 1 81  ? 3.865   1.052   -9.655  1.00 18.00  ? 60  THR A C   1 
ATOM   493  O O   . THR A 1 81  ? 2.904   1.740   -9.604  1.00 18.09  ? 60  THR A O   1 
ATOM   494  C CB  . THR A 1 81  ? 5.795   0.994   -8.045  1.00 20.17  ? 60  THR A CB  1 
ATOM   495  O OG1 . THR A 1 81  ? 4.886   1.266   -7.014  1.00 20.25  ? 60  THR A OG1 1 
ATOM   496  C CG2 . THR A 1 81  ? 7.057   1.563   -7.605  1.00 23.38  ? 60  THR A CG2 1 
ATOM   497  N N   . GLU A 1 82  ? 3.791   -0.245  -9.904  1.00 16.38  ? 61  GLU A N   1 
ATOM   498  C CA  . GLU A 1 82  ? 2.516   -0.868  -10.049 1.00 16.74  ? 61  GLU A CA  1 
ATOM   499  C C   . GLU A 1 82  ? 2.609   -2.335  -9.629  1.00 14.40  ? 61  GLU A C   1 
ATOM   500  O O   . GLU A 1 82  ? 3.618   -2.932  -9.791  1.00 13.86  ? 61  GLU A O   1 
ATOM   501  C CB  . GLU A 1 82  ? 2.078   -0.662  -11.468 1.00 20.61  ? 61  GLU A CB  1 
ATOM   502  C CG  . GLU A 1 82  ? 1.211   -1.658  -12.117 1.00 27.68  ? 61  GLU A CG  1 
ATOM   503  C CD  . GLU A 1 82  ? 1.048   -1.424  -13.615 1.00 33.01  ? 61  GLU A CD  1 
ATOM   504  O OE1 . GLU A 1 82  ? 0.891   -2.381  -14.297 1.00 35.54  ? 61  GLU A OE1 1 
ATOM   505  O OE2 . GLU A 1 82  ? 1.098   -0.297  -14.106 1.00 36.47  ? 61  GLU A OE2 1 
ATOM   506  N N   . ILE A 1 83  ? 1.541   -2.816  -9.028  1.00 13.93  ? 62  ILE A N   1 
ATOM   507  C CA  . ILE A 1 83  ? 1.347   -4.194  -8.725  1.00 12.37  ? 62  ILE A CA  1 
ATOM   508  C C   . ILE A 1 83  ? 0.022   -4.671  -9.275  1.00 13.29  ? 62  ILE A C   1 
ATOM   509  O O   . ILE A 1 83  ? -0.949  -3.990  -9.226  1.00 13.52  ? 62  ILE A O   1 
ATOM   510  C CB  . ILE A 1 83  ? 1.468   -4.565  -7.228  1.00 12.01  ? 62  ILE A CB  1 
ATOM   511  C CG1 . ILE A 1 83  ? 0.484   -3.824  -6.380  1.00 12.14  ? 62  ILE A CG1 1 
ATOM   512  C CG2 . ILE A 1 83  ? 2.876   -4.353  -6.738  1.00 10.62  ? 62  ILE A CG2 1 
ATOM   513  C CD1 . ILE A 1 83  ? 0.509   -4.237  -4.947  1.00 13.33  ? 62  ILE A CD1 1 
ATOM   514  N N   . SER A 1 84  ? 0.069   -5.862  -9.826  1.00 11.72  ? 63  SER A N   1 
ATOM   515  C CA  . SER A 1 84  ? -1.121  -6.563  -10.204 1.00 13.22  ? 63  SER A CA  1 
ATOM   516  C C   . SER A 1 84  ? -1.164  -7.943  -9.532  1.00 15.40  ? 63  SER A C   1 
ATOM   517  O O   . SER A 1 84  ? -0.184  -8.580  -9.442  1.00 16.07  ? 63  SER A O   1 
ATOM   518  C CB  . SER A 1 84  ? -1.192  -6.711  -11.722 1.00 15.69  ? 63  SER A CB  1 
ATOM   519  O OG  . SER A 1 84  ? -1.386  -5.519  -12.353 1.00 16.26  ? 63  SER A OG  1 
ATOM   520  N N   . PHE A 1 85  ? -2.307  -8.346  -9.041  1.00 13.66  ? 64  PHE A N   1 
ATOM   521  C CA  . PHE A 1 85  ? -2.369  -9.542  -8.228  1.00 14.29  ? 64  PHE A CA  1 
ATOM   522  C C   . PHE A 1 85  ? -3.746  -10.155 -8.120  1.00 14.30  ? 64  PHE A C   1 
ATOM   523  O O   . PHE A 1 85  ? -4.696  -9.525  -8.344  1.00 13.67  ? 64  PHE A O   1 
ATOM   524  C CB  . PHE A 1 85  ? -1.870  -9.227  -6.840  1.00 13.56  ? 64  PHE A CB  1 
ATOM   525  C CG  . PHE A 1 85  ? -2.665  -8.184  -6.141  1.00 12.63  ? 64  PHE A CG  1 
ATOM   526  C CD1 . PHE A 1 85  ? -2.350  -6.875  -6.266  1.00 12.56  ? 64  PHE A CD1 1 
ATOM   527  C CD2 . PHE A 1 85  ? -3.693  -8.525  -5.332  1.00 13.17  ? 64  PHE A CD2 1 
ATOM   528  C CE1 . PHE A 1 85  ? -3.072  -5.917  -5.651  1.00 12.19  ? 64  PHE A CE1 1 
ATOM   529  C CE2 . PHE A 1 85  ? -4.406  -7.587  -4.671  1.00 12.84  ? 64  PHE A CE2 1 
ATOM   530  C CZ  . PHE A 1 85  ? -4.107  -6.268  -4.852  1.00 12.63  ? 64  PHE A CZ  1 
ATOM   531  N N   . ILE A 1 86  ? -3.765  -11.421 -7.744  1.00 15.52  ? 65  ILE A N   1 
ATOM   532  C CA  . ILE A 1 86  ? -4.983  -12.134 -7.450  1.00 13.88  ? 65  ILE A CA  1 
ATOM   533  C C   . ILE A 1 86  ? -5.021  -12.397 -5.944  1.00 15.08  ? 65  ILE A C   1 
ATOM   534  O O   . ILE A 1 86  ? -4.044  -12.730 -5.389  1.00 14.47  ? 65  ILE A O   1 
ATOM   535  C CB  . ILE A 1 86  ? -5.099  -13.446 -8.253  1.00 14.69  ? 65  ILE A CB  1 
ATOM   536  C CG1 . ILE A 1 86  ? -5.174  -13.133 -9.714  1.00 14.94  ? 65  ILE A CG1 1 
ATOM   537  C CG2 . ILE A 1 86  ? -6.326  -14.192 -7.846  1.00 14.40  ? 65  ILE A CG2 1 
ATOM   538  C CD1 . ILE A 1 86  ? -5.326  -14.339 -10.587 1.00 14.89  ? 65  ILE A CD1 1 
ATOM   539  N N   . LEU A 1 87  ? -6.157  -12.162 -5.333  1.00 13.65  ? 66  LEU A N   1 
ATOM   540  C CA  . LEU A 1 87  ? -6.264  -12.265 -3.897  1.00 14.96  ? 66  LEU A CA  1 
ATOM   541  C C   . LEU A 1 87  ? -5.844  -13.656 -3.490  1.00 16.86  ? 66  LEU A C   1 
ATOM   542  O O   . LEU A 1 87  ? -6.287  -14.580 -4.057  1.00 15.52  ? 66  LEU A O   1 
ATOM   543  C CB  . LEU A 1 87  ? -7.664  -12.018 -3.417  1.00 16.25  ? 66  LEU A CB  1 
ATOM   544  C CG  . LEU A 1 87  ? -8.213  -10.625 -3.554  1.00 16.31  ? 66  LEU A CG  1 
ATOM   545  C CD1 . LEU A 1 87  ? -9.672  -10.593 -3.247  1.00 19.87  ? 66  LEU A CD1 1 
ATOM   546  C CD2 . LEU A 1 87  ? -7.467  -9.637  -2.708  1.00 17.05  ? 66  LEU A CD2 1 
ATOM   547  N N   . GLY A 1 88  ? -4.995  -13.721 -2.492  1.00 15.45  ? 67  GLY A N   1 
ATOM   548  C CA  . GLY A 1 88  ? -4.552  -14.949 -1.929  1.00 15.10  ? 67  GLY A CA  1 
ATOM   549  C C   . GLY A 1 88  ? -3.391  -15.613 -2.626  1.00 14.83  ? 67  GLY A C   1 
ATOM   550  O O   . GLY A 1 88  ? -2.927  -16.603 -2.188  1.00 15.25  ? 67  GLY A O   1 
ATOM   551  N N   . GLN A 1 89  ? -2.940  -15.039 -3.723  1.00 13.97  ? 68  GLN A N   1 
ATOM   552  C CA  . GLN A 1 89  ? -1.893  -15.643 -4.504  1.00 14.97  ? 68  GLN A CA  1 
ATOM   553  C C   . GLN A 1 89  ? -0.588  -14.849 -4.407  1.00 16.13  ? 68  GLN A C   1 
ATOM   554  O O   . GLN A 1 89  ? -0.547  -13.731 -4.767  1.00 15.79  ? 68  GLN A O   1 
ATOM   555  C CB  . GLN A 1 89  ? -2.322  -15.811 -5.958  1.00 16.36  ? 68  GLN A CB  1 
ATOM   556  C CG  . GLN A 1 89  ? -3.605  -16.599 -6.066  1.00 21.23  ? 68  GLN A CG  1 
ATOM   557  C CD  . GLN A 1 89  ? -3.975  -17.066 -7.461  1.00 22.41  ? 68  GLN A CD  1 
ATOM   558  O OE1 . GLN A 1 89  ? -3.292  -16.829 -8.414  1.00 23.46  ? 68  GLN A OE1 1 
ATOM   559  N NE2 . GLN A 1 89  ? -5.090  -17.753 -7.546  1.00 24.48  ? 68  GLN A NE2 1 
ATOM   560  N N   . GLU A 1 90  ? 0.448   -15.482 -3.911  1.00 15.85  ? 69  GLU A N   1 
ATOM   561  C CA  . GLU A 1 90  ? 1.693   -14.799 -3.648  1.00 16.10  ? 69  GLU A CA  1 
ATOM   562  C C   . GLU A 1 90  ? 2.321   -14.328 -4.935  1.00 16.04  ? 69  GLU A C   1 
ATOM   563  O O   . GLU A 1 90  ? 2.245   -14.999 -5.921  1.00 13.95  ? 69  GLU A O   1 
ATOM   564  C CB  . GLU A 1 90  ? 2.640   -15.694 -2.856  1.00 20.46  ? 69  GLU A CB  1 
ATOM   565  C CG  . GLU A 1 90  ? 3.923   -15.102 -2.313  1.00 24.43  ? 69  GLU A CG  1 
ATOM   566  C CD  . GLU A 1 90  ? 4.690   -16.083 -1.446  1.00 29.70  ? 69  GLU A CD  1 
ATOM   567  O OE1 . GLU A 1 90  ? 5.076   -17.103 -1.951  1.00 35.49  ? 69  GLU A OE1 1 
ATOM   568  O OE2 . GLU A 1 90  ? 4.797   -15.851 -0.258  1.00 36.54  ? 69  GLU A OE2 1 
ATOM   569  N N   . PHE A 1 91  ? 2.887   -13.143 -4.855  1.00 12.11  ? 70  PHE A N   1 
ATOM   570  C CA  . PHE A 1 91  ? 3.659   -12.547 -5.920  1.00 14.02  ? 70  PHE A CA  1 
ATOM   571  C C   . PHE A 1 91  ? 4.985   -11.880 -5.480  1.00 14.23  ? 70  PHE A C   1 
ATOM   572  O O   . PHE A 1 91  ? 5.197   -11.657 -4.342  1.00 13.66  ? 70  PHE A O   1 
ATOM   573  C CB  . PHE A 1 91  ? 2.822   -11.537 -6.678  1.00 13.36  ? 70  PHE A CB  1 
ATOM   574  C CG  . PHE A 1 91  ? 2.306   -10.393 -5.832  1.00 13.97  ? 70  PHE A CG  1 
ATOM   575  C CD1 . PHE A 1 91  ? 1.209   -10.562 -5.058  1.00 12.56  ? 70  PHE A CD1 1 
ATOM   576  C CD2 . PHE A 1 91  ? 2.900   -9.171  -5.857  1.00 13.48  ? 70  PHE A CD2 1 
ATOM   577  C CE1 . PHE A 1 91  ? 0.724   -9.565  -4.306  1.00 13.18  ? 70  PHE A CE1 1 
ATOM   578  C CE2 . PHE A 1 91  ? 2.428   -8.153  -5.097  1.00 13.79  ? 70  PHE A CE2 1 
ATOM   579  C CZ  . PHE A 1 91  ? 1.315   -8.350  -4.333  1.00 13.55  ? 70  PHE A CZ  1 
ATOM   580  N N   . ASP A 1 92  ? 5.854   -11.607 -6.437  1.00 14.85  ? 71  ASP A N   1 
ATOM   581  C CA  . ASP A 1 92  ? 7.096   -10.919 -6.148  1.00 17.38  ? 71  ASP A CA  1 
ATOM   582  C C   . ASP A 1 92  ? 6.863   -9.444  -6.276  1.00 17.08  ? 71  ASP A C   1 
ATOM   583  O O   . ASP A 1 92  ? 6.249   -9.031  -7.170  1.00 19.24  ? 71  ASP A O   1 
ATOM   584  C CB  . ASP A 1 92  ? 8.226   -11.275 -7.121  1.00 18.33  ? 71  ASP A CB  1 
ATOM   585  C CG  . ASP A 1 92  ? 8.595   -12.724 -7.087  1.00 21.50  ? 71  ASP A CG  1 
ATOM   586  O OD1 . ASP A 1 92  ? 8.918   -13.196 -6.019  1.00 25.54  ? 71  ASP A OD1 1 
ATOM   587  O OD2 . ASP A 1 92  ? 8.603   -13.353 -8.135  1.00 21.88  ? 71  ASP A OD2 1 
ATOM   588  N N   . GLU A 1 93  ? 7.433   -8.682  -5.382  1.00 16.60  ? 72  GLU A N   1 
ATOM   589  C CA  . GLU A 1 93  ? 7.295   -7.253  -5.426  1.00 18.98  ? 72  GLU A CA  1 
ATOM   590  C C   . GLU A 1 93  ? 8.660   -6.600  -5.080  1.00 20.22  ? 72  GLU A C   1 
ATOM   591  O O   . GLU A 1 93  ? 9.295   -7.005  -4.193  1.00 21.37  ? 72  GLU A O   1 
ATOM   592  C CB  . GLU A 1 93  ? 6.234   -6.789  -4.431  1.00 18.13  ? 72  GLU A CB  1 
ATOM   593  C CG  . GLU A 1 93  ? 5.921   -5.319  -4.430  1.00 22.54  ? 72  GLU A CG  1 
ATOM   594  C CD  . GLU A 1 93  ? 5.010   -4.893  -3.330  1.00 20.04  ? 72  GLU A CD  1 
ATOM   595  O OE1 . GLU A 1 93  ? 4.636   -5.714  -2.505  1.00 18.43  ? 72  GLU A OE1 1 
ATOM   596  O OE2 . GLU A 1 93  ? 4.678   -3.744  -3.316  1.00 21.25  ? 72  GLU A OE2 1 
ATOM   597  N N   . VAL A 1 94  ? 9.037   -5.599  -5.844  1.00 20.17  ? 73  VAL A N   1 
ATOM   598  C CA  . VAL A 1 94  ? 10.159  -4.778  -5.537  1.00 19.96  ? 73  VAL A CA  1 
ATOM   599  C C   . VAL A 1 94  ? 9.561   -3.481  -5.024  1.00 17.67  ? 73  VAL A C   1 
ATOM   600  O O   . VAL A 1 94  ? 8.920   -2.826  -5.711  1.00 19.34  ? 73  VAL A O   1 
ATOM   601  C CB  . VAL A 1 94  ? 11.056  -4.472  -6.752  1.00 24.44  ? 73  VAL A CB  1 
ATOM   602  C CG1 . VAL A 1 94  ? 12.202  -3.606  -6.307  1.00 24.52  ? 73  VAL A CG1 1 
ATOM   603  C CG2 . VAL A 1 94  ? 11.622  -5.749  -7.340  1.00 23.31  ? 73  VAL A CG2 1 
ATOM   604  N N   . THR A 1 95  ? 9.773   -3.202  -3.769  1.00 16.78  ? 74  THR A N   1 
ATOM   605  C CA  . THR A 1 95  ? 9.205   -2.062  -3.141  1.00 17.78  ? 74  THR A CA  1 
ATOM   606  C C   . THR A 1 95  ? 9.887   -0.773  -3.573  1.00 19.09  ? 74  THR A C   1 
ATOM   607  O O   . THR A 1 95  ? 10.898  -0.791  -4.124  1.00 19.59  ? 74  THR A O   1 
ATOM   608  C CB  . THR A 1 95  ? 9.252   -2.162  -1.613  1.00 15.24  ? 74  THR A CB  1 
ATOM   609  O OG1 . THR A 1 95  ? 10.601  -2.146  -1.192  1.00 17.29  ? 74  THR A OG1 1 
ATOM   610  C CG2 . THR A 1 95  ? 8.624   -3.432  -1.162  1.00 16.29  ? 74  THR A CG2 1 
ATOM   611  N N   . ALA A 1 96  ? 9.270   0.337   -3.270  1.00 17.96  ? 75  ALA A N   1 
ATOM   612  C CA  . ALA A 1 96  ? 9.781   1.653   -3.617  1.00 22.82  ? 75  ALA A CA  1 
ATOM   613  C C   . ALA A 1 96  ? 11.201  1.918   -3.088  1.00 22.61  ? 75  ALA A C   1 
ATOM   614  O O   . ALA A 1 96  ? 11.998  2.580   -3.722  1.00 22.00  ? 75  ALA A O   1 
ATOM   615  C CB  . ALA A 1 96  ? 8.843   2.690   -3.085  1.00 22.16  ? 75  ALA A CB  1 
ATOM   616  N N   . ASP A 1 97  ? 11.469  1.391   -1.908  1.00 20.78  ? 76  ASP A N   1 
ATOM   617  C CA  . ASP A 1 97  ? 12.782  1.418   -1.279  1.00 19.91  ? 76  ASP A CA  1 
ATOM   618  C C   . ASP A 1 97  ? 13.708  0.296   -1.706  1.00 23.09  ? 76  ASP A C   1 
ATOM   619  O O   . ASP A 1 97  ? 14.703  0.070   -1.120  1.00 22.56  ? 76  ASP A O   1 
ATOM   620  C CB  . ASP A 1 97  ? 12.669  1.458   0.263   1.00 18.60  ? 76  ASP A CB  1 
ATOM   621  C CG  . ASP A 1 97  ? 11.954  0.237   0.876   1.00 19.28  ? 76  ASP A CG  1 
ATOM   622  O OD1 . ASP A 1 97  ? 10.846  -0.098  0.504   1.00 18.55  ? 76  ASP A OD1 1 
ATOM   623  O OD2 . ASP A 1 97  ? 12.509  -0.310  1.802   1.00 19.63  ? 76  ASP A OD2 1 
ATOM   624  N N   . ASP A 1 98  ? 13.329  -0.399  -2.754  1.00 24.61  ? 77  ASP A N   1 
ATOM   625  C CA  . ASP A 1 98  ? 14.152  -1.408  -3.369  1.00 24.41  ? 77  ASP A CA  1 
ATOM   626  C C   . ASP A 1 98  ? 14.394  -2.682  -2.527  1.00 25.09  ? 77  ASP A C   1 
ATOM   627  O O   . ASP A 1 98  ? 15.353  -3.354  -2.718  1.00 26.92  ? 77  ASP A O   1 
ATOM   628  C CB  . ASP A 1 98  ? 15.411  -0.769  -3.996  1.00 29.37  ? 77  ASP A CB  1 
ATOM   629  C CG  . ASP A 1 98  ? 15.059  0.269   -5.094  0.50 30.80  ? 77  ASP A CG  1 
ATOM   630  O OD1 . ASP A 1 98  ? 13.893  0.311   -5.560  0.50 33.95  ? 77  ASP A OD1 1 
ATOM   631  O OD2 . ASP A 1 98  ? 15.904  1.128   -5.473  0.50 35.08  ? 77  ASP A OD2 1 
ATOM   632  N N   . ARG A 1 99  ? 13.472  -3.013  -1.639  1.00 21.10  ? 78  ARG A N   1 
ATOM   633  C CA  . ARG A 1 99  ? 13.387  -4.343  -1.098  1.00 19.34  ? 78  ARG A CA  1 
ATOM   634  C C   . ARG A 1 99  ? 12.746  -5.285  -2.119  1.00 20.11  ? 78  ARG A C   1 
ATOM   635  O O   . ARG A 1 99  ? 11.819  -4.934  -2.783  1.00 20.81  ? 78  ARG A O   1 
ATOM   636  C CB  . ARG A 1 99  ? 12.551  -4.401  0.170   1.00 18.91  ? 78  ARG A CB  1 
ATOM   637  C CG  . ARG A 1 99  ? 13.182  -3.890  1.455   1.00 20.35  ? 78  ARG A CG  1 
ATOM   638  C CD  . ARG A 1 99  ? 12.158  -3.762  2.572   1.00 19.15  ? 78  ARG A CD  1 
ATOM   639  N NE  . ARG A 1 99  ? 11.202  -2.719  2.260   1.00 20.65  ? 78  ARG A NE  1 
ATOM   640  C CZ  . ARG A 1 99  ? 9.887   -2.783  2.397   1.00 18.37  ? 78  ARG A CZ  1 
ATOM   641  N NH1 . ARG A 1 99  ? 9.295   -3.844  2.857   1.00 15.26  ? 78  ARG A NH1 1 
ATOM   642  N NH2 . ARG A 1 99  ? 9.188   -1.766  2.023   1.00 17.13  ? 78  ARG A NH2 1 
ATOM   643  N N   . LYS A 1 100 ? 13.288  -6.482  -2.234  1.00 19.58  ? 79  LYS A N   1 
ATOM   644  C CA  . LYS A 1 100 ? 12.671  -7.542  -2.988  1.00 18.78  ? 79  LYS A CA  1 
ATOM   645  C C   . LYS A 1 100 ? 11.919  -8.415  -1.977  1.00 17.31  ? 79  LYS A C   1 
ATOM   646  O O   . LYS A 1 100 ? 12.494  -9.011  -1.173  1.00 18.54  ? 79  LYS A O   1 
ATOM   647  C CB  . LYS A 1 100 ? 13.714  -8.340  -3.762  1.00 20.45  ? 79  LYS A CB  1 
ATOM   648  C CG  . LYS A 1 100 ? 14.407  -7.506  -4.826  0.50 20.28  ? 79  LYS A CG  1 
ATOM   649  C CD  . LYS A 1 100 ? 15.429  -6.570  -4.204  0.50 24.40  ? 79  LYS A CD  1 
ATOM   650  C CE  . LYS A 1 100 ? 16.336  -5.803  -5.171  0.50 23.11  ? 79  LYS A CE  1 
ATOM   651  N NZ  . LYS A 1 100 ? 15.616  -4.953  -6.169  0.50 24.27  ? 79  LYS A NZ  1 
ATOM   652  N N   . VAL A 1 101 ? 10.601  -8.430  -2.055  1.00 16.19  ? 80  VAL A N   1 
ATOM   653  C CA  . VAL A 1 101 ? 9.809   -9.119  -1.081  1.00 15.09  ? 80  VAL A CA  1 
ATOM   654  C C   . VAL A 1 101 ? 8.854   -10.108 -1.726  1.00 15.65  ? 80  VAL A C   1 
ATOM   655  O O   . VAL A 1 101 ? 8.608   -10.041 -2.867  1.00 18.01  ? 80  VAL A O   1 
ATOM   656  C CB  . VAL A 1 101 ? 8.972   -8.152  -0.230  1.00 14.85  ? 80  VAL A CB  1 
ATOM   657  C CG1 . VAL A 1 101 ? 9.817   -7.051  0.352   1.00 17.30  ? 80  VAL A CG1 1 
ATOM   658  C CG2 . VAL A 1 101 ? 7.886   -7.570  -1.083  1.00 15.38  ? 80  VAL A CG2 1 
ATOM   659  N N   . LYS A 1 102 ? 8.322   -11.002 -0.939  1.00 15.79  ? 81  LYS A N   1 
ATOM   660  C CA  . LYS A 1 102 ? 7.225   -11.830 -1.384  1.00 18.34  ? 81  LYS A CA  1 
ATOM   661  C C   . LYS A 1 102 ? 5.965   -11.329 -0.727  1.00 16.94  ? 81  LYS A C   1 
ATOM   662  O O   . LYS A 1 102 ? 5.922   -11.227 0.471   1.00 16.07  ? 81  LYS A O   1 
ATOM   663  C CB  . LYS A 1 102 ? 7.425   -13.273 -1.007  1.00 23.33  ? 81  LYS A CB  1 
ATOM   664  C CG  . LYS A 1 102 ? 8.660   -13.864 -1.619  1.00 28.20  ? 81  LYS A CG  1 
ATOM   665  C CD  . LYS A 1 102 ? 8.466   -14.487 -2.964  1.00 28.75  ? 81  LYS A CD  1 
ATOM   666  C CE  . LYS A 1 102 ? 9.809   -14.911 -3.496  1.00 31.25  ? 81  LYS A CE  1 
ATOM   667  N NZ  . LYS A 1 102 ? 9.637   -15.977 -4.503  1.00 35.83  ? 81  LYS A NZ  1 
ATOM   668  N N   . SER A 1 103 ? 4.965   -11.055 -1.545  1.00 14.75  ? 82  SER A N   1 
ATOM   669  C CA  . SER A 1 103 ? 3.760   -10.448 -1.051  1.00 14.19  ? 82  SER A CA  1 
ATOM   670  C C   . SER A 1 103 ? 2.514   -11.285 -1.281  1.00 14.20  ? 82  SER A C   1 
ATOM   671  O O   . SER A 1 103 ? 2.436   -12.007 -2.183  1.00 16.04  ? 82  SER A O   1 
ATOM   672  C CB  . SER A 1 103 ? 3.573   -9.076  -1.667  1.00 15.59  ? 82  SER A CB  1 
ATOM   673  O OG  . SER A 1 103 ? 4.574   -8.229  -1.349  1.00 13.75  ? 82  SER A OG  1 
ATOM   674  N N   . THR A 1 104 ? 1.569   -11.149 -0.383  1.00 13.82  ? 83  THR A N   1 
ATOM   675  C CA  . THR A 1 104 ? 0.277   -11.719 -0.550  1.00 13.56  ? 83  THR A CA  1 
ATOM   676  C C   . THR A 1 104 ? -0.758  -10.719 -0.075  1.00 13.94  ? 83  THR A C   1 
ATOM   677  O O   . THR A 1 104 ? -0.643  -10.171 0.968   1.00 14.78  ? 83  THR A O   1 
ATOM   678  C CB  . THR A 1 104 ? 0.136   -13.033 0.213   1.00 16.20  ? 83  THR A CB  1 
ATOM   679  O OG1 . THR A 1 104 ? 1.263   -13.849 -0.013  1.00 17.46  ? 83  THR A OG1 1 
ATOM   680  C CG2 . THR A 1 104 ? -1.037  -13.743 -0.167  1.00 15.12  ? 83  THR A CG2 1 
ATOM   681  N N   . ILE A 1 105 ? -1.767  -10.538 -0.904  1.00 13.95  ? 84  ILE A N   1 
ATOM   682  C CA  . ILE A 1 105 ? -2.884  -9.667  -0.591  1.00 13.62  ? 84  ILE A CA  1 
ATOM   683  C C   . ILE A 1 105 ? -4.178  -10.485 -0.537  1.00 14.78  ? 84  ILE A C   1 
ATOM   684  O O   . ILE A 1 105 ? -4.469  -11.220 -1.426  1.00 14.05  ? 84  ILE A O   1 
ATOM   685  C CB  . ILE A 1 105 ? -2.974  -8.464  -1.555  1.00 13.03  ? 84  ILE A CB  1 
ATOM   686  C CG1 . ILE A 1 105 ? -1.671  -7.687  -1.497  1.00 13.07  ? 84  ILE A CG1 1 
ATOM   687  C CG2 . ILE A 1 105 ? -4.087  -7.534  -1.189  1.00 11.57  ? 84  ILE A CG2 1 
ATOM   688  C CD1 . ILE A 1 105 ? -1.575  -6.529  -2.440  1.00 13.23  ? 84  ILE A CD1 1 
ATOM   689  N N   . THR A 1 106 ? -4.881  -10.344 0.574   1.00 13.18  ? 85  THR A N   1 
ATOM   690  C CA  . THR A 1 106 ? -6.149  -10.935 0.808   1.00 14.87  ? 85  THR A CA  1 
ATOM   691  C C   . THR A 1 106 ? -7.168  -9.887  1.213   1.00 17.34  ? 85  THR A C   1 
ATOM   692  O O   . THR A 1 106 ? -6.841  -8.817  1.553   1.00 17.86  ? 85  THR A O   1 
ATOM   693  C CB  . THR A 1 106 ? -6.063  -12.003 1.950   1.00 14.88  ? 85  THR A CB  1 
ATOM   694  O OG1 . THR A 1 106 ? -5.456  -11.427 3.083   1.00 16.01  ? 85  THR A OG1 1 
ATOM   695  C CG2 . THR A 1 106 ? -5.240  -13.185 1.522   1.00 14.96  ? 85  THR A CG2 1 
ATOM   696  N N   . LEU A 1 107 ? -8.421  -10.266 1.162   1.00 18.61  ? 86  LEU A N   1 
ATOM   697  C CA  . LEU A 1 107 ? -9.498  -9.421  1.579   1.00 21.92  ? 86  LEU A CA  1 
ATOM   698  C C   . LEU A 1 107 ? -10.078 -10.049 2.821   1.00 26.00  ? 86  LEU A C   1 
ATOM   699  O O   . LEU A 1 107 ? -10.614 -11.113 2.740   1.00 27.89  ? 86  LEU A O   1 
ATOM   700  C CB  . LEU A 1 107 ? -10.544 -9.425  0.492   1.00 24.12  ? 86  LEU A CB  1 
ATOM   701  C CG  . LEU A 1 107 ? -11.034 -8.164  -0.140  1.00 26.12  ? 86  LEU A CG  1 
ATOM   702  C CD1 . LEU A 1 107 ? -12.285 -8.334  -0.964  1.00 25.41  ? 86  LEU A CD1 1 
ATOM   703  C CD2 . LEU A 1 107 ? -11.080 -6.933  0.729   1.00 23.46  ? 86  LEU A CD2 1 
ATOM   704  N N   . ASP A 1 108 ? -9.912  -9.401  3.952   1.00 23.74  ? 87  ASP A N   1 
ATOM   705  C CA  . ASP A 1 108 ? -10.347 -9.848  5.230   1.00 30.42  ? 87  ASP A CA  1 
ATOM   706  C C   . ASP A 1 108 ? -11.512 -8.939  5.618   1.00 29.86  ? 87  ASP A C   1 
ATOM   707  O O   . ASP A 1 108 ? -11.350 -7.836  6.091   1.00 24.45  ? 87  ASP A O   1 
ATOM   708  C CB  . ASP A 1 108 ? -9.184  -9.734  6.205   1.00 37.04  ? 87  ASP A CB  1 
ATOM   709  C CG  . ASP A 1 108 ? -9.533  -10.113 7.630   1.00 51.11  ? 87  ASP A CG  1 
ATOM   710  O OD1 . ASP A 1 108 ? -10.352 -11.026 7.813   1.00 55.65  ? 87  ASP A OD1 1 
ATOM   711  O OD2 . ASP A 1 108 ? -8.975  -9.496  8.569   1.00 55.67  ? 87  ASP A OD2 1 
ATOM   712  N N   . GLY A 1 109 ? -12.701 -9.403  5.292   1.00 27.71  ? 88  GLY A N   1 
ATOM   713  C CA  . GLY A 1 109 ? -13.881 -8.620  5.524   1.00 28.26  ? 88  GLY A CA  1 
ATOM   714  C C   . GLY A 1 109 ? -13.772 -7.157  5.177   1.00 30.97  ? 88  GLY A C   1 
ATOM   715  O O   . GLY A 1 109 ? -13.854 -6.293  6.019   1.00 35.19  ? 88  GLY A O   1 
ATOM   716  N N   . GLY A 1 110 ? -13.676 -6.832  3.936   1.00 25.31  ? 89  GLY A N   1 
ATOM   717  C CA  . GLY A 1 110 ? -13.639 -5.418  3.679   1.00 23.35  ? 89  GLY A CA  1 
ATOM   718  C C   . GLY A 1 110 ? -12.297 -4.698  3.731   1.00 23.00  ? 89  GLY A C   1 
ATOM   719  O O   . GLY A 1 110 ? -12.136 -3.627  3.220   1.00 20.03  ? 89  GLY A O   1 
ATOM   720  N N   . VAL A 1 111 ? -11.333 -5.319  4.384   1.00 20.48  ? 90  VAL A N   1 
ATOM   721  C CA  . VAL A 1 111 ? -10.014 -4.751  4.487   1.00 17.67  ? 90  VAL A CA  1 
ATOM   722  C C   . VAL A 1 111 ? -9.074  -5.493  3.574   1.00 17.80  ? 90  VAL A C   1 
ATOM   723  O O   . VAL A 1 111 ? -9.046  -6.676  3.602   1.00 18.25  ? 90  VAL A O   1 
ATOM   724  C CB  . VAL A 1 111 ? -9.483  -4.840  5.905   1.00 21.48  ? 90  VAL A CB  1 
ATOM   725  C CG1 . VAL A 1 111 ? -8.155  -4.132  6.008   1.00 19.89  ? 90  VAL A CG1 1 
ATOM   726  C CG2 . VAL A 1 111 ? -10.482 -4.309  6.933   1.00 18.93  ? 90  VAL A CG2 1 
ATOM   727  N N   . LEU A 1 112 ? -8.309  -4.770  2.789   1.00 14.77  ? 91  LEU A N   1 
ATOM   728  C CA  . LEU A 1 112 ? -7.305  -5.378  1.983   1.00 16.02  ? 91  LEU A CA  1 
ATOM   729  C C   . LEU A 1 112 ? -6.044  -5.461  2.812   1.00 14.38  ? 91  LEU A C   1 
ATOM   730  O O   . LEU A 1 112 ? -5.583  -4.482  3.280   1.00 14.23  ? 91  LEU A O   1 
ATOM   731  C CB  . LEU A 1 112 ? -6.969  -4.526  0.795   1.00 16.06  ? 91  LEU A CB  1 
ATOM   732  C CG  . LEU A 1 112 ? -7.670  -4.681  -0.502  1.00 22.09  ? 91  LEU A CG  1 
ATOM   733  C CD1 . LEU A 1 112 ? -7.247  -3.610  -1.481  1.00 19.07  ? 91  LEU A CD1 1 
ATOM   734  C CD2 . LEU A 1 112 ? -7.479  -6.053  -1.075  1.00 18.17  ? 91  LEU A CD2 1 
ATOM   735  N N   . VAL A 1 113 ? -5.545  -6.666  2.958   1.00 14.47  ? 92  VAL A N   1 
ATOM   736  C CA  . VAL A 1 113 ? -4.424  -6.942  3.814   1.00 14.01  ? 92  VAL A CA  1 
ATOM   737  C C   . VAL A 1 113 ? -3.237  -7.369  2.953   1.00 14.08  ? 92  VAL A C   1 
ATOM   738  O O   . VAL A 1 113 ? -3.342  -8.313  2.299   1.00 14.21  ? 92  VAL A O   1 
ATOM   739  C CB  . VAL A 1 113 ? -4.771  -8.072  4.813   1.00 15.21  ? 92  VAL A CB  1 
ATOM   740  C CG1 . VAL A 1 113 ? -3.574  -8.436  5.621   1.00 18.19  ? 92  VAL A CG1 1 
ATOM   741  C CG2 . VAL A 1 113 ? -5.905  -7.647  5.712   1.00 15.56  ? 92  VAL A CG2 1 
ATOM   742  N N   . HIS A 1 114 ? -2.157  -6.611  3.006   1.00 12.03  ? 93  HIS A N   1 
ATOM   743  C CA  . HIS A 1 114 ? -1.004  -6.780  2.166   1.00 12.76  ? 93  HIS A CA  1 
ATOM   744  C C   . HIS A 1 114 ? 0.168   -7.113  3.030   1.00 13.66  ? 93  HIS A C   1 
ATOM   745  O O   . HIS A 1 114 ? 0.588   -6.303  3.791   1.00 13.72  ? 93  HIS A O   1 
ATOM   746  C CB  . HIS A 1 114 ? -0.784  -5.475  1.424   1.00 12.45  ? 93  HIS A CB  1 
ATOM   747  C CG  . HIS A 1 114 ? 0.354   -5.456  0.463   1.00 14.40  ? 93  HIS A CG  1 
ATOM   748  N ND1 . HIS A 1 114 ? 0.636   -4.403  -0.270  1.00 13.58  ? 93  HIS A ND1 1 
ATOM   749  C CD2 . HIS A 1 114 ? 1.261   -6.408  0.112   1.00 14.67  ? 93  HIS A CD2 1 
ATOM   750  C CE1 . HIS A 1 114 ? 1.668   -4.664  -1.015  1.00 14.24  ? 93  HIS A CE1 1 
ATOM   751  N NE2 . HIS A 1 114 ? 2.060   -5.875  -0.772  1.00 14.21  ? 93  HIS A NE2 1 
ATOM   752  N N   . VAL A 1 115 ? 0.646   -8.333  2.951   1.00 11.23  ? 94  VAL A N   1 
ATOM   753  C CA  . VAL A 1 115 ? 1.779   -8.777  3.749   1.00 13.87  ? 94  VAL A CA  1 
ATOM   754  C C   . VAL A 1 115 ? 3.002   -8.955  2.878   1.00 13.73  ? 94  VAL A C   1 
ATOM   755  O O   . VAL A 1 115 ? 2.930   -9.632  1.940   1.00 14.40  ? 94  VAL A O   1 
ATOM   756  C CB  . VAL A 1 115 ? 1.472   -10.100 4.459   1.00 14.80  ? 94  VAL A CB  1 
ATOM   757  C CG1 . VAL A 1 115 ? 2.600   -10.497 5.353   1.00 17.42  ? 94  VAL A CG1 1 
ATOM   758  C CG2 . VAL A 1 115 ? 0.216   -9.926  5.257   1.00 16.63  ? 94  VAL A CG2 1 
ATOM   759  N N   . GLN A 1 116 ? 4.091   -8.301  3.257   1.00 14.52  ? 95  GLN A N   1 
ATOM   760  C CA  . GLN A 1 116 ? 5.370   -8.380  2.587   1.00 13.77  ? 95  GLN A CA  1 
ATOM   761  C C   . GLN A 1 116 ? 6.421   -9.080  3.470   1.00 16.16  ? 95  GLN A C   1 
ATOM   762  O O   . GLN A 1 116 ? 6.531   -8.774  4.617   1.00 14.27  ? 95  GLN A O   1 
ATOM   763  C CB  . GLN A 1 116 ? 5.911   -7.005  2.311   1.00 14.40  ? 95  GLN A CB  1 
ATOM   764  C CG  . GLN A 1 116 ? 5.104   -6.146  1.389   1.00 14.89  ? 95  GLN A CG  1 
ATOM   765  C CD  . GLN A 1 116 ? 5.678   -4.763  1.250   1.00 15.37  ? 95  GLN A CD  1 
ATOM   766  O OE1 . GLN A 1 116 ? 6.319   -4.275  2.117   1.00 16.70  ? 95  GLN A OE1 1 
ATOM   767  N NE2 . GLN A 1 116 ? 5.404   -4.159  0.172   1.00 13.68  ? 95  GLN A NE2 1 
ATOM   768  N N   . LYS A 1 117 ? 7.131   -10.036 2.876   1.00 14.70  ? 96  LYS A N   1 
ATOM   769  C CA  . LYS A 1 117 ? 8.119   -10.807 3.582   1.00 18.14  ? 96  LYS A CA  1 
ATOM   770  C C   . LYS A 1 117 ? 9.427   -10.748 2.878   1.00 17.57  ? 96  LYS A C   1 
ATOM   771  O O   . LYS A 1 117 ? 9.469   -10.931 1.731   1.00 19.16  ? 96  LYS A O   1 
ATOM   772  C CB  . LYS A 1 117 ? 7.737   -12.278 3.661   1.00 19.93  ? 96  LYS A CB  1 
ATOM   773  C CG  . LYS A 1 117 ? 6.372   -12.549 4.171   1.00 27.37  ? 96  LYS A CG  1 
ATOM   774  C CD  . LYS A 1 117 ? 6.380   -12.922 5.642   1.00 36.58  ? 96  LYS A CD  1 
ATOM   775  C CE  . LYS A 1 117 ? 4.973   -12.965 6.221   1.00 36.10  ? 96  LYS A CE  1 
ATOM   776  N NZ  . LYS A 1 117 ? 4.897   -12.970 7.699   1.00 40.26  ? 96  LYS A NZ  1 
ATOM   777  N N   . TRP A 1 118 ? 10.471  -10.532 3.649   1.00 18.16  ? 97  TRP A N   1 
ATOM   778  C CA  . TRP A 1 118 ? 11.828  -10.485 3.203   1.00 19.74  ? 97  TRP A CA  1 
ATOM   779  C C   . TRP A 1 118 ? 12.784  -10.654 4.372   1.00 22.45  ? 97  TRP A C   1 
ATOM   780  O O   . TRP A 1 118 ? 12.540  -10.225 5.481   1.00 18.95  ? 97  TRP A O   1 
ATOM   781  C CB  . TRP A 1 118 ? 12.142  -9.219  2.450   1.00 17.99  ? 97  TRP A CB  1 
ATOM   782  C CG  . TRP A 1 118 ? 12.399  -8.052  3.325   1.00 17.56  ? 97  TRP A CG  1 
ATOM   783  C CD1 . TRP A 1 118 ? 13.597  -7.446  3.580   1.00 19.77  ? 97  TRP A CD1 1 
ATOM   784  C CD2 . TRP A 1 118 ? 11.443  -7.344  4.154   1.00 19.39  ? 97  TRP A CD2 1 
ATOM   785  N NE1 . TRP A 1 118 ? 13.442  -6.439  4.458   1.00 19.34  ? 97  TRP A NE1 1 
ATOM   786  C CE2 . TRP A 1 118 ? 12.185  -6.321  4.837   1.00 17.92  ? 97  TRP A CE2 1 
ATOM   787  C CE3 . TRP A 1 118 ? 10.094  -7.420  4.353   1.00 15.85  ? 97  TRP A CE3 1 
ATOM   788  C CZ2 . TRP A 1 118 ? 11.580  -5.442  5.693   1.00 17.28  ? 97  TRP A CZ2 1 
ATOM   789  C CZ3 . TRP A 1 118 ? 9.508   -6.540  5.224   1.00 17.14  ? 97  TRP A CZ3 1 
ATOM   790  C CH2 . TRP A 1 118 ? 10.230  -5.578  5.879   1.00 16.54  ? 97  TRP A CH2 1 
ATOM   791  N N   . ASP A 1 119 ? 13.874  -11.332 4.059   1.00 27.31  ? 98  ASP A N   1 
ATOM   792  C CA  . ASP A 1 119 ? 14.978  -11.546 4.952   1.00 25.46  ? 98  ASP A CA  1 
ATOM   793  C C   . ASP A 1 119 ? 14.502  -11.896 6.348   1.00 27.02  ? 98  ASP A C   1 
ATOM   794  O O   . ASP A 1 119 ? 15.008  -11.415 7.291   1.00 29.22  ? 98  ASP A O   1 
ATOM   795  C CB  . ASP A 1 119 ? 15.868  -10.320 4.988   1.00 29.13  ? 98  ASP A CB  1 
ATOM   796  C CG  . ASP A 1 119 ? 16.496  -10.032 3.678   0.50 28.76  ? 98  ASP A CG  1 
ATOM   797  O OD1 . ASP A 1 119 ? 16.532  -10.893 2.819   0.50 30.55  ? 98  ASP A OD1 1 
ATOM   798  O OD2 . ASP A 1 119 ? 16.967  -8.941  3.483   0.50 30.51  ? 98  ASP A OD2 1 
ATOM   799  N N   . GLY A 1 120 ? 13.499  -12.731 6.440   1.00 25.30  ? 99  GLY A N   1 
ATOM   800  C CA  . GLY A 1 120 ? 12.920  -13.107 7.695   1.00 25.77  ? 99  GLY A CA  1 
ATOM   801  C C   . GLY A 1 120 ? 12.148  -12.056 8.461   1.00 29.48  ? 99  GLY A C   1 
ATOM   802  O O   . GLY A 1 120 ? 11.842  -12.249 9.603   1.00 32.20  ? 99  GLY A O   1 
ATOM   803  N N   . LYS A 1 121 ? 11.846  -10.959 7.799   1.00 27.04  ? 100 LYS A N   1 
ATOM   804  C CA  . LYS A 1 121 ? 11.022  -9.902  8.337   1.00 23.34  ? 100 LYS A CA  1 
ATOM   805  C C   . LYS A 1 121 ? 9.684   -9.903  7.621   1.00 20.98  ? 100 LYS A C   1 
ATOM   806  O O   . LYS A 1 121 ? 9.516   -10.533 6.634   1.00 21.02  ? 100 LYS A O   1 
ATOM   807  C CB  . LYS A 1 121 ? 11.736  -8.594  8.165   1.00 24.37  ? 100 LYS A CB  1 
ATOM   808  C CG  . LYS A 1 121 ? 13.119  -8.652  8.739   1.00 29.89  ? 100 LYS A CG  1 
ATOM   809  C CD  . LYS A 1 121 ? 13.714  -7.320  8.974   1.00 37.02  ? 100 LYS A CD  1 
ATOM   810  C CE  . LYS A 1 121 ? 15.148  -7.386  8.578   1.00 41.00  ? 100 LYS A CE  1 
ATOM   811  N NZ  . LYS A 1 121 ? 15.791  -6.059  8.595   1.00 48.63  ? 100 LYS A NZ  1 
ATOM   812  N N   . SER A 1 122 ? 8.767   -9.153  8.176   1.00 21.20  ? 101 SER A N   1 
ATOM   813  C CA  . SER A 1 122 ? 7.531   -8.906  7.541   1.00 18.07  ? 101 SER A CA  1 
ATOM   814  C C   . SER A 1 122 ? 6.912   -7.607  8.025   1.00 17.68  ? 101 SER A C   1 
ATOM   815  O O   . SER A 1 122 ? 7.209   -7.142  9.056   1.00 16.63  ? 101 SER A O   1 
ATOM   816  C CB  . SER A 1 122 ? 6.630   -10.111 7.659   1.00 21.94  ? 101 SER A CB  1 
ATOM   817  O OG  . SER A 1 122 ? 5.628   -9.993  8.572   1.00 27.98  ? 101 SER A OG  1 
ATOM   818  N N   . THR A 1 123 ? 6.083   -7.064  7.165   1.00 16.12  ? 102 THR A N   1 
ATOM   819  C CA  . THR A 1 123 ? 5.361   -5.854  7.383   1.00 14.60  ? 102 THR A CA  1 
ATOM   820  C C   . THR A 1 123 ? 3.995   -6.036  6.727   1.00 15.75  ? 102 THR A C   1 
ATOM   821  O O   . THR A 1 123 ? 3.848   -6.775  5.802   1.00 13.50  ? 102 THR A O   1 
ATOM   822  C CB  . THR A 1 123 ? 6.067   -4.610  6.798   1.00 14.09  ? 102 THR A CB  1 
ATOM   823  O OG1 . THR A 1 123 ? 5.382   -3.406  7.113   1.00 13.96  ? 102 THR A OG1 1 
ATOM   824  C CG2 . THR A 1 123 ? 6.308   -4.722  5.359   1.00 13.73  ? 102 THR A CG2 1 
ATOM   825  N N   . THR A 1 124 ? 3.018   -5.348  7.283   1.00 14.08  ? 103 THR A N   1 
ATOM   826  C CA  . THR A 1 124 ? 1.656   -5.485  6.844   1.00 15.68  ? 103 THR A CA  1 
ATOM   827  C C   . THR A 1 124 ? 1.072   -4.098  6.563   1.00 15.98  ? 103 THR A C   1 
ATOM   828  O O   . THR A 1 124 ? 1.220   -3.227  7.349   1.00 15.58  ? 103 THR A O   1 
ATOM   829  C CB  . THR A 1 124 ? 0.832   -6.250  7.901   1.00 15.92  ? 103 THR A CB  1 
ATOM   830  O OG1 . THR A 1 124 ? 1.384   -7.550  8.053   1.00 16.85  ? 103 THR A OG1 1 
ATOM   831  C CG2 . THR A 1 124 ? -0.588  -6.372  7.490   1.00 17.48  ? 103 THR A CG2 1 
ATOM   832  N N   . ILE A 1 125 ? 0.443   -3.968  5.409   1.00 15.63  ? 104 ILE A N   1 
ATOM   833  C CA  . ILE A 1 125 ? -0.206  -2.767  4.994   1.00 14.08  ? 104 ILE A CA  1 
ATOM   834  C C   . ILE A 1 125 ? -1.666  -3.097  4.816   1.00 13.26  ? 104 ILE A C   1 
ATOM   835  O O   . ILE A 1 125 ? -1.978  -3.946  4.068   1.00 13.33  ? 104 ILE A O   1 
ATOM   836  C CB  . ILE A 1 125 ? 0.390   -2.237  3.678   1.00 14.81  ? 104 ILE A CB  1 
ATOM   837  C CG1 . ILE A 1 125 ? 1.897   -2.056  3.804   1.00 15.55  ? 104 ILE A CG1 1 
ATOM   838  C CG2 . ILE A 1 125 ? -0.298  -0.956  3.250   1.00 14.84  ? 104 ILE A CG2 1 
ATOM   839  C CD1 . ILE A 1 125 ? 2.591   -1.684  2.519   1.00 21.81  ? 104 ILE A CD1 1 
ATOM   840  N N   . LYS A 1 126 ? -2.509  -2.414  5.552   1.00 13.62  ? 105 LYS A N   1 
ATOM   841  C CA  . LYS A 1 126 ? -3.926  -2.674  5.521   1.00 14.44  ? 105 LYS A CA  1 
ATOM   842  C C   . LYS A 1 126 ? -4.601  -1.448  4.881   1.00 14.02  ? 105 LYS A C   1 
ATOM   843  O O   . LYS A 1 126 ? -4.278  -0.370  5.214   1.00 14.87  ? 105 LYS A O   1 
ATOM   844  C CB  . LYS A 1 126 ? -4.445  -2.909  6.961   1.00 16.11  ? 105 LYS A CB  1 
ATOM   845  C CG  . LYS A 1 126 ? -3.866  -4.141  7.647   1.00 19.24  ? 105 LYS A CG  1 
ATOM   846  C CD  . LYS A 1 126 ? -4.375  -4.444  9.053   1.00 24.19  ? 105 LYS A CD  1 
ATOM   847  C CE  . LYS A 1 126 ? -3.582  -3.722  10.124  1.00 27.16  ? 105 LYS A CE  1 
ATOM   848  N NZ  . LYS A 1 126 ? -3.871  -3.989  11.571  1.00 32.58  ? 105 LYS A NZ  1 
ATOM   849  N N   . ARG A 1 127 ? -5.564  -1.681  4.015   1.00 13.62  ? 106 ARG A N   1 
ATOM   850  C CA  . ARG A 1 127 ? -6.227  -0.609  3.334   1.00 13.44  ? 106 ARG A CA  1 
ATOM   851  C C   . ARG A 1 127 ? -7.746  -0.792  3.456   1.00 14.33  ? 106 ARG A C   1 
ATOM   852  O O   . ARG A 1 127 ? -8.239  -1.810  3.179   1.00 12.03  ? 106 ARG A O   1 
ATOM   853  C CB  . ARG A 1 127 ? -5.824  -0.575  1.878   1.00 13.43  ? 106 ARG A CB  1 
ATOM   854  C CG  . ARG A 1 127 ? -4.347  -0.403  1.660   1.00 14.91  ? 106 ARG A CG  1 
ATOM   855  C CD  . ARG A 1 127 ? -4.002  -0.390  0.188   1.00 15.99  ? 106 ARG A CD  1 
ATOM   856  N NE  . ARG A 1 127 ? -2.655  0.014   -0.151  1.00 16.16  ? 106 ARG A NE  1 
ATOM   857  C CZ  . ARG A 1 127 ? -1.632  -0.798  -0.283  1.00 17.55  ? 106 ARG A CZ  1 
ATOM   858  N NH1 . ARG A 1 127 ? -1.776  -2.073  -0.059  1.00 14.34  ? 106 ARG A NH1 1 
ATOM   859  N NH2 . ARG A 1 127 ? -0.455  -0.327  -0.611  1.00 18.02  ? 106 ARG A NH2 1 
ATOM   860  N N   . LYS A 1 128 ? -8.416  0.234   3.910   1.00 14.52  ? 107 LYS A N   1 
ATOM   861  C CA  . LYS A 1 128 ? -9.830  0.125   4.081   1.00 17.65  ? 107 LYS A CA  1 
ATOM   862  C C   . LYS A 1 128 ? -10.517 1.438   3.902   1.00 18.50  ? 107 LYS A C   1 
ATOM   863  O O   . LYS A 1 128 ? -9.936  2.447   4.120   1.00 19.06  ? 107 LYS A O   1 
ATOM   864  C CB  . LYS A 1 128 ? -10.111 -0.405  5.429   1.00 20.22  ? 107 LYS A CB  1 
ATOM   865  C CG  . LYS A 1 128 ? -9.940  0.585   6.515   0.50 19.33  ? 107 LYS A CG  1 
ATOM   866  C CD  . LYS A 1 128 ? -10.538 0.007   7.796   0.50 22.52  ? 107 LYS A CD  1 
ATOM   867  C CE  . LYS A 1 128 ? -11.921 -0.550  7.547   0.50 21.70  ? 107 LYS A CE  1 
ATOM   868  N NZ  . LYS A 1 128 ? -12.673 -1.302  8.614   0.50 21.85  ? 107 LYS A NZ  1 
ATOM   869  N N   . ARG A 1 129 ? -11.773 1.364   3.508   1.00 17.95  ? 108 ARG A N   1 
ATOM   870  C CA  . ARG A 1 129 ? -12.588 2.528   3.274   1.00 17.40  ? 108 ARG A CA  1 
ATOM   871  C C   . ARG A 1 129 ? -13.213 3.015   4.546   1.00 17.90  ? 108 ARG A C   1 
ATOM   872  O O   . ARG A 1 129 ? -13.847 2.279   5.219   1.00 18.84  ? 108 ARG A O   1 
ATOM   873  C CB  . ARG A 1 129 ? -13.697 2.183   2.299   1.00 18.54  ? 108 ARG A CB  1 
ATOM   874  C CG  . ARG A 1 129 ? -13.337 2.320   0.861   1.00 23.43  ? 108 ARG A CG  1 
ATOM   875  C CD  . ARG A 1 129 ? -12.895 3.730   0.585   1.00 19.96  ? 108 ARG A CD  1 
ATOM   876  N NE  . ARG A 1 129 ? -13.924 4.727   0.697   1.00 22.64  ? 108 ARG A NE  1 
ATOM   877  C CZ  . ARG A 1 129 ? -14.904 4.902   -0.169  1.00 22.98  ? 108 ARG A CZ  1 
ATOM   878  N NH1 . ARG A 1 129 ? -15.044 4.115   -1.199  1.00 18.03  ? 108 ARG A NH1 1 
ATOM   879  N NH2 . ARG A 1 129 ? -15.735 5.868   0.003   1.00 21.75  ? 108 ARG A NH2 1 
ATOM   880  N N   . GLU A 1 130 ? -13.050 4.275   4.860   1.00 17.69  ? 109 GLU A N   1 
ATOM   881  C CA  . GLU A 1 130 ? -13.820 4.833   5.938   1.00 20.33  ? 109 GLU A CA  1 
ATOM   882  C C   . GLU A 1 130 ? -14.366 6.199   5.546   1.00 18.12  ? 109 GLU A C   1 
ATOM   883  O O   . GLU A 1 130 ? -13.645 7.025   5.165   1.00 15.51  ? 109 GLU A O   1 
ATOM   884  C CB  . GLU A 1 130 ? -13.049 4.857   7.248   1.00 24.91  ? 109 GLU A CB  1 
ATOM   885  C CG  . GLU A 1 130 ? -13.872 5.257   8.456   0.75 33.70  ? 109 GLU A CG  1 
ATOM   886  C CD  . GLU A 1 130 ? -14.212 4.091   9.393   0.75 41.56  ? 109 GLU A CD  1 
ATOM   887  O OE1 . GLU A 1 130 ? -13.851 2.955   9.095   0.75 47.94  ? 109 GLU A OE1 1 
ATOM   888  O OE2 . GLU A 1 130 ? -14.861 4.305   10.438  0.75 45.95  ? 109 GLU A OE2 1 
ATOM   889  N N   . ASP A 1 131 ? -15.687 6.333   5.576   1.00 17.19  ? 110 ASP A N   1 
ATOM   890  C CA  . ASP A 1 131 ? -16.321 7.499   5.067   1.00 16.99  ? 110 ASP A CA  1 
ATOM   891  C C   . ASP A 1 131 ? -15.814 7.687   3.630   1.00 16.10  ? 110 ASP A C   1 
ATOM   892  O O   . ASP A 1 131 ? -15.746 6.743   2.906   1.00 16.42  ? 110 ASP A O   1 
ATOM   893  C CB  . ASP A 1 131 ? -16.072 8.713   5.958   1.00 20.71  ? 110 ASP A CB  1 
ATOM   894  C CG  . ASP A 1 131 ? -16.625 8.542   7.359   1.00 26.36  ? 110 ASP A CG  1 
ATOM   895  O OD1 . ASP A 1 131 ? -17.648 7.924   7.504   1.00 24.12  ? 110 ASP A OD1 1 
ATOM   896  O OD2 . ASP A 1 131 ? -16.016 9.024   8.293   1.00 27.28  ? 110 ASP A OD2 1 
ATOM   897  N N   . ASP A 1 132 ? -15.470 8.883   3.244   1.00 15.90  ? 111 ASP A N   1 
ATOM   898  C CA  . ASP A 1 132 ? -14.978 9.094   1.884   1.00 17.38  ? 111 ASP A CA  1 
ATOM   899  C C   . ASP A 1 132 ? -13.457 8.947   1.724   1.00 18.07  ? 111 ASP A C   1 
ATOM   900  O O   . ASP A 1 132 ? -12.886 9.388   0.773   1.00 18.55  ? 111 ASP A O   1 
ATOM   901  C CB  . ASP A 1 132 ? -15.435 10.436  1.303   1.00 17.75  ? 111 ASP A CB  1 
ATOM   902  C CG  . ASP A 1 132 ? -16.923 10.475  0.986   1.00 18.71  ? 111 ASP A CG  1 
ATOM   903  O OD1 . ASP A 1 132 ? -17.437 9.594   0.340   1.00 21.66  ? 111 ASP A OD1 1 
ATOM   904  O OD2 . ASP A 1 132 ? -17.528 11.436  1.343   1.00 20.71  ? 111 ASP A OD2 1 
ATOM   905  N N   . LYS A 1 133 ? -12.851 8.335   2.705   1.00 18.19  ? 112 LYS A N   1 
ATOM   906  C CA  . LYS A 1 133 ? -11.411 8.141   2.724   1.00 16.61  ? 112 LYS A CA  1 
ATOM   907  C C   . LYS A 1 133 ? -11.041 6.699   2.535   1.00 15.94  ? 112 LYS A C   1 
ATOM   908  O O   . LYS A 1 133 ? -11.778 5.848   2.831   1.00 16.89  ? 112 LYS A O   1 
ATOM   909  C CB  . LYS A 1 133 ? -10.844 8.653   4.022   1.00 16.17  ? 112 LYS A CB  1 
ATOM   910  C CG  . LYS A 1 133 ? -10.625 10.129  3.998   0.50 17.02  ? 112 LYS A CG  1 
ATOM   911  C CD  . LYS A 1 133 ? -11.539 10.846  4.916   0.50 18.50  ? 112 LYS A CD  1 
ATOM   912  C CE  . LYS A 1 133 ? -11.291 12.362  4.859   0.50 20.52  ? 112 LYS A CE  1 
ATOM   913  N NZ  . LYS A 1 133 ? -10.820 12.976  3.570   0.50 20.58  ? 112 LYS A NZ  1 
ATOM   914  N N   . LEU A 1 134 ? -9.851  6.502   2.021   1.00 16.58  ? 113 LEU A N   1 
ATOM   915  C CA  . LEU A 1 134 ? -9.201  5.214   2.002   1.00 17.27  ? 113 LEU A CA  1 
ATOM   916  C C   . LEU A 1 134 ? -8.012  5.336   2.938   1.00 16.12  ? 113 LEU A C   1 
ATOM   917  O O   . LEU A 1 134 ? -7.157  6.135   2.766   1.00 14.82  ? 113 LEU A O   1 
ATOM   918  C CB  . LEU A 1 134 ? -8.790  4.842   0.582   1.00 17.14  ? 113 LEU A CB  1 
ATOM   919  C CG  . LEU A 1 134 ? -8.430  3.420   0.245   1.00 20.43  ? 113 LEU A CG  1 
ATOM   920  C CD1 . LEU A 1 134 ? -8.365  3.274   -1.247  1.00 18.79  ? 113 LEU A CD1 1 
ATOM   921  C CD2 . LEU A 1 134 ? -7.068  3.183   0.832   1.00 21.54  ? 113 LEU A CD2 1 
ATOM   922  N N   . VAL A 1 135 ? -8.093  4.570   4.000   1.00 13.79  ? 114 VAL A N   1 
ATOM   923  C CA  . VAL A 1 135 ? -7.144  4.640   5.064   1.00 14.56  ? 114 VAL A CA  1 
ATOM   924  C C   . VAL A 1 135 ? -6.154  3.513   4.937   1.00 15.10  ? 114 VAL A C   1 
ATOM   925  O O   . VAL A 1 135 ? -6.544  2.411   4.808   1.00 16.92  ? 114 VAL A O   1 
ATOM   926  C CB  . VAL A 1 135 ? -7.833  4.538   6.418   1.00 14.28  ? 114 VAL A CB  1 
ATOM   927  C CG1 . VAL A 1 135 ? -6.839  4.595   7.528   1.00 16.49  ? 114 VAL A CG1 1 
ATOM   928  C CG2 . VAL A 1 135 ? -8.843  5.658   6.568   1.00 16.18  ? 114 VAL A CG2 1 
ATOM   929  N N   . VAL A 1 136 ? -4.879  3.844   4.955   1.00 14.46  ? 115 VAL A N   1 
ATOM   930  C CA  . VAL A 1 136 ? -3.824  2.856   4.797   1.00 14.11  ? 115 VAL A CA  1 
ATOM   931  C C   . VAL A 1 136 ? -2.995  2.781   6.069   1.00 13.90  ? 115 VAL A C   1 
ATOM   932  O O   . VAL A 1 136 ? -2.452  3.747   6.434   1.00 15.53  ? 115 VAL A O   1 
ATOM   933  C CB  . VAL A 1 136 ? -2.886  3.230   3.634   1.00 13.72  ? 115 VAL A CB  1 
ATOM   934  C CG1 . VAL A 1 136 ? -1.897  2.129   3.378   1.00 13.25  ? 115 VAL A CG1 1 
ATOM   935  C CG2 . VAL A 1 136 ? -3.655  3.571   2.385   1.00 14.37  ? 115 VAL A CG2 1 
ATOM   936  N N   . GLU A 1 137 ? -2.922  1.631   6.715   1.00 13.11  ? 116 GLU A N   1 
ATOM   937  C CA  . GLU A 1 137 ? -2.194  1.495   7.950   1.00 13.70  ? 116 GLU A CA  1 
ATOM   938  C C   . GLU A 1 137 ? -1.009  0.592   7.631   1.00 15.72  ? 116 GLU A C   1 
ATOM   939  O O   . GLU A 1 137 ? -1.182  -0.488  7.181   1.00 15.31  ? 116 GLU A O   1 
ATOM   940  C CB  . GLU A 1 137 ? -3.056  0.858   9.080   1.00 18.37  ? 116 GLU A CB  1 
ATOM   941  C CG  . GLU A 1 137 ? -2.304  0.461   10.356  0.50 19.00  ? 116 GLU A CG  1 
ATOM   942  C CD  . GLU A 1 137 ? -3.152  -0.238  11.481  0.50 23.55  ? 116 GLU A CD  1 
ATOM   943  O OE1 . GLU A 1 137 ? -4.204  -0.755  11.241  0.50 25.47  ? 116 GLU A OE1 1 
ATOM   944  O OE2 . GLU A 1 137 ? -2.754  -0.267  12.650  0.50 25.41  ? 116 GLU A OE2 1 
ATOM   945  N N   . CYS A 1 138 ? 0.179   1.125   7.832   1.00 14.06  ? 117 CYS A N   1 
ATOM   946  C CA  . CYS A 1 138 ? 1.397   0.391   7.635   1.00 15.32  ? 117 CYS A CA  1 
ATOM   947  C C   . CYS A 1 138 ? 1.984   0.009   8.986   1.00 15.04  ? 117 CYS A C   1 
ATOM   948  O O   . CYS A 1 138 ? 2.220   0.838   9.815   1.00 16.50  ? 117 CYS A O   1 
ATOM   949  C CB  . CYS A 1 138 ? 2.411   1.197   6.882   1.00 16.05  ? 117 CYS A CB  1 
ATOM   950  S SG  . CYS A 1 138 ? 1.826   1.933   5.372   1.00 19.55  ? 117 CYS A SG  1 
ATOM   951  N N   . VAL A 1 139 ? 2.229   -1.273  9.143   1.00 15.44  ? 118 VAL A N   1 
ATOM   952  C CA  . VAL A 1 139 ? 2.674   -1.807  10.387  1.00 15.41  ? 118 VAL A CA  1 
ATOM   953  C C   . VAL A 1 139 ? 3.962   -2.594  10.283  1.00 16.02  ? 118 VAL A C   1 
ATOM   954  O O   . VAL A 1 139 ? 4.065   -3.473  9.521   1.00 15.44  ? 118 VAL A O   1 
ATOM   955  C CB  . VAL A 1 139 ? 1.592   -2.703  11.015  1.00 16.78  ? 118 VAL A CB  1 
ATOM   956  C CG1 . VAL A 1 139 ? 2.105   -3.293  12.280  1.00 19.62  ? 118 VAL A CG1 1 
ATOM   957  C CG2 . VAL A 1 139 ? 0.341   -1.927  11.308  1.00 16.63  ? 118 VAL A CG2 1 
ATOM   958  N N   . MET A 1 140 ? 4.898   -2.266  11.143  1.00 15.90  ? 119 MET A N   1 
ATOM   959  C CA  . MET A 1 140 ? 6.170   -2.975  11.255  1.00 17.88  ? 119 MET A CA  1 
ATOM   960  C C   . MET A 1 140 ? 6.467   -3.141  12.742  1.00 17.04  ? 119 MET A C   1 
ATOM   961  O O   . MET A 1 140 ? 6.738   -2.238  13.410  1.00 17.75  ? 119 MET A O   1 
ATOM   962  C CB  . MET A 1 140 ? 7.300   -2.273  10.519  1.00 16.65  ? 119 MET A CB  1 
ATOM   963  C CG  . MET A 1 140 ? 8.652   -2.926  10.655  1.00 19.30  ? 119 MET A CG  1 
ATOM   964  S SD  . MET A 1 140 ? 8.703   -4.405  9.691   1.00 21.34  ? 119 MET A SD  1 
ATOM   965  C CE  . MET A 1 140 ? 10.284  -5.110  9.971   1.00 18.42  ? 119 MET A CE  1 
ATOM   966  N N   . LYS A 1 141 ? 6.282   -4.347  13.186  0.50 15.23  ? 120 LYS A N   1 
ATOM   967  C CA  . LYS A 1 141 ? 6.482   -4.736  14.555  0.50 15.69  ? 120 LYS A CA  1 
ATOM   968  C C   . LYS A 1 141 ? 5.500   -3.917  15.358  0.50 14.15  ? 120 LYS A C   1 
ATOM   969  O O   . LYS A 1 141 ? 4.329   -4.044  15.191  0.50 15.64  ? 120 LYS A O   1 
ATOM   970  C CB  . LYS A 1 141 ? 7.929   -4.447  14.940  0.50 15.51  ? 120 LYS A CB  1 
ATOM   971  C CG  . LYS A 1 141 ? 8.910   -5.407  14.303  0.50 17.23  ? 120 LYS A CG  1 
ATOM   972  C CD  . LYS A 1 141 ? 10.241  -4.782  14.165  0.50 18.30  ? 120 LYS A CD  1 
ATOM   973  C CE  . LYS A 1 141 ? 11.239  -5.558  14.954  0.50 20.84  ? 120 LYS A CE  1 
ATOM   974  N NZ  . LYS A 1 141 ? 10.773  -6.057  16.267  0.50 22.40  ? 120 LYS A NZ  1 
ATOM   975  N N   . GLY A 1 142 ? 5.993   -3.027  16.173  0.50 14.05  ? 121 GLY A N   1 
ATOM   976  C CA  . GLY A 1 142 ? 5.091   -2.243  16.970  0.50 14.72  ? 121 GLY A CA  1 
ATOM   977  C C   . GLY A 1 142 ? 4.822   -0.856  16.474  0.50 13.82  ? 121 GLY A C   1 
ATOM   978  O O   . GLY A 1 142 ? 4.178   -0.103  17.113  0.50 11.59  ? 121 GLY A O   1 
ATOM   979  N N   . VAL A 1 143 ? 5.340   -0.517  15.325  1.00 16.69  ? 122 VAL A N   1 
ATOM   980  C CA  . VAL A 1 143 ? 5.155   0.790   14.854  1.00 18.18  ? 122 VAL A CA  1 
ATOM   981  C C   . VAL A 1 143 ? 4.118   0.833   13.763  1.00 22.18  ? 122 VAL A C   1 
ATOM   982  O O   . VAL A 1 143 ? 4.210   0.091   12.822  1.00 20.35  ? 122 VAL A O   1 
ATOM   983  C CB  . VAL A 1 143 ? 6.479   1.327   14.325  1.00 19.80  ? 122 VAL A CB  1 
ATOM   984  C CG1 . VAL A 1 143 ? 6.290   2.618   13.581  1.00 18.54  ? 122 VAL A CG1 1 
ATOM   985  C CG2 . VAL A 1 143 ? 7.431   1.454   15.496  1.00 23.48  ? 122 VAL A CG2 1 
ATOM   986  N N   . THR A 1 144 ? 3.151   1.731   13.917  1.00 19.00  ? 123 THR A N   1 
ATOM   987  C CA  . THR A 1 144 ? 2.143   1.948   12.915  1.00 20.53  ? 123 THR A CA  1 
ATOM   988  C C   . THR A 1 144 ? 2.170   3.343   12.300  1.00 22.20  ? 123 THR A C   1 
ATOM   989  O O   . THR A 1 144 ? 2.269   4.314   12.989  1.00 23.08  ? 123 THR A O   1 
ATOM   990  C CB  . THR A 1 144 ? 0.774   1.725   13.492  1.00 22.27  ? 123 THR A CB  1 
ATOM   991  O OG1 . THR A 1 144 ? 0.728   0.429   14.053  1.00 22.84  ? 123 THR A OG1 1 
ATOM   992  C CG2 . THR A 1 144 ? -0.246  1.910   12.446  1.00 21.90  ? 123 THR A CG2 1 
ATOM   993  N N   . SER A 1 145 ? 2.055   3.388   10.991  1.00 16.28  ? 124 SER A N   1 
ATOM   994  C CA  . SER A 1 145 ? 1.870   4.608   10.272  1.00 16.36  ? 124 SER A CA  1 
ATOM   995  C C   . SER A 1 145 ? 0.496   4.678   9.566   1.00 15.94  ? 124 SER A C   1 
ATOM   996  O O   . SER A 1 145 ? 0.096   3.772   8.910   1.00 16.43  ? 124 SER A O   1 
ATOM   997  C CB  . SER A 1 145 ? 2.980   4.815   9.270   1.00 14.68  ? 124 SER A CB  1 
ATOM   998  O OG  . SER A 1 145 ? 2.762   5.946   8.567   1.00 15.13  ? 124 SER A OG  1 
ATOM   999  N N   . THR A 1 146 ? -0.185  5.795   9.711   1.00 14.60  ? 125 THR A N   1 
ATOM   1000 C CA  . THR A 1 146 ? -1.488  5.973   9.078   1.00 14.86  ? 125 THR A CA  1 
ATOM   1001 C C   . THR A 1 146 ? -1.419  6.965   7.934   1.00 15.53  ? 125 THR A C   1 
ATOM   1002 O O   . THR A 1 146 ? -1.044  8.054   8.106   1.00 17.27  ? 125 THR A O   1 
ATOM   1003 C CB  . THR A 1 146 ? -2.552  6.402   10.102  1.00 17.33  ? 125 THR A CB  1 
ATOM   1004 O OG1 . THR A 1 146 ? -2.523  5.516   11.190  1.00 18.74  ? 125 THR A OG1 1 
ATOM   1005 C CG2 . THR A 1 146 ? -3.881  6.346   9.550   1.00 17.66  ? 125 THR A CG2 1 
ATOM   1006 N N   . ARG A 1 147 ? -1.797  6.499   6.775   1.00 13.59  ? 126 ARG A N   1 
ATOM   1007 C CA  . ARG A 1 147 ? -1.799  7.295   5.603   1.00 14.77  ? 126 ARG A CA  1 
ATOM   1008 C C   . ARG A 1 147 ? -3.192  7.378   5.011   1.00 15.13  ? 126 ARG A C   1 
ATOM   1009 O O   . ARG A 1 147 ? -3.762  6.370   4.678   1.00 17.14  ? 126 ARG A O   1 
ATOM   1010 C CB  . ARG A 1 147 ? -0.731  6.865   4.614   1.00 16.46  ? 126 ARG A CB  1 
ATOM   1011 C CG  . ARG A 1 147 ? 0.463   7.753   4.866   1.00 26.77  ? 126 ARG A CG  1 
ATOM   1012 C CD  . ARG A 1 147 ? 1.769   7.141   4.673   1.00 21.05  ? 126 ARG A CD  1 
ATOM   1013 N NE  . ARG A 1 147 ? 2.153   7.205   3.305   1.00 21.12  ? 126 ARG A NE  1 
ATOM   1014 C CZ  . ARG A 1 147 ? 2.796   8.196   2.752   1.00 18.37  ? 126 ARG A CZ  1 
ATOM   1015 N NH1 . ARG A 1 147 ? 3.119   9.245   3.445   1.00 19.68  ? 126 ARG A NH1 1 
ATOM   1016 N NH2 . ARG A 1 147 ? 3.121   8.097   1.521   1.00 19.14  ? 126 ARG A NH2 1 
ATOM   1017 N N   . VAL A 1 148 ? -3.710  8.597   4.923   1.00 13.03  ? 127 VAL A N   1 
ATOM   1018 C CA  . VAL A 1 148 ? -5.088  8.821   4.540   1.00 13.28  ? 127 VAL A CA  1 
ATOM   1019 C C   . VAL A 1 148 ? -5.189  9.388   3.154   1.00 13.74  ? 127 VAL A C   1 
ATOM   1020 O O   . VAL A 1 148 ? -4.595  10.358  2.862   1.00 15.38  ? 127 VAL A O   1 
ATOM   1021 C CB  . VAL A 1 148 ? -5.817  9.741   5.539   1.00 14.86  ? 127 VAL A CB  1 
ATOM   1022 C CG1 . VAL A 1 148 ? -7.267  9.873   5.180   1.00 16.03  ? 127 VAL A CG1 1 
ATOM   1023 C CG2 . VAL A 1 148 ? -5.687  9.199   6.920   1.00 15.49  ? 127 VAL A CG2 1 
ATOM   1024 N N   . TYR A 1 149 ? -5.981  8.730   2.325   1.00 13.02  ? 128 TYR A N   1 
ATOM   1025 C CA  . TYR A 1 149 ? -6.239  9.166   0.978   1.00 13.85  ? 128 TYR A CA  1 
ATOM   1026 C C   . TYR A 1 149 ? -7.724  9.594   0.768   1.00 15.69  ? 128 TYR A C   1 
ATOM   1027 O O   . TYR A 1 149 ? -8.581  9.017   1.340   1.00 14.47  ? 128 TYR A O   1 
ATOM   1028 C CB  . TYR A 1 149 ? -5.952  8.034   -0.002  1.00 13.69  ? 128 TYR A CB  1 
ATOM   1029 C CG  . TYR A 1 149 ? -4.509  7.652   -0.147  1.00 13.60  ? 128 TYR A CG  1 
ATOM   1030 C CD1 . TYR A 1 149 ? -3.883  6.900   0.800   1.00 13.17  ? 128 TYR A CD1 1 
ATOM   1031 C CD2 . TYR A 1 149 ? -3.782  8.038   -1.244  1.00 13.20  ? 128 TYR A CD2 1 
ATOM   1032 C CE1 . TYR A 1 149 ? -2.577  6.534   0.647   1.00 13.88  ? 128 TYR A CE1 1 
ATOM   1033 C CE2 . TYR A 1 149 ? -2.474  7.676   -1.428  1.00 13.03  ? 128 TYR A CE2 1 
ATOM   1034 C CZ  . TYR A 1 149 ? -1.855  6.934   -0.476  1.00 13.73  ? 128 TYR A CZ  1 
ATOM   1035 O OH  . TYR A 1 149 ? -0.562  6.587   -0.608  1.00 15.66  ? 128 TYR A OH  1 
ATOM   1036 N N   . GLU A 1 150 ? -7.964  10.585  -0.085  1.00 16.16  ? 129 GLU A N   1 
ATOM   1037 C CA  . GLU A 1 150 ? -9.290  10.978  -0.547  1.00 17.14  ? 129 GLU A CA  1 
ATOM   1038 C C   . GLU A 1 150 ? -9.349  10.865  -2.057  1.00 18.03  ? 129 GLU A C   1 
ATOM   1039 O O   . GLU A 1 150 ? -8.375  10.791  -2.682  1.00 15.90  ? 129 GLU A O   1 
ATOM   1040 C CB  . GLU A 1 150 ? -9.610  12.422  -0.179  1.00 18.24  ? 129 GLU A CB  1 
ATOM   1041 C CG  . GLU A 1 150 ? -9.445  12.690  1.264   0.50 21.15  ? 129 GLU A CG  1 
ATOM   1042 C CD  . GLU A 1 150 ? -10.001 14.013  1.700   0.50 21.76  ? 129 GLU A CD  1 
ATOM   1043 O OE1 . GLU A 1 150 ? -9.977  14.962  0.902   0.50 22.31  ? 129 GLU A OE1 1 
ATOM   1044 O OE2 . GLU A 1 150 ? -10.476 14.018  2.834   0.50 24.22  ? 129 GLU A OE2 1 
ATOM   1045 N N   . ARG A 1 151 ? -10.546 10.871  -2.618  1.00 20.06  ? 130 ARG A N   1 
ATOM   1046 C CA  . ARG A 1 151 ? -10.675 10.759  -4.045  1.00 19.18  ? 130 ARG A CA  1 
ATOM   1047 C C   . ARG A 1 151 ? -10.061 11.962  -4.767  1.00 22.44  ? 130 ARG A C   1 
ATOM   1048 O O   . ARG A 1 151 ? -10.154 13.059  -4.333  1.00 20.18  ? 130 ARG A O   1 
ATOM   1049 C CB  . ARG A 1 151 ? -12.134 10.572  -4.416  1.00 22.92  ? 130 ARG A CB  1 
ATOM   1050 C CG  . ARG A 1 151 ? -12.686 9.252   -3.954  1.00 24.29  ? 130 ARG A CG  1 
ATOM   1051 C CD  . ARG A 1 151 ? -13.587 8.631   -4.984  1.00 24.92  ? 130 ARG A CD  1 
ATOM   1052 N NE  . ARG A 1 151 ? -14.317 7.468   -4.518  1.00 24.54  ? 130 ARG A NE  1 
ATOM   1053 C CZ  . ARG A 1 151 ? -14.122 6.280   -5.030  1.00 23.05  ? 130 ARG A CZ  1 
ATOM   1054 N NH1 . ARG A 1 151 ? -13.235 6.151   -5.977  1.00 24.24  ? 130 ARG A NH1 1 
ATOM   1055 N NH2 . ARG A 1 151 ? -14.772 5.247   -4.605  1.00 24.20  ? 130 ARG A NH2 1 
ATOM   1056 N N   . ALA A 1 152 ? -9.412  11.715  -5.865  1.00 21.77  ? 131 ALA A N   1 
ATOM   1057 C CA  . ALA A 1 152 ? -8.770  12.780  -6.584  1.00 27.45  ? 131 ALA A CA  1 
ATOM   1058 C C   . ALA A 1 152 ? -9.780  13.643  -7.324  1.00 34.13  ? 131 ALA A C   1 
ATOM   1059 O O   . ALA A 1 152 ? -10.906 13.220  -7.463  1.00 34.95  ? 131 ALA A O   1 
ATOM   1060 C CB  . ALA A 1 152 ? -7.755  12.209  -7.542  1.00 29.97  ? 131 ALA A CB  1 
ATOM   1061 O OXT . ALA A 1 152 ? -9.460  14.746  -7.768  1.00 36.92  ? 131 ALA A OXT 1 
HETATM 1062 O O1  . L96 B 2 .   ? 0.070   4.429   0.690   1.00 16.05  ? 201 L96 A O1  1 
HETATM 1063 C C24 . L96 B 2 .   ? 1.158   4.340   1.276   1.00 19.01  ? 201 L96 A C24 1 
HETATM 1064 O O2  . L96 B 2 .   ? 1.904   5.449   1.415   1.00 22.53  ? 201 L96 A O2  1 
HETATM 1065 C C23 . L96 B 2 .   ? 1.699   2.996   1.739   1.00 16.60  ? 201 L96 A C23 1 
HETATM 1066 C C22 . L96 B 2 .   ? 2.320   2.261   0.539   1.00 15.09  ? 201 L96 A C22 1 
HETATM 1067 N N2  . L96 B 2 .   ? 3.491   2.983   0.032   1.00 14.60  ? 201 L96 A N2  1 
HETATM 1068 C C12 . L96 B 2 .   ? 3.513   3.683   -1.169  1.00 13.87  ? 201 L96 A C12 1 
HETATM 1069 C C5  . L96 B 2 .   ? 4.794   4.325   -1.308  1.00 12.43  ? 201 L96 A C5  1 
HETATM 1070 C C2  . L96 B 2 .   ? 5.228   5.208   -2.481  1.00 11.87  ? 201 L96 A C2  1 
HETATM 1071 C C1  . L96 B 2 .   ? 5.403   4.770   -3.851  1.00 12.28  ? 201 L96 A C1  1 
HETATM 1072 C C   . L96 B 2 .   ? 5.295   3.347   -4.343  1.00 14.30  ? 201 L96 A C   1 
HETATM 1073 N N1  . L96 B 2 .   ? 5.701   5.908   -4.582  1.00 12.66  ? 201 L96 A N1  1 
HETATM 1074 N N   . L96 B 2 .   ? 5.697   7.012   -3.715  1.00 12.60  ? 201 L96 A N   1 
HETATM 1075 C C3  . L96 B 2 .   ? 5.390   6.663   -2.427  1.00 11.82  ? 201 L96 A C3  1 
HETATM 1076 C C4  . L96 B 2 .   ? 5.328   7.566   -1.228  1.00 13.25  ? 201 L96 A C4  1 
HETATM 1077 C C6  . L96 B 2 .   ? 5.594   3.967   -0.143  1.00 13.81  ? 201 L96 A C6  1 
HETATM 1078 C C7  . L96 B 2 .   ? 6.923   4.204   0.201   1.00 14.84  ? 201 L96 A C7  1 
HETATM 1079 C C8  . L96 B 2 .   ? 7.443   3.639   1.333   1.00 14.62  ? 201 L96 A C8  1 
HETATM 1080 C C25 . L96 B 2 .   ? 8.832   4.008   1.776   1.00 17.83  ? 201 L96 A C25 1 
HETATM 1081 C C26 . L96 B 2 .   ? 9.967   3.824   0.774   1.00 16.24  ? 201 L96 A C26 1 
HETATM 1082 C C27 . L96 B 2 .   ? 9.754   2.812   1.945   1.00 18.98  ? 201 L96 A C27 1 
HETATM 1083 C C9  . L96 B 2 .   ? 6.616   2.838   2.165   1.00 16.28  ? 201 L96 A C9  1 
HETATM 1084 C C10 . L96 B 2 .   ? 5.296   2.522   1.805   1.00 16.34  ? 201 L96 A C10 1 
HETATM 1085 C C11 . L96 B 2 .   ? 4.707   3.057   0.650   1.00 14.61  ? 201 L96 A C11 1 
HETATM 1086 C C13 . L96 B 2 .   ? 2.367   3.783   -2.117  1.00 15.26  ? 201 L96 A C13 1 
HETATM 1087 C C14 . L96 B 2 .   ? 1.533   4.893   -2.251  1.00 14.12  ? 201 L96 A C14 1 
HETATM 1088 C C15 . L96 B 2 .   ? 0.495   4.877   -3.232  1.00 13.19  ? 201 L96 A C15 1 
HETATM 1089 C C16 . L96 B 2 .   ? 0.274   3.707   -4.003  1.00 13.24  ? 201 L96 A C16 1 
HETATM 1090 C C17 . L96 B 2 .   ? 1.133   2.599   -3.843  1.00 14.92  ? 201 L96 A C17 1 
HETATM 1091 C C18 . L96 B 2 .   ? 2.160   2.601   -2.895  1.00 13.57  ? 201 L96 A C18 1 
HETATM 1092 O O   . L96 B 2 .   ? 0.923   1.512   -4.697  1.00 15.70  ? 201 L96 A O   1 
HETATM 1093 C C19 . L96 B 2 .   ? 1.829   0.414   -4.803  1.00 14.29  ? 201 L96 A C19 1 
HETATM 1094 C C20 . L96 B 2 .   ? 1.303   -0.722  -3.930  1.00 16.18  ? 201 L96 A C20 1 
HETATM 1095 C C21 . L96 B 2 .   ? 1.865   0.101   -6.315  1.00 13.59  ? 201 L96 A C21 1 
HETATM 1096 P P   . PO4 C 3 .   ? -16.472 12.357  4.502   1.00 44.22  ? 202 PO4 A P   1 
HETATM 1097 O O1  . PO4 C 3 .   ? -17.737 11.557  4.818   1.00 40.08  ? 202 PO4 A O1  1 
HETATM 1098 O O2  . PO4 C 3 .   ? -16.610 13.088  3.147   1.00 41.02  ? 202 PO4 A O2  1 
HETATM 1099 O O3  . PO4 C 3 .   ? -16.386 13.400  5.628   1.00 50.25  ? 202 PO4 A O3  1 
HETATM 1100 O O4  . PO4 C 3 .   ? -15.200 11.413  4.525   1.00 35.28  ? 202 PO4 A O4  1 
HETATM 1101 P P   . PO4 D 3 .   ? 17.335  10.954  12.316  1.00 50.10  ? 203 PO4 A P   1 
HETATM 1102 O O1  . PO4 D 3 .   ? 15.828  11.192  12.074  1.00 49.17  ? 203 PO4 A O1  1 
HETATM 1103 O O2  . PO4 D 3 .   ? 17.568  9.790   13.290  1.00 46.85  ? 203 PO4 A O2  1 
HETATM 1104 O O3  . PO4 D 3 .   ? 17.894  12.285  12.827  1.00 42.96  ? 203 PO4 A O3  1 
HETATM 1105 O O4  . PO4 D 3 .   ? 18.112  10.515  11.077  1.00 43.56  ? 203 PO4 A O4  1 
HETATM 1106 O O   . HOH E 4 .   ? 0.763   -4.587  -13.633 1.00 29.90  ? 301 HOH A O   1 
HETATM 1107 O O   . HOH E 4 .   ? 11.227  10.196  12.730  1.00 43.50  ? 302 HOH A O   1 
HETATM 1108 O O   . HOH E 4 .   ? 14.574  10.588  10.097  1.00 23.38  ? 303 HOH A O   1 
HETATM 1109 O O   . HOH E 4 .   ? -15.322 1.459   7.855   1.00 28.99  ? 304 HOH A O   1 
HETATM 1110 O O   . HOH E 4 .   ? -12.854 11.053  -1.012  1.00 28.01  ? 305 HOH A O   1 
HETATM 1111 O O   . HOH E 4 .   ? 7.884   14.582  -3.077  1.00 16.57  ? 306 HOH A O   1 
HETATM 1112 O O   . HOH E 4 .   ? 0.780   10.617  15.054  1.00 33.16  ? 307 HOH A O   1 
HETATM 1113 O O   . HOH E 4 .   ? 3.338   10.845  15.722  1.00 38.04  ? 308 HOH A O   1 
HETATM 1114 O O   . HOH E 4 .   ? -1.364  -15.255 -8.911  1.00 27.49  ? 309 HOH A O   1 
HETATM 1115 O O   . HOH E 4 .   ? -2.528  15.038  -2.173  1.00 35.77  ? 310 HOH A O   1 
HETATM 1116 O O   . HOH E 4 .   ? 3.963   -1.863  -1.755  1.00 27.85  ? 311 HOH A O   1 
HETATM 1117 O O   . HOH E 4 .   ? -1.454  13.374  -4.613  1.00 30.27  ? 312 HOH A O   1 
HETATM 1118 O O   . HOH E 4 .   ? 9.747   -15.631 -8.446  1.00 28.30  ? 313 HOH A O   1 
HETATM 1119 O O   . HOH E 4 .   ? -8.696  -11.723 -6.939  1.00 16.87  ? 314 HOH A O   1 
HETATM 1120 O O   . HOH E 4 .   ? -1.115  2.490   -0.602  1.00 16.53  ? 315 HOH A O   1 
HETATM 1121 O O   . HOH E 4 .   ? 10.475  13.674  -2.483  1.00 14.86  ? 316 HOH A O   1 
HETATM 1122 O O   . HOH E 4 .   ? 1.045   5.914   15.348  1.00 41.68  ? 317 HOH A O   1 
HETATM 1123 O O   . HOH E 4 .   ? 5.010   10.238  1.298   1.00 19.60  ? 318 HOH A O   1 
HETATM 1124 O O   . HOH E 4 .   ? 1.114   14.611  10.281  1.00 39.86  ? 319 HOH A O   1 
HETATM 1125 O O   . HOH E 4 .   ? 4.811   16.986  0.906   1.00 36.34  ? 320 HOH A O   1 
HETATM 1126 O O   . HOH E 4 .   ? -13.309 13.332  2.674   1.00 42.19  ? 321 HOH A O   1 
HETATM 1127 O O   . HOH E 4 .   ? 10.904  10.742  6.377   1.00 24.77  ? 322 HOH A O   1 
HETATM 1128 O O   . HOH E 4 .   ? 3.761   -8.149  9.137   1.00 32.54  ? 323 HOH A O   1 
HETATM 1129 O O   . HOH E 4 .   ? 2.779   -17.584 -6.429  1.00 25.10  ? 324 HOH A O   1 
HETATM 1130 O O   . HOH E 4 .   ? -13.107 -1.085  3.387   1.00 31.72  ? 325 HOH A O   1 
HETATM 1131 O O   . HOH E 4 .   ? -1.801  -3.869  13.360  1.00 42.46  ? 326 HOH A O   1 
HETATM 1132 O O   . HOH E 4 .   ? 2.948   3.772   15.732  1.00 17.99  ? 327 HOH A O   1 
HETATM 1133 O O   . HOH E 4 .   ? 15.098  -0.407  2.719   1.00 29.89  ? 328 HOH A O   1 
HETATM 1134 O O   . HOH E 4 .   ? -3.481  -3.520  1.542   1.00 13.89  ? 329 HOH A O   1 
HETATM 1135 O O   . HOH E 4 .   ? 0.068   -9.740  9.081   1.00 40.40  ? 330 HOH A O   1 
HETATM 1136 O O   . HOH E 4 .   ? 1.987   -1.562  -0.263  1.00 25.12  ? 331 HOH A O   1 
HETATM 1137 O O   . HOH E 4 .   ? -0.171  14.748  7.224   1.00 33.18  ? 332 HOH A O   1 
HETATM 1138 O O   . HOH E 4 .   ? 3.791   -13.344 1.014   1.00 32.39  ? 333 HOH A O   1 
HETATM 1139 O O   . HOH E 4 .   ? 3.813   12.073  11.969  1.00 37.26  ? 334 HOH A O   1 
HETATM 1140 O O   . HOH E 4 .   ? -9.442  -12.455 -14.228 1.00 26.73  ? 335 HOH A O   1 
HETATM 1141 O O   . HOH E 4 .   ? 5.749   -2.044  -5.261  1.00 29.68  ? 336 HOH A O   1 
HETATM 1142 O O   . HOH E 4 .   ? 6.484   -1.605  2.955   1.00 17.48  ? 337 HOH A O   1 
HETATM 1143 O O   . HOH E 4 .   ? -15.085 2.813   -6.087  1.00 26.87  ? 338 HOH A O   1 
HETATM 1144 O O   . HOH E 4 .   ? -8.282  -6.829  9.135   1.00 53.12  ? 339 HOH A O   1 
HETATM 1145 O O   . HOH E 4 .   ? 5.455   -6.499  11.566  1.00 30.73  ? 340 HOH A O   1 
HETATM 1146 O O   . HOH E 4 .   ? 8.411   -2.589  17.558  1.00 33.90  ? 341 HOH A O   1 
HETATM 1147 O O   . HOH E 4 .   ? 0.562   -11.299 -9.278  1.00 17.19  ? 342 HOH A O   1 
HETATM 1148 O O   . HOH E 4 .   ? -1.999  -11.622 -3.566  1.00 13.27  ? 343 HOH A O   1 
HETATM 1149 O O   . HOH E 4 .   ? -11.698 8.003   -7.636  1.00 22.89  ? 344 HOH A O   1 
HETATM 1150 O O   . HOH E 4 .   ? 9.481   6.211   -10.730 1.00 30.23  ? 345 HOH A O   1 
HETATM 1151 O O   . HOH E 4 .   ? -0.830  5.611   13.471  1.00 32.63  ? 346 HOH A O   1 
HETATM 1152 O O   . HOH E 4 .   ? 10.583  -11.210 -4.549  1.00 30.56  ? 347 HOH A O   1 
HETATM 1153 O O   . HOH E 4 .   ? -11.856 10.651  -8.233  1.00 30.67  ? 348 HOH A O   1 
HETATM 1154 O O   . HOH E 4 .   ? -1.119  -12.791 -7.396  1.00 17.64  ? 349 HOH A O   1 
HETATM 1155 O O   . HOH E 4 .   ? -9.006  -12.850 0.106   1.00 23.87  ? 350 HOH A O   1 
HETATM 1156 O O   . HOH E 4 .   ? -2.657  10.324  8.740   1.00 23.58  ? 351 HOH A O   1 
HETATM 1157 O O   . HOH E 4 .   ? -19.671 5.915   7.274   1.00 25.28  ? 352 HOH A O   1 
HETATM 1158 O O   . HOH E 4 .   ? 1.862   -14.912 -8.755  1.00 28.14  ? 353 HOH A O   1 
HETATM 1159 O O   . HOH E 4 .   ? 20.910  7.529   3.253   1.00 28.10  ? 354 HOH A O   1 
HETATM 1160 O O   . HOH E 4 .   ? -2.583  -11.389 3.096   1.00 21.75  ? 355 HOH A O   1 
HETATM 1161 O O   . HOH E 4 .   ? -6.396  -5.337  -13.074 1.00 17.09  ? 356 HOH A O   1 
HETATM 1162 O O   . HOH E 4 .   ? 10.571  13.596  4.768   1.00 33.36  ? 357 HOH A O   1 
HETATM 1163 O O   . HOH E 4 .   ? -7.297  -3.089  -14.376 1.00 31.80  ? 358 HOH A O   1 
HETATM 1164 O O   . HOH E 4 .   ? 16.518  -7.584  6.182   1.00 51.44  ? 359 HOH A O   1 
HETATM 1165 O O   . HOH E 4 .   ? 4.338   11.096  8.578   1.00 19.87  ? 360 HOH A O   1 
HETATM 1166 O O   . HOH E 4 .   ? -18.353 13.908  7.781   1.00 49.84  ? 361 HOH A O   1 
HETATM 1167 O O   . HOH E 4 .   ? 9.821   -0.413  -7.183  1.00 45.53  ? 362 HOH A O   1 
HETATM 1168 O O   . HOH E 4 .   ? 7.595   -5.105  -8.389  1.00 28.94  ? 363 HOH A O   1 
HETATM 1169 O O   . HOH E 4 .   ? -11.846 -1.183  -12.206 1.00 33.02  ? 364 HOH A O   1 
HETATM 1170 O O   . HOH E 4 .   ? 6.626   0.378   -1.895  1.00 23.63  ? 365 HOH A O   1 
HETATM 1171 O O   . HOH E 4 .   ? 11.468  -14.464 5.085   1.00 45.86  ? 366 HOH A O   1 
HETATM 1172 O O   . HOH E 4 .   ? 10.732  3.383   14.620  1.00 38.44  ? 367 HOH A O   1 
HETATM 1173 O O   . HOH E 4 .   ? 18.884  5.958   1.623   1.00 23.69  ? 368 HOH A O   1 
HETATM 1174 O O   . HOH E 4 .   ? -4.627  0.558   -11.255 1.00 24.45  ? 369 HOH A O   1 
HETATM 1175 O O   . HOH E 4 .   ? 5.336   11.433  5.292   1.00 39.43  ? 370 HOH A O   1 
HETATM 1176 O O   . HOH E 4 .   ? -7.997  -3.315  -17.260 1.00 25.39  ? 371 HOH A O   1 
HETATM 1177 O O   . HOH E 4 .   ? 7.779   14.998  5.149   1.00 36.72  ? 372 HOH A O   1 
HETATM 1178 O O   . HOH E 4 .   ? 15.804  -7.032  -0.587  1.00 37.79  ? 373 HOH A O   1 
HETATM 1179 O O   . HOH E 4 .   ? 6.739   11.107  9.287   1.00 25.30  ? 374 HOH A O   1 
HETATM 1180 O O   . HOH E 4 .   ? 17.051  2.244   1.897   1.00 31.37  ? 375 HOH A O   1 
HETATM 1181 O O   . HOH E 4 .   ? 5.035   -18.560 -4.692  1.00 32.30  ? 376 HOH A O   1 
HETATM 1182 O O   . HOH E 4 .   ? -11.081 -7.002  9.077   1.00 42.40  ? 377 HOH A O   1 
HETATM 1183 O O   . HOH E 4 .   ? 6.008   -3.382  -7.830  1.00 38.50  ? 378 HOH A O   1 
HETATM 1184 O O   . HOH E 4 .   ? 9.228   -8.516  11.237  1.00 29.39  ? 379 HOH A O   1 
HETATM 1185 O O   . HOH E 4 .   ? 5.204   10.905  -11.658 1.00 39.78  ? 380 HOH A O   1 
HETATM 1186 O O   . HOH E 4 .   ? 9.300   9.552   -9.893  1.00 32.96  ? 381 HOH A O   1 
HETATM 1187 O O   . HOH E 4 .   ? 19.703  1.146   5.002   1.00 49.48  ? 382 HOH A O   1 
HETATM 1188 O O   . HOH E 4 .   ? 6.007   -0.906  -0.286  1.00 28.90  ? 383 HOH A O   1 
HETATM 1189 O O   . HOH E 4 .   ? -12.062 -12.698 -0.252  1.00 33.65  ? 384 HOH A O   1 
HETATM 1190 O O   . HOH E 4 .   ? 5.657   16.245  4.593   1.00 45.43  ? 385 HOH A O   1 
HETATM 1191 O O   . HOH E 4 .   ? 7.700   11.415  6.784   1.00 31.22  ? 386 HOH A O   1 
# 
